data_7VN3
#
_entry.id   7VN3
#
_cell.length_a   102.656
_cell.length_b   92.905
_cell.length_c   111.935
_cell.angle_alpha   90.000
_cell.angle_beta   100.333
_cell.angle_gamma   90.000
#
_symmetry.space_group_name_H-M   'P 1 21 1'
#
loop_
_entity.id
_entity.type
_entity.pdbx_description
1 polymer 'Maltodextrin-binding protein,Protein BRASSINAZOLE-RESISTANT 1'
2 polymer "DNA (5'-D(*TP*TP*CP*AP*CP*AP*CP*GP*TP*GP*TP*GP*AP*AP*A)-3')"
3 branched alpha-D-glucopyranose-(1-4)-alpha-D-glucopyranose
4 non-polymer 1,2-ETHANEDIOL
5 water water
#
loop_
_entity_poly.entity_id
_entity_poly.type
_entity_poly.pdbx_seq_one_letter_code
_entity_poly.pdbx_strand_id
1 'polypeptide(L)'
;MKIEEGKLVIWINGDKGYNGLAEVGKKFEKDTGIKVTVEHPDKLEEKFPQVAATGDGPDIIFWAHDRFGGYAQSGLLAEI
TPAAAFQDKLYPFTWDAVRYNGKLIAYPIAVEALSLIYNKDLLPNPPKTWEEIPALDKELKAKGKSALMFNLQEPYFTWP
LIAADGGYAFKYAAGKYDIKDVGVDNAGAKAGLTFLVDLIKNKHMNADTDYSIAEAAFNKGETAMTINGPWAWSNIDTSA
VNYGVTVLPTFKGQPSKPFVGVLSAGINAASPNKELAKEFLENYLLTDEGLEAVNKDKPLGAVALKSYEEELAKDPRIAA
TMENAQKGEIMPNIPQMSAFWYAVRTAVINAASGRQTVDAALAAAQTNAARRKPSWRERENNRRRERRRRAVAAKIYTGL
RAQGDYNLPKHCDNNEVLKALCVEAGWVVEEDGTTYRKG
;
C,D,A,B
2 'polydeoxyribonucleotide' (DT)(DT)(DC)(DA)(DC)(DA)(DC)(DG)(DT)(DG)(DT)(DG)(DA)(DA)(DA) G,H,E,F
#
loop_
_chem_comp.id
_chem_comp.type
_chem_comp.name
_chem_comp.formula
DA DNA linking 2'-DEOXYADENOSINE-5'-MONOPHOSPHATE 'C10 H14 N5 O6 P'
DC DNA linking 2'-DEOXYCYTIDINE-5'-MONOPHOSPHATE 'C9 H14 N3 O7 P'
DG DNA linking 2'-DEOXYGUANOSINE-5'-MONOPHOSPHATE 'C10 H14 N5 O7 P'
DT DNA linking THYMIDINE-5'-MONOPHOSPHATE 'C10 H15 N2 O8 P'
EDO non-polymer 1,2-ETHANEDIOL 'C2 H6 O2'
GLC D-saccharide, alpha linking alpha-D-glucopyranose 'C6 H12 O6'
#
# COMPACT_ATOMS: atom_id res chain seq x y z
N MET A 1 33.50 27.69 -1.37
CA MET A 1 34.51 28.32 -0.54
C MET A 1 35.87 27.67 -0.71
N LYS A 2 36.91 28.50 -0.76
CA LYS A 2 38.28 28.03 -0.60
C LYS A 2 38.77 28.43 0.79
N ILE A 3 39.75 27.68 1.27
CA ILE A 3 40.35 27.95 2.56
C ILE A 3 41.52 28.90 2.38
N GLU A 4 41.54 29.98 3.15
CA GLU A 4 42.55 31.01 3.03
C GLU A 4 43.65 30.81 4.08
N GLU A 5 44.89 31.10 3.69
CA GLU A 5 45.99 31.07 4.64
C GLU A 5 45.71 32.01 5.80
N GLY A 6 45.94 31.51 7.02
CA GLY A 6 45.77 32.31 8.21
C GLY A 6 44.41 32.27 8.85
N LYS A 7 43.45 31.56 8.26
CA LYS A 7 42.13 31.35 8.84
C LYS A 7 41.82 29.86 8.83
N LEU A 8 40.92 29.45 9.73
CA LEU A 8 40.46 28.07 9.80
C LEU A 8 38.94 28.03 9.66
N VAL A 9 38.45 27.19 8.75
CA VAL A 9 37.03 26.94 8.59
C VAL A 9 36.77 25.47 8.87
N ILE A 10 35.79 25.19 9.72
CA ILE A 10 35.48 23.83 10.16
C ILE A 10 34.07 23.47 9.76
N TRP A 11 33.87 22.23 9.32
CA TRP A 11 32.56 21.66 9.05
C TRP A 11 32.29 20.56 10.06
N ILE A 12 31.13 20.61 10.71
CA ILE A 12 30.70 19.57 11.64
C ILE A 12 29.19 19.46 11.56
N ASN A 13 28.67 18.27 11.85
CA ASN A 13 27.26 18.05 11.64
C ASN A 13 26.42 18.84 12.64
N GLY A 14 25.21 19.19 12.21
CA GLY A 14 24.30 20.04 12.98
C GLY A 14 23.74 19.42 14.25
N ASP A 15 23.90 18.12 14.45
CA ASP A 15 23.47 17.52 15.71
C ASP A 15 24.57 17.48 16.75
N LYS A 16 25.79 17.91 16.41
CA LYS A 16 26.91 17.97 17.35
C LYS A 16 27.00 19.37 17.96
N GLY A 17 27.91 19.52 18.92
CA GLY A 17 28.05 20.76 19.66
C GLY A 17 28.90 21.79 18.95
N TYR A 18 28.41 22.30 17.82
CA TYR A 18 29.19 23.25 17.03
C TYR A 18 29.36 24.58 17.77
N ASN A 19 28.44 24.91 18.66
CA ASN A 19 28.61 26.12 19.46
C ASN A 19 29.74 25.96 20.47
N GLY A 20 29.85 24.79 21.09
CA GLY A 20 30.99 24.53 21.95
C GLY A 20 32.31 24.53 21.18
N LEU A 21 32.33 23.88 20.01
CA LEU A 21 33.54 23.88 19.20
C LEU A 21 33.92 25.29 18.79
N ALA A 22 32.93 26.15 18.52
CA ALA A 22 33.24 27.53 18.16
C ALA A 22 33.92 28.26 19.30
N GLU A 23 33.57 27.93 20.54
CA GLU A 23 34.25 28.53 21.69
C GLU A 23 35.72 28.10 21.75
N VAL A 24 35.98 26.80 21.50
CA VAL A 24 37.37 26.37 21.37
C VAL A 24 38.08 27.16 20.29
N GLY A 25 37.40 27.36 19.15
CA GLY A 25 37.98 28.19 18.11
C GLY A 25 38.27 29.60 18.58
N LYS A 26 37.40 30.14 19.44
CA LYS A 26 37.61 31.51 19.91
C LYS A 26 38.81 31.60 20.85
N LYS A 27 39.10 30.53 21.60
CA LYS A 27 40.32 30.52 22.40
C LYS A 27 41.55 30.45 21.52
N PHE A 28 41.55 29.52 20.56
CA PHE A 28 42.65 29.40 19.61
C PHE A 28 42.98 30.75 18.97
N GLU A 29 41.95 31.49 18.57
CA GLU A 29 42.16 32.82 18.02
C GLU A 29 42.75 33.78 19.04
N LYS A 30 42.41 33.60 20.32
CA LYS A 30 42.94 34.47 21.37
C LYS A 30 44.43 34.26 21.59
N ASP A 31 44.88 33.01 21.50
CA ASP A 31 46.27 32.67 21.80
C ASP A 31 47.20 32.88 20.60
N THR A 32 46.72 32.59 19.39
CA THR A 32 47.55 32.66 18.19
C THR A 32 47.10 33.71 17.18
N GLY A 33 45.90 34.29 17.33
CA GLY A 33 45.43 35.30 16.42
C GLY A 33 44.85 34.78 15.11
N ILE A 34 44.55 33.49 15.03
CA ILE A 34 43.98 32.88 13.82
C ILE A 34 42.48 32.73 14.04
N LYS A 35 41.69 33.31 13.13
CA LYS A 35 40.24 33.18 13.26
C LYS A 35 39.79 31.77 12.89
N VAL A 36 38.83 31.27 13.65
CA VAL A 36 38.27 29.93 13.43
C VAL A 36 36.77 30.08 13.25
N THR A 37 36.26 29.61 12.12
CA THR A 37 34.84 29.66 11.80
C THR A 37 34.30 28.23 11.75
N VAL A 38 33.19 27.99 12.46
CA VAL A 38 32.56 26.68 12.50
C VAL A 38 31.20 26.78 11.80
N GLU A 39 30.98 25.90 10.83
CA GLU A 39 29.74 25.85 10.07
C GLU A 39 29.20 24.43 10.15
N HIS A 40 27.88 24.28 10.00
CA HIS A 40 27.23 22.98 10.04
C HIS A 40 26.27 22.86 8.86
N PRO A 41 26.79 22.79 7.64
CA PRO A 41 25.93 22.72 6.46
C PRO A 41 25.27 21.36 6.35
N ASP A 42 24.15 21.33 5.63
CA ASP A 42 23.45 20.08 5.39
C ASP A 42 24.26 19.17 4.48
N LYS A 43 24.10 17.86 4.68
CA LYS A 43 24.70 16.86 3.79
C LYS A 43 26.19 17.12 3.61
N LEU A 44 26.85 17.53 4.69
CA LEU A 44 28.26 17.88 4.58
C LEU A 44 29.11 16.67 4.19
N GLU A 45 28.73 15.48 4.64
CA GLU A 45 29.51 14.29 4.31
C GLU A 45 29.44 13.97 2.82
N GLU A 46 28.42 14.47 2.11
CA GLU A 46 28.37 14.36 0.66
C GLU A 46 28.95 15.59 -0.04
N LYS A 47 28.81 16.77 0.56
CA LYS A 47 29.34 17.97 -0.07
C LYS A 47 30.87 17.96 -0.09
N PHE A 48 31.49 17.47 0.98
CA PHE A 48 32.94 17.53 1.08
C PHE A 48 33.64 16.85 -0.09
N PRO A 49 33.34 15.60 -0.43
CA PRO A 49 34.05 14.97 -1.56
C PRO A 49 33.82 15.67 -2.89
N GLN A 50 32.70 16.37 -3.05
CA GLN A 50 32.47 17.10 -4.30
C GLN A 50 33.38 18.31 -4.40
N VAL A 51 33.48 19.10 -3.34
CA VAL A 51 34.23 20.35 -3.41
C VAL A 51 35.73 20.09 -3.25
N ALA A 52 36.11 19.22 -2.31
CA ALA A 52 37.52 19.03 -2.01
C ALA A 52 38.30 18.41 -3.15
N ALA A 53 37.62 17.82 -4.14
CA ALA A 53 38.34 17.26 -5.28
C ALA A 53 39.10 18.33 -6.04
N THR A 54 38.64 19.58 -5.97
CA THR A 54 39.28 20.69 -6.67
C THR A 54 39.98 21.65 -5.71
N GLY A 55 40.19 21.25 -4.46
CA GLY A 55 40.85 22.10 -3.49
C GLY A 55 39.96 23.04 -2.72
N ASP A 56 38.64 22.95 -2.90
CA ASP A 56 37.70 23.75 -2.13
C ASP A 56 37.37 23.00 -0.83
N GLY A 57 36.31 23.43 -0.15
CA GLY A 57 35.91 22.80 1.09
C GLY A 57 36.60 23.42 2.29
N PRO A 58 36.30 22.91 3.48
CA PRO A 58 36.86 23.50 4.70
C PRO A 58 38.28 23.03 4.95
N ASP A 59 38.93 23.71 5.91
CA ASP A 59 40.22 23.24 6.40
C ASP A 59 40.06 21.90 7.13
N ILE A 60 39.04 21.80 7.98
CA ILE A 60 38.81 20.63 8.80
C ILE A 60 37.37 20.18 8.63
N ILE A 61 37.17 18.85 8.53
CA ILE A 61 35.83 18.27 8.43
C ILE A 61 35.67 17.23 9.52
N PHE A 62 34.55 17.30 10.24
CA PHE A 62 34.18 16.34 11.27
C PHE A 62 33.10 15.42 10.74
N TRP A 63 33.29 14.11 10.91
CA TRP A 63 32.25 13.11 10.65
C TRP A 63 32.68 11.81 11.32
N ALA A 64 31.73 10.88 11.41
CA ALA A 64 32.09 9.53 11.84
C ALA A 64 33.15 8.95 10.89
N HIS A 65 33.97 8.04 11.43
CA HIS A 65 35.13 7.56 10.69
C HIS A 65 34.76 6.77 9.44
N ASP A 66 33.52 6.32 9.29
CA ASP A 66 33.22 5.40 8.18
C ASP A 66 33.35 6.07 6.82
N ARG A 67 33.18 7.39 6.74
N ARG A 67 33.17 7.40 6.73
CA ARG A 67 33.27 8.10 5.47
CA ARG A 67 33.27 8.06 5.43
C ARG A 67 34.69 8.45 5.07
C ARG A 67 34.70 8.44 5.06
N PHE A 68 35.66 8.39 5.99
CA PHE A 68 36.97 8.95 5.71
C PHE A 68 37.80 8.09 4.76
N GLY A 69 37.59 6.78 4.74
CA GLY A 69 38.34 5.94 3.82
C GLY A 69 38.10 6.31 2.37
N GLY A 70 36.84 6.56 2.01
CA GLY A 70 36.55 7.03 0.67
C GLY A 70 37.18 8.37 0.38
N TYR A 71 37.18 9.27 1.37
CA TYR A 71 37.86 10.56 1.21
C TYR A 71 39.34 10.36 0.95
N ALA A 72 39.99 9.47 1.73
CA ALA A 72 41.42 9.26 1.57
C ALA A 72 41.74 8.63 0.22
N GLN A 73 40.95 7.62 -0.18
CA GLN A 73 41.14 7.02 -1.49
C GLN A 73 41.03 8.04 -2.60
N SER A 74 40.20 9.06 -2.42
CA SER A 74 40.06 10.13 -3.41
C SER A 74 41.13 11.20 -3.28
N GLY A 75 42.03 11.07 -2.31
CA GLY A 75 43.09 12.04 -2.14
C GLY A 75 42.68 13.36 -1.50
N LEU A 76 41.63 13.35 -0.68
CA LEU A 76 41.05 14.58 -0.16
C LEU A 76 41.58 14.97 1.22
N LEU A 77 42.31 14.10 1.89
CA LEU A 77 42.73 14.31 3.27
C LEU A 77 44.25 14.33 3.37
N ALA A 78 44.77 15.19 4.23
CA ALA A 78 46.17 15.13 4.58
C ALA A 78 46.43 13.94 5.48
N GLU A 79 47.62 13.36 5.36
CA GLU A 79 48.02 12.34 6.31
C GLU A 79 48.29 12.98 7.66
N ILE A 80 47.77 12.36 8.72
CA ILE A 80 47.94 12.85 10.08
C ILE A 80 49.26 12.33 10.63
N THR A 81 50.06 13.24 11.18
CA THR A 81 51.43 12.96 11.60
C THR A 81 51.65 13.33 13.07
N PRO A 82 50.85 12.79 13.98
CA PRO A 82 51.06 13.08 15.40
C PRO A 82 52.29 12.35 15.92
N ALA A 83 53.11 13.07 16.69
CA ALA A 83 54.21 12.41 17.37
C ALA A 83 53.69 11.25 18.19
N ALA A 84 54.53 10.24 18.39
CA ALA A 84 54.12 9.09 19.18
C ALA A 84 53.61 9.53 20.54
N ALA A 85 54.24 10.56 21.14
CA ALA A 85 53.80 11.05 22.43
C ALA A 85 52.31 11.39 22.43
N PHE A 86 51.84 12.03 21.37
CA PHE A 86 50.44 12.41 21.32
C PHE A 86 49.53 11.21 21.05
N GLN A 87 49.95 10.32 20.16
CA GLN A 87 49.14 9.12 19.88
C GLN A 87 48.85 8.35 21.15
N ASP A 88 49.82 8.29 22.07
CA ASP A 88 49.63 7.56 23.33
C ASP A 88 48.57 8.18 24.23
N LYS A 89 48.15 9.42 23.96
CA LYS A 89 47.11 10.07 24.75
C LYS A 89 45.71 9.63 24.38
N LEU A 90 45.55 8.94 23.26
CA LEU A 90 44.26 8.47 22.79
C LEU A 90 44.22 6.96 22.79
N TYR A 91 43.02 6.40 22.94
CA TYR A 91 42.88 4.95 23.00
C TYR A 91 43.33 4.33 21.68
N PRO A 92 44.16 3.29 21.71
CA PRO A 92 44.63 2.68 20.46
C PRO A 92 43.52 2.37 19.47
N PHE A 93 42.39 1.81 19.92
CA PHE A 93 41.37 1.38 18.98
C PHE A 93 40.73 2.55 18.26
N THR A 94 40.78 3.76 18.84
CA THR A 94 40.26 4.92 18.12
C THR A 94 41.19 5.32 16.98
N TRP A 95 42.51 5.13 17.15
CA TRP A 95 43.42 5.32 16.03
C TRP A 95 43.17 4.29 14.95
N ASP A 96 42.87 3.04 15.32
CA ASP A 96 42.55 2.02 14.33
C ASP A 96 41.40 2.47 13.45
N ALA A 97 40.41 3.12 14.04
CA ALA A 97 39.23 3.52 13.27
C ALA A 97 39.59 4.50 12.16
N VAL A 98 40.66 5.27 12.33
CA VAL A 98 41.05 6.27 11.36
C VAL A 98 42.35 5.87 10.65
N ARG A 99 42.70 4.59 10.67
CA ARG A 99 43.83 4.09 9.90
C ARG A 99 43.32 3.51 8.59
N TYR A 100 43.94 3.90 7.49
CA TYR A 100 43.53 3.45 6.16
C TYR A 100 44.77 3.26 5.30
N ASN A 101 44.88 2.09 4.68
CA ASN A 101 46.08 1.73 3.91
C ASN A 101 47.33 2.02 4.72
N GLY A 102 47.29 1.72 6.02
CA GLY A 102 48.43 1.86 6.89
C GLY A 102 48.72 3.26 7.37
N LYS A 103 47.99 4.27 6.91
CA LYS A 103 48.21 5.65 7.32
C LYS A 103 47.03 6.17 8.13
N LEU A 104 47.34 7.08 9.04
CA LEU A 104 46.31 7.77 9.82
C LEU A 104 45.77 8.93 8.99
N ILE A 105 44.45 9.00 8.85
CA ILE A 105 43.82 9.97 7.95
C ILE A 105 42.89 10.92 8.69
N ALA A 106 42.91 10.92 10.02
CA ALA A 106 42.07 11.83 10.78
C ALA A 106 42.42 11.71 12.25
N TYR A 107 42.00 12.71 13.01
CA TYR A 107 42.10 12.65 14.46
C TYR A 107 40.81 12.09 15.03
N PRO A 108 40.86 10.98 15.76
CA PRO A 108 39.63 10.51 16.41
C PRO A 108 39.26 11.40 17.58
N ILE A 109 37.96 11.70 17.69
CA ILE A 109 37.46 12.60 18.73
C ILE A 109 36.69 11.83 19.79
N ALA A 110 35.64 11.11 19.40
CA ALA A 110 34.78 10.47 20.39
C ALA A 110 34.15 9.23 19.78
N VAL A 111 33.79 8.28 20.66
CA VAL A 111 33.16 7.02 20.25
C VAL A 111 31.65 7.16 20.46
N GLU A 112 30.89 6.84 19.42
CA GLU A 112 29.44 7.02 19.43
C GLU A 112 28.75 5.67 19.24
N ALA A 113 27.78 5.39 20.10
CA ALA A 113 26.93 4.22 19.92
C ALA A 113 25.50 4.58 20.32
N LEU A 114 24.53 4.06 19.58
CA LEU A 114 23.13 4.26 19.91
C LEU A 114 22.75 3.47 21.16
N SER A 115 21.83 4.04 21.93
CA SER A 115 21.30 3.41 23.13
C SER A 115 19.78 3.53 23.13
N LEU A 116 19.14 2.80 24.02
CA LEU A 116 17.71 2.95 24.26
C LEU A 116 17.51 4.06 25.29
N ILE A 117 16.76 5.09 24.91
CA ILE A 117 16.42 6.19 25.80
C ILE A 117 14.93 6.10 26.10
N TYR A 118 14.58 6.12 27.39
CA TYR A 118 13.21 5.90 27.80
C TYR A 118 12.78 6.91 28.85
N ASN A 119 11.49 7.24 28.82
CA ASN A 119 10.89 8.16 29.78
C ASN A 119 10.59 7.39 31.07
N LYS A 120 11.32 7.72 32.13
CA LYS A 120 11.18 6.96 33.38
C LYS A 120 9.77 7.05 33.95
N ASP A 121 9.10 8.19 33.77
CA ASP A 121 7.78 8.38 34.36
C ASP A 121 6.69 7.66 33.60
N LEU A 122 6.84 7.52 32.29
CA LEU A 122 5.87 6.77 31.49
C LEU A 122 6.15 5.28 31.49
N LEU A 123 7.39 4.88 31.78
CA LEU A 123 7.83 3.50 31.59
C LEU A 123 8.96 3.21 32.57
N PRO A 124 8.63 2.94 33.83
CA PRO A 124 9.69 2.73 34.83
C PRO A 124 10.56 1.54 34.53
N ASN A 125 10.04 0.51 33.87
CA ASN A 125 10.78 -0.71 33.57
C ASN A 125 10.84 -0.88 32.05
N PRO A 126 11.89 -0.41 31.41
CA PRO A 126 11.93 -0.45 29.95
C PRO A 126 11.95 -1.88 29.46
N PRO A 127 11.44 -2.13 28.26
CA PRO A 127 11.40 -3.50 27.74
C PRO A 127 12.80 -4.02 27.46
N LYS A 128 12.98 -5.32 27.68
CA LYS A 128 14.25 -5.98 27.41
C LYS A 128 14.33 -6.56 26.01
N THR A 129 13.19 -6.76 25.34
CA THR A 129 13.14 -7.35 24.02
C THR A 129 12.32 -6.48 23.08
N TRP A 130 12.68 -6.51 21.79
CA TRP A 130 11.83 -5.90 20.79
C TRP A 130 10.46 -6.56 20.76
N GLU A 131 10.43 -7.88 20.96
CA GLU A 131 9.20 -8.66 20.76
C GLU A 131 8.06 -8.17 21.64
N GLU A 132 8.36 -7.55 22.78
CA GLU A 132 7.33 -7.11 23.70
C GLU A 132 6.91 -5.66 23.47
N ILE A 133 7.45 -5.02 22.44
CA ILE A 133 7.15 -3.61 22.15
C ILE A 133 5.72 -3.46 21.63
N PRO A 134 5.27 -4.32 20.70
CA PRO A 134 3.88 -4.20 20.24
C PRO A 134 2.86 -4.25 21.37
N ALA A 135 3.01 -5.20 22.30
CA ALA A 135 2.09 -5.25 23.43
C ALA A 135 2.22 -4.00 24.30
N LEU A 136 3.46 -3.57 24.55
CA LEU A 136 3.67 -2.36 25.34
C LEU A 136 3.05 -1.15 24.68
N ASP A 137 3.11 -1.07 23.35
CA ASP A 137 2.50 0.05 22.63
C ASP A 137 0.98 -0.01 22.73
N LYS A 138 0.40 -1.21 22.71
CA LYS A 138 -1.05 -1.32 22.86
C LYS A 138 -1.51 -0.74 24.20
N GLU A 139 -0.74 -0.98 25.26
CA GLU A 139 -1.05 -0.35 26.55
C GLU A 139 -1.01 1.16 26.43
N LEU A 140 0.14 1.68 26.02
CA LEU A 140 0.34 3.10 25.93
C LEU A 140 -0.62 3.84 25.04
N LYS A 141 -1.08 3.21 23.98
CA LYS A 141 -2.02 3.89 23.14
C LYS A 141 -3.32 4.19 23.91
N ALA A 142 -3.77 3.27 24.72
CA ALA A 142 -4.96 3.47 25.50
C ALA A 142 -4.85 4.71 26.37
N LYS A 143 -3.64 5.27 26.49
CA LYS A 143 -3.45 6.49 27.25
C LYS A 143 -3.07 7.67 26.37
N GLY A 144 -3.18 7.53 25.05
CA GLY A 144 -2.82 8.60 24.14
C GLY A 144 -1.35 8.73 23.85
N LYS A 145 -0.56 7.69 24.11
CA LYS A 145 0.88 7.69 23.87
C LYS A 145 1.24 6.57 22.91
N SER A 146 2.52 6.55 22.52
CA SER A 146 3.10 5.47 21.76
C SER A 146 4.29 4.91 22.53
N ALA A 147 4.74 3.72 22.12
CA ALA A 147 5.82 3.07 22.84
C ALA A 147 7.18 3.57 22.36
N LEU A 148 7.37 3.64 21.05
CA LEU A 148 8.70 3.84 20.49
C LEU A 148 8.62 4.69 19.23
N MET A 149 9.54 5.64 19.12
CA MET A 149 9.67 6.45 17.91
C MET A 149 11.14 6.81 17.73
N PHE A 150 11.69 6.48 16.56
CA PHE A 150 13.06 6.83 16.24
C PHE A 150 13.16 7.09 14.74
N ASN A 151 14.34 7.56 14.31
CA ASN A 151 14.54 7.95 12.92
C ASN A 151 14.49 6.74 12.00
N LEU A 152 13.52 6.72 11.09
CA LEU A 152 13.43 5.66 10.09
C LEU A 152 13.93 6.10 8.72
N GLN A 153 14.42 7.34 8.59
CA GLN A 153 14.94 7.82 7.32
C GLN A 153 16.45 7.62 7.18
N GLU A 154 17.16 7.35 8.26
CA GLU A 154 18.58 7.07 8.20
C GLU A 154 18.83 5.64 8.68
N PRO A 155 19.39 4.76 7.84
CA PRO A 155 19.53 3.35 8.24
C PRO A 155 20.37 3.15 9.49
N TYR A 156 21.19 4.13 9.87
CA TYR A 156 21.99 4.04 11.09
C TYR A 156 21.15 3.60 12.29
N PHE A 157 19.90 4.07 12.36
CA PHE A 157 19.05 3.85 13.52
C PHE A 157 18.34 2.50 13.49
N THR A 158 18.14 1.92 12.30
CA THR A 158 17.54 0.60 12.19
C THR A 158 18.57 -0.51 12.13
N TRP A 159 19.81 -0.20 11.76
CA TRP A 159 20.84 -1.23 11.67
C TRP A 159 20.98 -2.08 12.92
N PRO A 160 20.88 -1.54 14.14
CA PRO A 160 21.03 -2.41 15.31
C PRO A 160 20.08 -3.60 15.29
N LEU A 161 18.84 -3.38 14.83
CA LEU A 161 17.86 -4.47 14.76
C LEU A 161 18.14 -5.39 13.58
N ILE A 162 18.55 -4.82 12.44
CA ILE A 162 18.90 -5.65 11.29
C ILE A 162 20.07 -6.56 11.62
N ALA A 163 21.07 -6.03 12.33
CA ALA A 163 22.25 -6.83 12.66
C ALA A 163 21.99 -7.87 13.74
N ALA A 164 20.94 -7.68 14.54
CA ALA A 164 20.78 -8.46 15.78
C ALA A 164 20.80 -9.96 15.50
N ASP A 165 19.95 -10.41 14.58
CA ASP A 165 19.82 -11.85 14.31
C ASP A 165 20.74 -12.31 13.18
N GLY A 166 21.63 -11.46 12.69
CA GLY A 166 22.63 -11.96 11.77
C GLY A 166 23.01 -11.10 10.59
N GLY A 167 22.26 -10.02 10.34
CA GLY A 167 22.63 -9.14 9.26
C GLY A 167 24.01 -8.55 9.47
N TYR A 168 24.71 -8.32 8.37
CA TYR A 168 26.03 -7.71 8.41
C TYR A 168 26.32 -6.90 7.15
N ALA A 169 27.31 -6.03 7.20
CA ALA A 169 27.61 -5.22 6.05
C ALA A 169 28.62 -5.93 5.19
N PHE A 170 29.86 -5.92 5.58
CA PHE A 170 30.89 -6.59 4.83
C PHE A 170 31.57 -7.58 5.76
N LYS A 171 31.74 -8.79 5.31
CA LYS A 171 32.35 -9.81 6.15
C LYS A 171 33.84 -9.53 6.29
N TYR A 172 34.32 -9.64 7.53
CA TYR A 172 35.74 -9.51 7.83
C TYR A 172 36.37 -10.89 7.87
N ALA A 173 37.45 -11.06 7.10
CA ALA A 173 38.13 -12.35 7.04
C ALA A 173 39.59 -12.12 6.65
N ALA A 174 40.50 -12.83 7.31
CA ALA A 174 41.92 -12.75 7.00
C ALA A 174 42.41 -11.29 7.04
N GLY A 175 41.96 -10.56 8.05
CA GLY A 175 42.48 -9.22 8.28
C GLY A 175 42.03 -8.17 7.30
N LYS A 176 40.85 -8.32 6.69
CA LYS A 176 40.36 -7.32 5.76
C LYS A 176 38.89 -7.60 5.46
N TYR A 177 38.18 -6.57 5.04
CA TYR A 177 36.78 -6.69 4.67
C TYR A 177 36.66 -7.15 3.23
N ASP A 178 35.77 -8.12 2.99
CA ASP A 178 35.51 -8.63 1.66
C ASP A 178 34.37 -7.81 1.06
N ILE A 179 34.70 -6.95 0.09
CA ILE A 179 33.70 -6.05 -0.46
C ILE A 179 32.65 -6.77 -1.29
N LYS A 180 32.87 -8.04 -1.62
CA LYS A 180 31.88 -8.84 -2.35
C LYS A 180 31.08 -9.76 -1.43
N ASP A 181 31.35 -9.73 -0.12
CA ASP A 181 30.64 -10.57 0.84
C ASP A 181 29.76 -9.64 1.69
N VAL A 182 28.55 -9.39 1.20
CA VAL A 182 27.61 -8.47 1.84
C VAL A 182 26.53 -9.29 2.54
N GLY A 183 26.14 -8.85 3.73
CA GLY A 183 25.19 -9.62 4.52
C GLY A 183 23.89 -8.90 4.81
N VAL A 184 23.43 -8.07 3.88
CA VAL A 184 22.17 -7.34 4.06
C VAL A 184 20.98 -8.15 3.61
N ASP A 185 21.19 -9.35 3.06
CA ASP A 185 20.12 -10.14 2.46
C ASP A 185 19.97 -11.52 3.10
N ASN A 186 20.69 -11.80 4.20
CA ASN A 186 20.58 -13.12 4.81
C ASN A 186 19.36 -13.19 5.73
N ALA A 187 19.17 -14.35 6.36
CA ALA A 187 17.97 -14.58 7.16
C ALA A 187 17.89 -13.61 8.33
N GLY A 188 19.01 -13.34 8.98
CA GLY A 188 18.99 -12.43 10.12
C GLY A 188 18.60 -11.02 9.73
N ALA A 189 19.12 -10.53 8.61
CA ALA A 189 18.73 -9.20 8.15
C ALA A 189 17.26 -9.16 7.77
N LYS A 190 16.79 -10.20 7.07
CA LYS A 190 15.37 -10.26 6.70
C LYS A 190 14.48 -10.27 7.94
N ALA A 191 14.85 -11.07 8.95
CA ALA A 191 14.03 -11.13 10.16
C ALA A 191 13.97 -9.78 10.86
N GLY A 192 15.09 -9.07 10.92
CA GLY A 192 15.10 -7.79 11.61
C GLY A 192 14.26 -6.74 10.92
N LEU A 193 14.41 -6.61 9.60
CA LEU A 193 13.63 -5.63 8.85
C LEU A 193 12.17 -6.01 8.79
N THR A 194 11.86 -7.30 8.73
CA THR A 194 10.47 -7.74 8.76
C THR A 194 9.78 -7.30 10.04
N PHE A 195 10.46 -7.47 11.18
CA PHE A 195 9.86 -7.06 12.44
C PHE A 195 9.61 -5.56 12.47
N LEU A 196 10.52 -4.78 11.89
CA LEU A 196 10.32 -3.33 11.83
C LEU A 196 9.15 -2.97 10.92
N VAL A 197 9.07 -3.61 9.74
CA VAL A 197 7.92 -3.35 8.87
C VAL A 197 6.65 -3.84 9.52
N ASP A 198 6.73 -4.89 10.36
CA ASP A 198 5.54 -5.37 11.06
C ASP A 198 5.08 -4.36 12.10
N LEU A 199 6.01 -3.69 12.77
CA LEU A 199 5.64 -2.59 13.66
C LEU A 199 4.83 -1.55 12.91
N ILE A 200 5.23 -1.29 11.69
CA ILE A 200 4.61 -0.27 10.89
C ILE A 200 3.23 -0.70 10.41
N LYS A 201 3.10 -1.95 10.06
CA LYS A 201 1.87 -2.54 9.61
C LYS A 201 0.87 -2.64 10.71
N ASN A 202 1.30 -2.76 11.93
CA ASN A 202 0.40 -2.85 13.01
C ASN A 202 0.31 -1.59 13.74
N LYS A 203 0.68 -0.51 13.07
CA LYS A 203 0.42 0.84 13.54
C LYS A 203 1.10 1.14 14.87
N HIS A 204 2.25 0.50 15.13
CA HIS A 204 3.07 0.82 16.28
C HIS A 204 4.17 1.81 15.96
N MET A 205 4.30 2.21 14.68
CA MET A 205 5.27 3.20 14.23
C MET A 205 4.81 3.75 12.90
N ASN A 206 5.29 4.95 12.57
CA ASN A 206 5.00 5.60 11.30
C ASN A 206 6.23 5.53 10.40
N ALA A 207 6.02 5.17 9.14
CA ALA A 207 7.14 5.02 8.21
C ALA A 207 7.79 6.37 7.89
N ASP A 208 7.04 7.47 7.99
CA ASP A 208 7.57 8.78 7.66
C ASP A 208 8.33 9.43 8.81
N THR A 209 8.37 8.80 9.98
CA THR A 209 9.05 9.38 11.14
C THR A 209 10.52 9.62 10.83
N ASP A 210 10.97 10.85 11.00
CA ASP A 210 12.36 11.22 10.81
C ASP A 210 12.96 11.66 12.13
N TYR A 211 14.18 12.19 12.07
CA TYR A 211 14.90 12.53 13.29
C TYR A 211 14.14 13.57 14.12
N SER A 212 13.66 14.63 13.49
CA SER A 212 13.05 15.70 14.26
C SER A 212 11.68 15.30 14.82
N ILE A 213 10.93 14.50 14.07
CA ILE A 213 9.63 14.03 14.58
C ILE A 213 9.83 13.21 15.84
N ALA A 214 10.77 12.27 15.82
CA ALA A 214 10.99 11.41 16.98
C ALA A 214 11.54 12.21 18.15
N GLU A 215 12.52 13.10 17.90
CA GLU A 215 13.09 13.88 18.99
C GLU A 215 12.03 14.75 19.65
N ALA A 216 11.17 15.38 18.85
CA ALA A 216 10.10 16.20 19.42
C ALA A 216 9.14 15.35 20.23
N ALA A 217 8.81 14.16 19.72
CA ALA A 217 7.85 13.30 20.41
C ALA A 217 8.37 12.87 21.77
N PHE A 218 9.61 12.37 21.83
CA PHE A 218 10.15 11.94 23.12
C PHE A 218 10.31 13.13 24.06
N ASN A 219 10.89 14.21 23.56
CA ASN A 219 11.17 15.35 24.42
C ASN A 219 9.91 16.07 24.89
N LYS A 220 8.77 15.83 24.22
CA LYS A 220 7.50 16.39 24.66
C LYS A 220 6.67 15.39 25.45
N GLY A 221 7.10 14.13 25.57
CA GLY A 221 6.38 13.15 26.36
C GLY A 221 5.27 12.43 25.65
N GLU A 222 5.27 12.40 24.31
CA GLU A 222 4.25 11.68 23.55
C GLU A 222 4.61 10.22 23.34
N THR A 223 5.89 9.87 23.39
CA THR A 223 6.35 8.50 23.24
C THR A 223 7.27 8.15 24.40
N ALA A 224 7.23 6.89 24.81
CA ALA A 224 7.95 6.45 25.99
C ALA A 224 9.40 6.08 25.72
N MET A 225 9.78 5.91 24.45
CA MET A 225 11.13 5.49 24.13
C MET A 225 11.57 6.09 22.81
N THR A 226 12.88 6.20 22.66
CA THR A 226 13.50 6.57 21.39
C THR A 226 14.87 5.91 21.36
N ILE A 227 15.47 5.91 20.17
CA ILE A 227 16.83 5.39 19.98
C ILE A 227 17.67 6.52 19.45
N ASN A 228 18.78 6.82 20.13
CA ASN A 228 19.59 7.97 19.74
C ASN A 228 20.95 7.90 20.40
N GLY A 229 21.82 8.82 20.01
CA GLY A 229 23.17 8.88 20.51
C GLY A 229 23.36 9.95 21.58
N PRO A 230 24.57 10.01 22.12
CA PRO A 230 24.84 10.96 23.21
C PRO A 230 24.57 12.41 22.84
N TRP A 231 24.74 12.79 21.58
CA TRP A 231 24.48 14.17 21.16
C TRP A 231 23.09 14.62 21.57
N ALA A 232 22.15 13.68 21.70
CA ALA A 232 20.75 14.02 21.91
C ALA A 232 20.41 14.33 23.37
N TRP A 233 21.31 14.04 24.32
CA TRP A 233 20.93 14.14 25.72
C TRP A 233 20.66 15.58 26.15
N SER A 234 21.43 16.55 25.64
CA SER A 234 21.29 17.92 26.14
C SER A 234 19.89 18.48 25.86
N ASN A 235 19.31 18.15 24.70
CA ASN A 235 17.94 18.61 24.44
C ASN A 235 16.94 17.91 25.35
N ILE A 236 17.22 16.66 25.73
CA ILE A 236 16.35 16.00 26.70
C ILE A 236 16.47 16.69 28.06
N ASP A 237 17.69 17.01 28.48
CA ASP A 237 17.88 17.65 29.78
C ASP A 237 17.04 18.92 29.90
N THR A 238 17.00 19.72 28.84
CA THR A 238 16.25 20.97 28.89
C THR A 238 14.75 20.75 28.88
N SER A 239 14.28 19.55 28.55
CA SER A 239 12.87 19.24 28.52
C SER A 239 12.39 18.80 29.90
N ALA A 240 11.07 18.63 30.02
CA ALA A 240 10.47 18.14 31.26
C ALA A 240 10.61 16.64 31.44
N VAL A 241 11.18 15.93 30.48
CA VAL A 241 11.23 14.47 30.51
C VAL A 241 12.36 14.02 31.43
N ASN A 242 12.04 13.12 32.35
CA ASN A 242 13.03 12.46 33.20
C ASN A 242 13.35 11.12 32.55
N TYR A 243 14.58 10.97 32.07
CA TYR A 243 14.92 9.87 31.17
C TYR A 243 16.03 9.01 31.73
N GLY A 244 16.15 7.81 31.13
CA GLY A 244 17.28 6.95 31.38
C GLY A 244 17.85 6.48 30.06
N VAL A 245 19.13 6.11 30.11
CA VAL A 245 19.85 5.57 28.97
C VAL A 245 20.25 4.15 29.32
N THR A 246 19.89 3.18 28.48
CA THR A 246 20.10 1.79 28.81
C THR A 246 20.39 0.99 27.55
N VAL A 247 20.56 -0.32 27.74
CA VAL A 247 20.91 -1.22 26.66
C VAL A 247 19.73 -1.33 25.70
N LEU A 248 20.04 -1.42 24.40
CA LEU A 248 19.00 -1.65 23.42
C LEU A 248 18.34 -3.00 23.67
N PRO A 249 17.05 -3.14 23.34
CA PRO A 249 16.38 -4.42 23.55
C PRO A 249 16.98 -5.50 22.66
N THR A 250 16.78 -6.75 23.08
CA THR A 250 17.18 -7.88 22.28
C THR A 250 16.14 -8.16 21.20
N PHE A 251 16.59 -8.87 20.16
CA PHE A 251 15.71 -9.38 19.12
C PHE A 251 16.01 -10.86 18.96
N LYS A 252 14.98 -11.70 19.00
CA LYS A 252 15.15 -13.14 19.00
C LYS A 252 16.21 -13.56 20.02
N GLY A 253 16.10 -13.00 21.21
CA GLY A 253 17.02 -13.31 22.28
C GLY A 253 18.45 -12.85 22.06
N GLN A 254 18.72 -12.11 20.99
CA GLN A 254 20.08 -11.68 20.71
C GLN A 254 20.20 -10.17 20.82
N PRO A 255 21.35 -9.67 21.27
CA PRO A 255 21.50 -8.21 21.46
C PRO A 255 21.42 -7.47 20.13
N SER A 256 20.79 -6.30 20.16
CA SER A 256 20.94 -5.35 19.07
C SER A 256 22.40 -4.95 18.95
N LYS A 257 22.85 -4.76 17.71
CA LYS A 257 24.27 -4.58 17.42
C LYS A 257 24.45 -3.29 16.65
N PRO A 258 24.51 -2.18 17.33
CA PRO A 258 24.66 -0.93 16.61
C PRO A 258 26.02 -0.80 15.98
N PHE A 259 26.09 -0.12 14.85
CA PHE A 259 27.34 0.10 14.23
C PHE A 259 27.97 1.23 15.00
N VAL A 260 29.19 1.08 15.43
CA VAL A 260 29.82 2.09 16.21
C VAL A 260 30.62 3.13 15.45
N GLY A 261 30.36 4.39 15.67
CA GLY A 261 31.07 5.44 14.98
C GLY A 261 32.10 6.15 15.85
N VAL A 262 33.18 6.58 15.23
CA VAL A 262 34.18 7.40 15.89
C VAL A 262 34.14 8.76 15.20
N LEU A 263 33.56 9.74 15.88
CA LEU A 263 33.63 11.11 15.36
C LEU A 263 35.09 11.47 15.16
N SER A 264 35.42 11.93 13.96
CA SER A 264 36.81 12.17 13.59
C SER A 264 36.91 13.49 12.85
N ALA A 265 38.10 14.08 12.90
CA ALA A 265 38.38 15.34 12.24
C ALA A 265 39.48 15.11 11.22
N GLY A 266 39.15 15.31 9.94
CA GLY A 266 40.10 15.21 8.87
C GLY A 266 40.58 16.60 8.44
N ILE A 267 41.81 16.65 7.96
CA ILE A 267 42.39 17.89 7.45
C ILE A 267 42.35 17.83 5.93
N ASN A 268 41.70 18.80 5.32
CA ASN A 268 41.63 18.89 3.87
C ASN A 268 43.03 18.90 3.26
N ALA A 269 43.25 18.04 2.27
CA ALA A 269 44.56 17.97 1.62
C ALA A 269 44.94 19.31 0.97
N ALA A 270 43.95 20.09 0.56
CA ALA A 270 44.19 21.35 -0.14
C ALA A 270 44.40 22.53 0.80
N SER A 271 44.40 22.31 2.11
CA SER A 271 44.55 23.41 3.06
C SER A 271 46.01 23.82 3.19
N PRO A 272 46.35 25.10 3.00
CA PRO A 272 47.66 25.60 3.45
C PRO A 272 47.75 25.87 4.94
N ASN A 273 46.72 25.51 5.71
CA ASN A 273 46.72 25.70 7.15
C ASN A 273 46.87 24.36 7.88
N LYS A 274 47.52 23.39 7.23
CA LYS A 274 47.61 22.06 7.82
C LYS A 274 48.33 22.10 9.17
N GLU A 275 49.34 22.95 9.30
CA GLU A 275 50.04 23.08 10.58
C GLU A 275 49.14 23.74 11.62
N LEU A 276 48.40 24.78 11.22
CA LEU A 276 47.48 25.43 12.15
C LEU A 276 46.35 24.49 12.55
N ALA A 277 45.83 23.73 11.60
CA ALA A 277 44.78 22.76 11.93
C ALA A 277 45.30 21.70 12.89
N LYS A 278 46.51 21.18 12.62
CA LYS A 278 47.12 20.23 13.54
C LYS A 278 47.27 20.83 14.94
N GLU A 279 47.80 22.06 15.01
CA GLU A 279 47.93 22.73 16.30
C GLU A 279 46.58 22.84 17.00
N PHE A 280 45.54 23.23 16.27
CA PHE A 280 44.22 23.42 16.87
C PHE A 280 43.64 22.09 17.36
N LEU A 281 43.74 21.05 16.53
CA LEU A 281 43.18 19.76 16.91
C LEU A 281 43.96 19.13 18.05
N GLU A 282 45.30 19.13 17.94
CA GLU A 282 46.13 18.44 18.92
C GLU A 282 46.18 19.21 20.24
N ASN A 283 46.38 20.52 20.18
CA ASN A 283 46.68 21.29 21.38
C ASN A 283 45.52 22.14 21.88
N TYR A 284 44.38 22.14 21.21
CA TYR A 284 43.24 22.91 21.69
C TYR A 284 41.98 22.07 21.83
N LEU A 285 41.63 21.28 20.81
CA LEU A 285 40.42 20.47 20.89
C LEU A 285 40.63 19.21 21.70
N LEU A 286 41.64 18.41 21.35
CA LEU A 286 41.87 17.15 22.04
C LEU A 286 42.63 17.39 23.34
N THR A 287 42.08 18.28 24.17
CA THR A 287 42.51 18.51 25.53
C THR A 287 41.29 18.39 26.44
N ASP A 288 41.55 18.30 27.74
CA ASP A 288 40.44 18.28 28.70
C ASP A 288 39.52 19.46 28.49
N GLU A 289 40.07 20.67 28.55
CA GLU A 289 39.28 21.88 28.41
C GLU A 289 38.63 21.95 27.03
N GLY A 290 39.33 21.48 26.00
CA GLY A 290 38.77 21.54 24.65
C GLY A 290 37.56 20.65 24.48
N LEU A 291 37.70 19.37 24.81
CA LEU A 291 36.56 18.45 24.70
C LEU A 291 35.46 18.81 25.69
N GLU A 292 35.82 19.39 26.84
CA GLU A 292 34.80 19.79 27.81
C GLU A 292 33.87 20.85 27.22
N ALA A 293 34.44 21.83 26.52
CA ALA A 293 33.61 22.89 25.93
C ALA A 293 32.64 22.32 24.91
N VAL A 294 33.10 21.41 24.05
CA VAL A 294 32.20 20.76 23.11
C VAL A 294 31.21 19.86 23.83
N ASN A 295 31.72 19.02 24.74
CA ASN A 295 30.85 18.06 25.43
C ASN A 295 29.72 18.75 26.18
N LYS A 296 30.00 19.92 26.77
CA LYS A 296 28.96 20.64 27.49
C LYS A 296 27.89 21.19 26.57
N ASP A 297 28.19 21.37 25.28
CA ASP A 297 27.20 21.82 24.32
C ASP A 297 26.29 20.66 23.91
N LYS A 298 26.87 19.61 23.31
CA LYS A 298 26.17 18.37 23.02
C LYS A 298 27.14 17.26 23.42
N PRO A 299 26.70 16.30 24.23
CA PRO A 299 27.61 15.24 24.68
C PRO A 299 28.26 14.50 23.51
N LEU A 300 29.57 14.30 23.61
CA LEU A 300 30.33 13.64 22.55
C LEU A 300 30.22 12.13 22.61
N GLY A 301 29.87 11.55 23.75
CA GLY A 301 30.00 10.12 23.96
C GLY A 301 31.28 9.81 24.69
N ALA A 302 31.92 8.69 24.37
CA ALA A 302 33.14 8.27 25.04
C ALA A 302 34.34 8.83 24.26
N VAL A 303 34.98 9.85 24.80
CA VAL A 303 35.99 10.58 24.04
C VAL A 303 37.25 9.73 23.87
N ALA A 304 37.95 9.94 22.75
CA ALA A 304 39.18 9.23 22.49
C ALA A 304 40.29 9.59 23.46
N LEU A 305 40.24 10.78 24.06
CA LEU A 305 41.31 11.27 24.93
C LEU A 305 41.22 10.58 26.29
N LYS A 306 42.26 9.81 26.64
CA LYS A 306 42.21 8.99 27.85
C LYS A 306 41.96 9.85 29.09
N SER A 307 42.66 10.98 29.20
CA SER A 307 42.60 11.78 30.43
C SER A 307 41.19 12.29 30.70
N TYR A 308 40.49 12.78 29.68
CA TYR A 308 39.15 13.29 29.91
C TYR A 308 38.10 12.18 29.93
N GLU A 309 38.36 11.07 29.23
CA GLU A 309 37.39 9.98 29.24
C GLU A 309 37.28 9.31 30.60
N GLU A 310 38.38 9.28 31.36
CA GLU A 310 38.29 8.75 32.72
C GLU A 310 37.32 9.54 33.57
N GLU A 311 37.05 10.80 33.23
CA GLU A 311 36.01 11.56 33.91
C GLU A 311 34.63 11.25 33.34
N LEU A 312 34.50 11.27 32.01
CA LEU A 312 33.20 11.00 31.40
C LEU A 312 32.71 9.59 31.70
N ALA A 313 33.63 8.62 31.79
CA ALA A 313 33.22 7.24 32.05
C ALA A 313 32.50 7.08 33.39
N LYS A 314 32.62 8.06 34.29
CA LYS A 314 31.88 8.02 35.55
C LYS A 314 30.38 8.20 35.33
N ASP A 315 29.98 8.68 34.16
CA ASP A 315 28.58 8.97 33.89
C ASP A 315 27.84 7.69 33.54
N PRO A 316 26.77 7.33 34.25
CA PRO A 316 26.04 6.09 33.90
C PRO A 316 25.53 6.08 32.48
N ARG A 317 25.28 7.25 31.89
CA ARG A 317 24.83 7.29 30.51
C ARG A 317 25.96 6.89 29.56
N ILE A 318 27.20 7.19 29.91
CA ILE A 318 28.34 6.75 29.10
C ILE A 318 28.60 5.26 29.30
N ALA A 319 28.43 4.76 30.53
CA ALA A 319 28.55 3.32 30.75
C ALA A 319 27.57 2.56 29.87
N ALA A 320 26.31 3.01 29.83
CA ALA A 320 25.32 2.38 28.95
C ALA A 320 25.72 2.51 27.49
N THR A 321 26.16 3.70 27.08
CA THR A 321 26.60 3.89 25.70
C THR A 321 27.64 2.85 25.31
N MET A 322 28.62 2.62 26.20
CA MET A 322 29.68 1.68 25.88
C MET A 322 29.25 0.23 26.09
N GLU A 323 28.21 -0.01 26.89
CA GLU A 323 27.63 -1.36 26.93
C GLU A 323 27.03 -1.71 25.58
N ASN A 324 26.33 -0.77 24.95
CA ASN A 324 25.82 -1.02 23.61
C ASN A 324 26.96 -1.11 22.60
N ALA A 325 27.99 -0.28 22.76
CA ALA A 325 29.12 -0.31 21.82
C ALA A 325 29.80 -1.67 21.84
N GLN A 326 30.02 -2.23 23.03
CA GLN A 326 30.66 -3.55 23.11
C GLN A 326 29.85 -4.60 22.37
N LYS A 327 28.51 -4.49 22.42
CA LYS A 327 27.66 -5.43 21.72
C LYS A 327 27.63 -5.18 20.21
N GLY A 328 27.96 -3.97 19.77
CA GLY A 328 28.03 -3.65 18.36
C GLY A 328 29.40 -3.93 17.78
N GLU A 329 29.69 -3.26 16.67
CA GLU A 329 30.97 -3.37 15.99
C GLU A 329 31.38 -2.00 15.47
N ILE A 330 32.68 -1.75 15.44
CA ILE A 330 33.20 -0.53 14.83
C ILE A 330 32.93 -0.58 13.33
N MET A 331 32.46 0.51 12.76
CA MET A 331 32.20 0.54 11.33
C MET A 331 33.51 0.37 10.56
N PRO A 332 33.48 -0.31 9.41
CA PRO A 332 34.58 -0.19 8.47
C PRO A 332 34.73 1.25 8.04
N ASN A 333 35.93 1.61 7.59
CA ASN A 333 36.14 2.92 6.98
C ASN A 333 36.44 2.81 5.49
N ILE A 334 36.21 1.64 4.89
CA ILE A 334 36.56 1.40 3.50
C ILE A 334 35.69 2.25 2.57
N PRO A 335 36.19 2.60 1.37
CA PRO A 335 35.41 3.48 0.49
C PRO A 335 34.02 2.97 0.16
N GLN A 336 33.81 1.65 0.17
CA GLN A 336 32.53 1.08 -0.20
C GLN A 336 31.44 1.33 0.83
N MET A 337 31.75 2.00 1.94
CA MET A 337 30.77 2.21 3.01
C MET A 337 29.64 3.13 2.56
N SER A 338 29.95 4.16 1.77
CA SER A 338 28.88 5.06 1.32
C SER A 338 27.90 4.33 0.43
N ALA A 339 28.39 3.41 -0.42
CA ALA A 339 27.50 2.61 -1.23
C ALA A 339 26.67 1.66 -0.38
N PHE A 340 27.25 1.11 0.69
CA PHE A 340 26.49 0.27 1.61
C PHE A 340 25.38 1.07 2.27
N TRP A 341 25.70 2.27 2.76
CA TRP A 341 24.71 3.08 3.46
C TRP A 341 23.57 3.50 2.52
N TYR A 342 23.90 3.92 1.30
CA TYR A 342 22.86 4.29 0.34
C TYR A 342 21.94 3.11 0.05
N ALA A 343 22.52 1.91 -0.08
CA ALA A 343 21.73 0.74 -0.41
C ALA A 343 20.76 0.40 0.71
N VAL A 344 21.25 0.36 1.95
CA VAL A 344 20.39 -0.01 3.08
C VAL A 344 19.37 1.08 3.35
N ARG A 345 19.72 2.35 3.14
CA ARG A 345 18.76 3.42 3.34
C ARG A 345 17.57 3.28 2.39
N THR A 346 17.85 3.00 1.12
CA THR A 346 16.77 2.75 0.17
C THR A 346 15.95 1.54 0.57
N ALA A 347 16.61 0.48 1.03
CA ALA A 347 15.89 -0.74 1.40
C ALA A 347 14.94 -0.48 2.56
N VAL A 348 15.42 0.20 3.59
CA VAL A 348 14.58 0.46 4.77
C VAL A 348 13.40 1.36 4.40
N ILE A 349 13.68 2.44 3.66
CA ILE A 349 12.61 3.37 3.31
C ILE A 349 11.58 2.69 2.42
N ASN A 350 12.04 1.92 1.42
CA ASN A 350 11.10 1.27 0.52
C ASN A 350 10.27 0.22 1.25
N ALA A 351 10.90 -0.57 2.12
CA ALA A 351 10.16 -1.59 2.85
C ALA A 351 9.22 -0.96 3.87
N ALA A 352 9.69 0.05 4.60
CA ALA A 352 8.84 0.72 5.59
C ALA A 352 7.59 1.31 4.95
N SER A 353 7.68 1.70 3.67
CA SER A 353 6.57 2.31 2.97
C SER A 353 5.69 1.33 2.19
N GLY A 354 6.11 0.07 2.07
CA GLY A 354 5.40 -0.88 1.25
C GLY A 354 5.67 -0.77 -0.24
N ARG A 355 6.54 0.16 -0.65
CA ARG A 355 6.95 0.24 -2.05
C ARG A 355 7.57 -1.07 -2.52
N GLN A 356 8.29 -1.77 -1.63
CA GLN A 356 8.92 -3.04 -1.94
C GLN A 356 8.71 -3.98 -0.75
N THR A 357 8.60 -5.27 -1.06
CA THR A 357 8.64 -6.27 0.00
C THR A 357 9.99 -6.22 0.70
N VAL A 358 10.07 -6.84 1.87
CA VAL A 358 11.34 -6.91 2.58
C VAL A 358 12.36 -7.69 1.73
N ASP A 359 11.93 -8.85 1.21
CA ASP A 359 12.82 -9.67 0.41
C ASP A 359 13.32 -8.92 -0.81
N ALA A 360 12.43 -8.20 -1.50
CA ALA A 360 12.84 -7.45 -2.68
C ALA A 360 13.73 -6.27 -2.31
N ALA A 361 13.35 -5.52 -1.27
CA ALA A 361 14.15 -4.37 -0.87
C ALA A 361 15.56 -4.78 -0.50
N LEU A 362 15.70 -5.86 0.26
CA LEU A 362 17.03 -6.30 0.72
C LEU A 362 17.80 -7.01 -0.39
N ALA A 363 17.10 -7.74 -1.28
CA ALA A 363 17.79 -8.32 -2.43
C ALA A 363 18.45 -7.22 -3.26
N ALA A 364 17.74 -6.12 -3.51
CA ALA A 364 18.32 -5.01 -4.25
C ALA A 364 19.45 -4.35 -3.47
N ALA A 365 19.31 -4.25 -2.14
CA ALA A 365 20.36 -3.65 -1.33
C ALA A 365 21.65 -4.44 -1.39
N GLN A 366 21.56 -5.78 -1.42
CA GLN A 366 22.76 -6.59 -1.46
C GLN A 366 23.52 -6.35 -2.77
N THR A 367 22.80 -6.39 -3.90
CA THR A 367 23.45 -6.15 -5.19
C THR A 367 24.06 -4.77 -5.24
N ASN A 368 23.34 -3.76 -4.78
CA ASN A 368 23.84 -2.39 -4.83
C ASN A 368 25.06 -2.19 -3.93
N ALA A 369 25.01 -2.76 -2.72
CA ALA A 369 26.12 -2.58 -1.79
C ALA A 369 27.38 -3.31 -2.27
N ALA A 370 27.22 -4.35 -3.07
CA ALA A 370 28.35 -5.10 -3.59
C ALA A 370 28.78 -4.64 -4.98
N ARG A 371 28.01 -3.75 -5.61
CA ARG A 371 28.30 -3.32 -6.98
C ARG A 371 29.63 -2.58 -7.03
N ARG A 372 30.49 -3.00 -7.96
CA ARG A 372 31.76 -2.30 -8.17
C ARG A 372 31.50 -0.96 -8.84
N LYS A 373 31.98 0.11 -8.24
CA LYS A 373 31.86 1.43 -8.84
C LYS A 373 32.90 1.55 -9.96
N PRO A 374 32.48 1.69 -11.22
CA PRO A 374 33.46 1.82 -12.30
C PRO A 374 34.38 3.01 -12.06
N SER A 375 35.64 2.84 -12.44
CA SER A 375 36.62 3.91 -12.27
C SER A 375 36.31 5.05 -13.25
N TRP A 376 36.90 6.21 -12.97
CA TRP A 376 36.79 7.32 -13.92
C TRP A 376 37.23 6.86 -15.31
N ARG A 377 38.28 6.05 -15.38
CA ARG A 377 38.80 5.63 -16.68
C ARG A 377 37.85 4.66 -17.36
N GLU A 378 37.21 3.77 -16.60
CA GLU A 378 36.22 2.89 -17.20
C GLU A 378 35.06 3.68 -17.77
N ARG A 379 34.58 4.68 -17.03
CA ARG A 379 33.53 5.55 -17.55
C ARG A 379 33.99 6.25 -18.83
N GLU A 380 35.21 6.79 -18.81
CA GLU A 380 35.73 7.49 -19.99
C GLU A 380 35.88 6.54 -21.17
N ASN A 381 36.36 5.32 -20.92
CA ASN A 381 36.41 4.29 -21.96
C ASN A 381 35.05 4.14 -22.63
N ASN A 382 34.00 3.94 -21.82
CA ASN A 382 32.66 3.73 -22.36
C ASN A 382 32.19 4.96 -23.12
N ARG A 383 32.40 6.15 -22.54
CA ARG A 383 31.99 7.38 -23.19
C ARG A 383 32.63 7.52 -24.56
N ARG A 384 33.93 7.24 -24.65
CA ARG A 384 34.64 7.39 -25.92
C ARG A 384 34.21 6.32 -26.93
N ARG A 385 33.92 5.11 -26.47
CA ARG A 385 33.50 4.07 -27.39
C ARG A 385 32.21 4.45 -28.09
N GLU A 386 31.24 4.95 -27.33
CA GLU A 386 29.96 5.36 -27.93
C GLU A 386 30.11 6.63 -28.74
N ARG A 387 30.97 7.56 -28.31
CA ARG A 387 31.30 8.70 -29.15
C ARG A 387 31.84 8.25 -30.51
N ARG A 388 32.75 7.28 -30.49
CA ARG A 388 33.32 6.79 -31.74
C ARG A 388 32.29 6.04 -32.57
N ARG A 389 31.44 5.23 -31.92
CA ARG A 389 30.39 4.52 -32.64
C ARG A 389 29.48 5.48 -33.39
N ARG A 390 29.05 6.56 -32.72
CA ARG A 390 28.19 7.54 -33.38
C ARG A 390 28.93 8.27 -34.49
N ALA A 391 30.22 8.56 -34.29
CA ALA A 391 30.97 9.30 -35.30
C ALA A 391 31.10 8.51 -36.59
N VAL A 392 31.37 7.20 -36.48
CA VAL A 392 31.47 6.36 -37.68
C VAL A 392 30.14 6.34 -38.41
N ALA A 393 29.06 6.08 -37.68
CA ALA A 393 27.72 6.14 -38.28
C ALA A 393 27.49 7.49 -38.94
N ALA A 394 27.79 8.59 -38.23
CA ALA A 394 27.55 9.91 -38.78
C ALA A 394 28.28 10.11 -40.10
N LYS A 395 29.53 9.65 -40.19
CA LYS A 395 30.26 9.81 -41.44
C LYS A 395 29.65 8.98 -42.55
N ILE A 396 29.15 7.79 -42.22
CA ILE A 396 28.56 6.92 -43.24
C ILE A 396 27.33 7.58 -43.84
N TYR A 397 26.44 8.10 -42.99
CA TYR A 397 25.22 8.74 -43.48
C TYR A 397 25.53 10.07 -44.15
N THR A 398 26.53 10.80 -43.65
CA THR A 398 26.96 12.01 -44.32
C THR A 398 27.36 11.73 -45.76
N GLY A 399 28.06 10.61 -45.99
CA GLY A 399 28.44 10.25 -47.34
C GLY A 399 27.27 9.74 -48.16
N LEU A 400 26.38 8.97 -47.53
CA LEU A 400 25.22 8.46 -48.25
C LEU A 400 24.31 9.60 -48.70
N ARG A 401 24.10 10.61 -47.84
CA ARG A 401 23.27 11.73 -48.23
C ARG A 401 23.91 12.57 -49.31
N ALA A 402 25.24 12.68 -49.31
CA ALA A 402 25.94 13.56 -50.23
C ALA A 402 26.03 12.98 -51.64
N GLN A 403 26.39 11.70 -51.75
CA GLN A 403 26.63 11.07 -53.04
C GLN A 403 25.56 10.08 -53.44
N GLY A 404 24.53 9.88 -52.62
CA GLY A 404 23.54 8.84 -52.87
C GLY A 404 22.57 9.13 -54.01
N ASP A 405 22.04 10.35 -54.07
CA ASP A 405 20.94 10.68 -54.99
C ASP A 405 19.81 9.67 -54.86
N TYR A 406 19.35 9.47 -53.62
CA TYR A 406 18.31 8.51 -53.31
C TYR A 406 16.91 9.08 -53.49
N ASN A 407 16.77 10.27 -54.06
CA ASN A 407 15.53 11.05 -54.06
C ASN A 407 14.85 10.99 -52.69
N LEU A 408 15.37 11.77 -51.76
CA LEU A 408 14.85 11.87 -50.41
C LEU A 408 14.23 13.25 -50.20
N PRO A 409 13.30 13.38 -49.25
CA PRO A 409 12.69 14.68 -48.98
C PRO A 409 13.68 15.66 -48.38
N LYS A 410 13.29 16.95 -48.40
CA LYS A 410 14.13 18.01 -47.87
C LYS A 410 14.79 17.61 -46.56
N HIS A 411 13.99 17.18 -45.59
CA HIS A 411 14.50 16.70 -44.31
C HIS A 411 13.97 15.29 -44.06
N CYS A 412 14.86 14.41 -43.61
CA CYS A 412 14.50 13.04 -43.29
C CYS A 412 15.59 12.48 -42.38
N ASP A 413 15.22 11.46 -41.61
CA ASP A 413 16.17 10.91 -40.64
C ASP A 413 17.02 9.81 -41.27
N ASN A 414 18.00 9.34 -40.48
CA ASN A 414 18.96 8.37 -40.99
C ASN A 414 18.30 7.02 -41.32
N ASN A 415 17.21 6.68 -40.62
CA ASN A 415 16.52 5.43 -40.93
C ASN A 415 16.01 5.43 -42.36
N GLU A 416 15.56 6.58 -42.85
CA GLU A 416 15.10 6.66 -44.24
C GLU A 416 16.26 6.51 -45.21
N VAL A 417 17.40 7.12 -44.92
CA VAL A 417 18.60 6.90 -45.72
C VAL A 417 18.95 5.42 -45.75
N LEU A 418 19.01 4.81 -44.56
CA LEU A 418 19.26 3.37 -44.47
C LEU A 418 18.29 2.59 -45.36
N LYS A 419 17.00 2.95 -45.32
CA LYS A 419 16.01 2.28 -46.15
C LYS A 419 16.37 2.39 -47.63
N ALA A 420 16.69 3.60 -48.09
CA ALA A 420 17.10 3.78 -49.48
C ALA A 420 18.29 2.89 -49.81
N LEU A 421 19.33 2.94 -48.98
CA LEU A 421 20.48 2.08 -49.17
C LEU A 421 20.08 0.61 -49.32
N CYS A 422 19.13 0.17 -48.48
CA CYS A 422 18.70 -1.23 -48.53
C CYS A 422 18.10 -1.57 -49.89
N VAL A 423 17.20 -0.72 -50.39
CA VAL A 423 16.58 -1.01 -51.69
C VAL A 423 17.63 -0.94 -52.80
N GLU A 424 18.59 -0.02 -52.69
CA GLU A 424 19.66 0.04 -53.68
C GLU A 424 20.44 -1.27 -53.70
N ALA A 425 20.56 -1.95 -52.57
CA ALA A 425 21.25 -3.22 -52.48
C ALA A 425 20.34 -4.41 -52.72
N GLY A 426 19.08 -4.18 -53.09
CA GLY A 426 18.19 -5.26 -53.43
C GLY A 426 17.39 -5.79 -52.26
N TRP A 427 17.00 -4.92 -51.34
CA TRP A 427 16.21 -5.28 -50.18
C TRP A 427 14.88 -4.56 -50.21
N VAL A 428 13.89 -5.15 -49.53
CA VAL A 428 12.62 -4.50 -49.25
C VAL A 428 12.56 -4.23 -47.75
N VAL A 429 12.11 -3.03 -47.39
CA VAL A 429 11.99 -2.62 -45.99
C VAL A 429 10.59 -2.07 -45.80
N GLU A 430 9.84 -2.69 -44.89
CA GLU A 430 8.49 -2.23 -44.59
C GLU A 430 8.54 -0.98 -43.72
N GLU A 431 7.37 -0.45 -43.37
CA GLU A 431 7.35 0.80 -42.61
C GLU A 431 7.99 0.61 -41.24
N ASP A 432 7.77 -0.55 -40.60
CA ASP A 432 8.28 -0.78 -39.24
C ASP A 432 9.73 -1.25 -39.21
N GLY A 433 10.38 -1.41 -40.35
CA GLY A 433 11.76 -1.84 -40.40
C GLY A 433 11.97 -3.29 -40.79
N THR A 434 10.90 -4.09 -40.82
CA THR A 434 11.02 -5.47 -41.28
C THR A 434 11.70 -5.51 -42.65
N THR A 435 12.79 -6.26 -42.73
CA THR A 435 13.70 -6.20 -43.87
C THR A 435 14.04 -7.59 -44.37
N TYR A 436 14.05 -7.76 -45.69
CA TYR A 436 14.34 -9.05 -46.30
C TYR A 436 14.65 -8.85 -47.79
N ARG A 437 15.23 -9.89 -48.39
CA ARG A 437 15.48 -9.92 -49.83
C ARG A 437 14.25 -10.45 -50.55
N LYS B 2 0.92 9.56 4.36
CA LYS B 2 -0.32 9.85 3.64
C LYS B 2 -1.44 10.21 4.60
N ILE B 3 -2.42 10.97 4.08
CA ILE B 3 -3.54 11.43 4.91
C ILE B 3 -4.42 10.25 5.31
N GLU B 4 -5.23 10.48 6.34
CA GLU B 4 -6.23 9.51 6.78
C GLU B 4 -7.23 10.23 7.68
N GLU B 5 -8.47 9.73 7.68
CA GLU B 5 -9.56 10.43 8.35
C GLU B 5 -9.32 10.52 9.85
N GLY B 6 -9.79 11.62 10.43
CA GLY B 6 -9.77 11.81 11.87
C GLY B 6 -8.51 12.46 12.42
N LYS B 7 -7.46 12.57 11.63
CA LYS B 7 -6.21 13.17 12.06
C LYS B 7 -5.90 14.38 11.19
N LEU B 8 -4.95 15.19 11.65
CA LEU B 8 -4.53 16.39 10.94
C LEU B 8 -3.01 16.48 11.00
N VAL B 9 -2.36 16.52 9.84
CA VAL B 9 -0.91 16.69 9.74
C VAL B 9 -0.65 17.98 8.97
N ILE B 10 0.26 18.80 9.51
CA ILE B 10 0.54 20.13 8.98
C ILE B 10 2.00 20.20 8.56
N TRP B 11 2.25 20.81 7.40
CA TRP B 11 3.60 21.11 6.93
C TRP B 11 3.82 22.61 6.96
N ILE B 12 4.85 23.04 7.67
CA ILE B 12 5.19 24.45 7.80
C ILE B 12 6.71 24.56 7.79
N ASN B 13 7.20 25.68 7.26
CA ASN B 13 8.65 25.84 7.13
C ASN B 13 9.32 25.92 8.49
N GLY B 14 10.50 25.33 8.58
CA GLY B 14 11.25 25.22 9.83
C GLY B 14 11.67 26.52 10.47
N ASP B 15 11.44 27.66 9.84
CA ASP B 15 11.77 28.95 10.46
C ASP B 15 10.55 29.65 11.05
N LYS B 16 9.37 29.06 10.97
CA LYS B 16 8.18 29.57 11.62
C LYS B 16 7.96 28.86 12.95
N GLY B 17 7.04 29.41 13.74
CA GLY B 17 6.76 28.87 15.06
C GLY B 17 5.93 27.61 15.03
N TYR B 18 6.53 26.50 14.57
CA TYR B 18 5.76 25.25 14.49
C TYR B 18 5.39 24.73 15.86
N ASN B 19 6.24 24.96 16.86
CA ASN B 19 5.90 24.56 18.23
C ASN B 19 4.67 25.32 18.72
N GLY B 20 4.66 26.64 18.52
CA GLY B 20 3.49 27.42 18.87
C GLY B 20 2.25 26.95 18.15
N LEU B 21 2.38 26.58 16.88
CA LEU B 21 1.24 26.02 16.16
C LEU B 21 0.89 24.63 16.66
N ALA B 22 1.88 23.86 17.10
CA ALA B 22 1.60 22.57 17.71
C ALA B 22 0.76 22.72 18.97
N GLU B 23 0.93 23.84 19.69
CA GLU B 23 0.07 24.13 20.83
C GLU B 23 -1.34 24.50 20.39
N VAL B 24 -1.53 24.96 19.15
CA VAL B 24 -2.87 25.18 18.64
C VAL B 24 -3.56 23.86 18.35
N GLY B 25 -2.84 22.91 17.75
CA GLY B 25 -3.43 21.62 17.45
C GLY B 25 -3.78 20.83 18.71
N LYS B 26 -2.97 20.97 19.77
CA LYS B 26 -3.23 20.23 21.00
C LYS B 26 -4.55 20.66 21.63
N LYS B 27 -4.78 21.97 21.74
CA LYS B 27 -6.08 22.44 22.22
C LYS B 27 -7.20 22.05 21.27
N PHE B 28 -6.90 21.99 19.97
CA PHE B 28 -7.89 21.47 19.02
C PHE B 28 -8.18 20.00 19.29
N GLU B 29 -7.15 19.21 19.60
CA GLU B 29 -7.36 17.81 19.91
C GLU B 29 -8.25 17.65 21.14
N LYS B 30 -8.02 18.46 22.18
CA LYS B 30 -8.79 18.32 23.41
C LYS B 30 -10.25 18.70 23.21
N ASP B 31 -10.55 19.58 22.28
CA ASP B 31 -11.92 19.95 22.09
C ASP B 31 -12.66 18.86 21.36
N THR B 32 -12.19 18.51 20.19
CA THR B 32 -12.91 17.49 19.46
C THR B 32 -12.30 16.08 19.35
N GLY B 33 -11.14 15.88 19.96
CA GLY B 33 -10.44 14.59 19.97
C GLY B 33 -9.60 14.20 18.77
N ILE B 34 -9.37 15.15 17.86
CA ILE B 34 -8.60 14.94 16.64
C ILE B 34 -7.15 15.29 16.93
N LYS B 35 -6.27 14.30 16.79
CA LYS B 35 -4.84 14.55 16.95
C LYS B 35 -4.33 15.44 15.82
N VAL B 36 -3.37 16.30 16.15
CA VAL B 36 -2.83 17.26 15.19
C VAL B 36 -1.31 17.22 15.30
N THR B 37 -0.66 16.72 14.26
CA THR B 37 0.79 16.67 14.19
C THR B 37 1.30 17.81 13.30
N VAL B 38 2.36 18.47 13.74
CA VAL B 38 3.02 19.51 12.96
C VAL B 38 4.42 19.03 12.62
N GLU B 39 4.79 19.15 11.34
CA GLU B 39 6.09 18.72 10.85
C GLU B 39 6.68 19.79 9.95
N HIS B 40 7.98 20.04 10.09
CA HIS B 40 8.68 21.11 9.38
C HIS B 40 9.75 20.52 8.47
N PRO B 41 9.35 19.90 7.37
CA PRO B 41 10.32 19.19 6.52
C PRO B 41 11.14 20.13 5.65
N ASP B 42 12.30 19.63 5.23
CA ASP B 42 13.18 20.38 4.35
C ASP B 42 12.57 20.46 2.95
N LYS B 43 12.75 21.62 2.31
CA LYS B 43 12.28 21.83 0.93
C LYS B 43 10.82 21.43 0.79
N LEU B 44 9.99 21.83 1.75
CA LEU B 44 8.59 21.45 1.71
C LEU B 44 7.87 22.07 0.52
N GLU B 45 8.31 23.24 0.06
CA GLU B 45 7.69 23.87 -1.10
C GLU B 45 7.95 23.08 -2.38
N GLU B 46 9.02 22.27 -2.41
CA GLU B 46 9.30 21.43 -3.57
C GLU B 46 8.72 20.03 -3.44
N LYS B 47 8.75 19.46 -2.23
CA LYS B 47 8.24 18.11 -2.04
C LYS B 47 6.73 18.06 -2.25
N PHE B 48 6.00 19.06 -1.74
CA PHE B 48 4.54 19.01 -1.82
C PHE B 48 4.02 18.82 -3.24
N PRO B 49 4.47 19.58 -4.24
CA PRO B 49 3.94 19.37 -5.60
C PRO B 49 4.33 18.01 -6.17
N GLN B 50 5.48 17.47 -5.79
CA GLN B 50 5.88 16.17 -6.31
C GLN B 50 5.01 15.05 -5.76
N VAL B 51 4.50 15.19 -4.54
CA VAL B 51 3.86 14.08 -3.85
C VAL B 51 2.35 14.23 -3.87
N ALA B 52 1.85 15.48 -3.89
CA ALA B 52 0.41 15.69 -3.82
C ALA B 52 -0.30 15.12 -5.05
N ALA B 53 0.41 15.02 -6.17
CA ALA B 53 -0.20 14.47 -7.38
C ALA B 53 -0.72 13.06 -7.13
N THR B 54 0.12 12.20 -6.54
CA THR B 54 -0.24 10.82 -6.27
C THR B 54 -1.12 10.66 -5.03
N GLY B 55 -1.54 11.76 -4.41
CA GLY B 55 -2.43 11.71 -3.26
C GLY B 55 -1.75 11.79 -1.91
N ASP B 56 -0.43 11.87 -1.86
CA ASP B 56 0.30 11.93 -0.60
C ASP B 56 0.43 13.39 -0.16
N GLY B 57 1.21 13.61 0.90
CA GLY B 57 1.40 14.95 1.42
C GLY B 57 0.51 15.23 2.61
N PRO B 58 0.68 16.41 3.22
CA PRO B 58 -0.07 16.73 4.44
C PRO B 58 -1.50 17.14 4.13
N ASP B 59 -2.27 17.29 5.21
CA ASP B 59 -3.61 17.87 5.07
C ASP B 59 -3.53 19.36 4.74
N ILE B 60 -2.67 20.08 5.45
CA ILE B 60 -2.50 21.52 5.26
C ILE B 60 -1.03 21.80 5.05
N ILE B 61 -0.72 22.72 4.13
CA ILE B 61 0.64 23.14 3.84
C ILE B 61 0.75 24.63 4.07
N PHE B 62 1.76 25.05 4.83
CA PHE B 62 2.04 26.46 5.08
C PHE B 62 3.21 26.90 4.22
N TRP B 63 3.03 28.02 3.50
CA TRP B 63 4.09 28.64 2.72
C TRP B 63 3.60 30.02 2.29
N ALA B 64 4.54 30.82 1.79
CA ALA B 64 4.19 32.12 1.23
C ALA B 64 3.33 31.94 -0.03
N HIS B 65 2.57 32.98 -0.35
CA HIS B 65 1.54 32.88 -1.38
C HIS B 65 2.12 32.70 -2.78
N ASP B 66 3.37 33.05 -3.01
CA ASP B 66 3.88 33.05 -4.38
C ASP B 66 3.93 31.64 -4.98
N ARG B 67 4.03 30.60 -4.15
CA ARG B 67 4.06 29.23 -4.63
C ARG B 67 2.68 28.62 -4.86
N PHE B 68 1.63 29.20 -4.27
CA PHE B 68 0.32 28.54 -4.28
C PHE B 68 -0.36 28.59 -5.64
N GLY B 69 -0.04 29.57 -6.48
CA GLY B 69 -0.63 29.60 -7.81
C GLY B 69 -0.29 28.38 -8.64
N GLY B 70 1.00 28.01 -8.65
CA GLY B 70 1.39 26.80 -9.35
C GLY B 70 0.76 25.56 -8.74
N TYR B 71 0.71 25.49 -7.41
CA TYR B 71 0.05 24.38 -6.74
C TYR B 71 -1.38 24.24 -7.22
N ALA B 72 -2.14 25.33 -7.17
CA ALA B 72 -3.51 25.30 -7.66
C ALA B 72 -3.57 24.97 -9.14
N GLN B 73 -2.67 25.58 -9.93
CA GLN B 73 -2.62 25.28 -11.37
C GLN B 73 -2.52 23.77 -11.61
N SER B 74 -1.75 23.07 -10.79
CA SER B 74 -1.65 21.62 -10.86
C SER B 74 -2.75 20.92 -10.06
N GLY B 75 -3.79 21.65 -9.66
CA GLY B 75 -4.95 21.04 -9.02
C GLY B 75 -4.67 20.35 -7.70
N LEU B 76 -3.72 20.85 -6.91
CA LEU B 76 -3.32 20.20 -5.67
C LEU B 76 -4.03 20.75 -4.44
N LEU B 77 -4.71 21.90 -4.55
CA LEU B 77 -5.27 22.60 -3.40
C LEU B 77 -6.79 22.54 -3.43
N ALA B 78 -7.38 22.24 -2.28
CA ALA B 78 -8.82 22.33 -2.14
C ALA B 78 -9.23 23.80 -2.10
N GLU B 79 -10.23 24.14 -2.91
CA GLU B 79 -10.69 25.53 -2.96
C GLU B 79 -11.32 25.93 -1.63
N ILE B 80 -10.95 27.10 -1.14
CA ILE B 80 -11.44 27.61 0.13
C ILE B 80 -12.68 28.46 -0.13
N THR B 81 -13.69 28.30 0.74
CA THR B 81 -14.93 29.07 0.65
C THR B 81 -15.40 29.38 2.06
N PRO B 82 -14.76 30.33 2.74
CA PRO B 82 -15.22 30.71 4.07
C PRO B 82 -16.51 31.50 3.99
N ALA B 83 -17.35 31.32 5.00
CA ALA B 83 -18.55 32.14 5.10
C ALA B 83 -18.17 33.61 5.03
N ALA B 84 -19.12 34.44 4.57
CA ALA B 84 -18.88 35.88 4.60
C ALA B 84 -18.33 36.31 5.95
N ALA B 85 -19.03 35.95 7.03
CA ALA B 85 -18.63 36.28 8.39
C ALA B 85 -17.13 36.07 8.62
N PHE B 86 -16.54 35.05 7.98
CA PHE B 86 -15.12 34.80 8.16
C PHE B 86 -14.27 35.68 7.25
N GLN B 87 -14.64 35.81 5.98
CA GLN B 87 -13.85 36.59 5.04
C GLN B 87 -13.59 38.00 5.55
N ASP B 88 -14.56 38.58 6.28
CA ASP B 88 -14.40 39.94 6.78
C ASP B 88 -13.45 40.04 7.96
N LYS B 89 -13.12 38.92 8.60
CA LYS B 89 -12.18 38.94 9.71
C LYS B 89 -10.75 39.22 9.28
N LEU B 90 -10.47 39.29 7.98
CA LEU B 90 -9.12 39.46 7.46
C LEU B 90 -9.08 40.65 6.50
N TYR B 91 -7.92 41.28 6.41
CA TYR B 91 -7.74 42.41 5.51
C TYR B 91 -7.97 41.96 4.07
N PRO B 92 -8.69 42.75 3.27
CA PRO B 92 -8.95 42.33 1.87
C PRO B 92 -7.70 41.99 1.08
N PHE B 93 -6.68 42.85 1.08
CA PHE B 93 -5.51 42.61 0.24
C PHE B 93 -4.81 41.31 0.57
N THR B 94 -4.98 40.77 1.78
CA THR B 94 -4.44 39.45 2.09
C THR B 94 -5.27 38.33 1.48
N TRP B 95 -6.55 38.57 1.20
CA TRP B 95 -7.33 37.61 0.42
C TRP B 95 -6.89 37.63 -1.04
N ASP B 96 -6.55 38.81 -1.56
CA ASP B 96 -6.12 38.91 -2.95
C ASP B 96 -4.85 38.11 -3.19
N ALA B 97 -3.94 38.08 -2.21
CA ALA B 97 -2.70 37.33 -2.37
C ALA B 97 -2.95 35.85 -2.60
N VAL B 98 -4.06 35.32 -2.08
CA VAL B 98 -4.33 33.89 -2.08
C VAL B 98 -5.51 33.55 -3.00
N ARG B 99 -5.88 34.44 -3.90
CA ARG B 99 -6.91 34.16 -4.89
C ARG B 99 -6.25 34.02 -6.26
N TYR B 100 -6.56 32.91 -6.94
CA TYR B 100 -5.94 32.57 -8.21
C TYR B 100 -7.04 32.13 -9.16
N ASN B 101 -7.22 32.87 -10.26
CA ASN B 101 -8.32 32.64 -11.18
C ASN B 101 -9.66 32.76 -10.47
N GLY B 102 -9.80 33.84 -9.70
CA GLY B 102 -11.06 34.16 -9.04
C GLY B 102 -11.39 33.31 -7.83
N LYS B 103 -10.57 32.33 -7.47
CA LYS B 103 -10.88 31.42 -6.38
C LYS B 103 -9.81 31.49 -5.31
N LEU B 104 -10.25 31.52 -4.05
CA LEU B 104 -9.33 31.49 -2.92
C LEU B 104 -8.75 30.09 -2.78
N ILE B 105 -7.42 30.01 -2.72
CA ILE B 105 -6.71 28.74 -2.75
C ILE B 105 -5.97 28.44 -1.45
N ALA B 106 -6.12 29.28 -0.44
CA ALA B 106 -5.52 29.06 0.88
C ALA B 106 -6.01 30.16 1.81
N TYR B 107 -5.74 29.99 3.09
CA TYR B 107 -6.07 31.00 4.09
C TYR B 107 -4.84 31.88 4.33
N PRO B 108 -4.90 33.18 4.03
CA PRO B 108 -3.78 34.06 4.37
C PRO B 108 -3.65 34.21 5.87
N ILE B 109 -2.40 34.29 6.35
CA ILE B 109 -2.11 34.26 7.77
C ILE B 109 -1.36 35.50 8.22
N ALA B 110 -0.30 35.88 7.50
CA ALA B 110 0.54 36.98 7.92
C ALA B 110 1.29 37.53 6.72
N VAL B 111 1.58 38.84 6.79
CA VAL B 111 2.31 39.54 5.74
C VAL B 111 3.76 39.67 6.19
N GLU B 112 4.68 39.26 5.33
CA GLU B 112 6.11 39.25 5.65
C GLU B 112 6.86 40.17 4.70
N ALA B 113 7.76 40.99 5.27
CA ALA B 113 8.67 41.80 4.48
C ALA B 113 10.02 41.83 5.19
N LEU B 114 11.09 41.75 4.41
CA LEU B 114 12.43 41.85 4.96
C LEU B 114 12.71 43.26 5.46
N SER B 115 13.45 43.36 6.56
CA SER B 115 13.89 44.64 7.08
C SER B 115 15.38 44.56 7.40
N LEU B 116 15.97 45.73 7.64
CA LEU B 116 17.34 45.78 8.14
C LEU B 116 17.32 45.63 9.65
N ILE B 117 18.04 44.61 10.14
CA ILE B 117 18.19 44.36 11.57
C ILE B 117 19.62 44.70 11.96
N TYR B 118 19.77 45.52 13.00
CA TYR B 118 21.09 46.01 13.38
C TYR B 118 21.31 45.89 14.89
N ASN B 119 22.59 45.78 15.25
CA ASN B 119 23.02 45.69 16.65
C ASN B 119 23.30 47.10 17.16
N LYS B 120 22.44 47.59 18.06
CA LYS B 120 22.56 48.97 18.52
C LYS B 120 23.87 49.21 19.25
N ASP B 121 24.40 48.19 19.94
CA ASP B 121 25.63 48.38 20.71
C ASP B 121 26.83 48.56 19.79
N LEU B 122 26.92 47.78 18.72
CA LEU B 122 27.99 47.94 17.75
C LEU B 122 27.73 49.06 16.76
N LEU B 123 26.46 49.41 16.54
CA LEU B 123 26.08 50.36 15.50
C LEU B 123 24.84 51.12 15.96
N PRO B 124 25.02 52.10 16.84
CA PRO B 124 23.86 52.89 17.28
C PRO B 124 23.12 53.56 16.15
N ASN B 125 23.83 53.98 15.10
CA ASN B 125 23.22 54.65 13.95
C ASN B 125 23.44 53.82 12.70
N PRO B 126 22.44 53.05 12.26
CA PRO B 126 22.65 52.18 11.10
C PRO B 126 22.72 52.99 9.82
N PRO B 127 23.39 52.48 8.78
CA PRO B 127 23.53 53.24 7.55
C PRO B 127 22.20 53.38 6.81
N LYS B 128 22.00 54.53 6.20
CA LYS B 128 20.83 54.76 5.36
C LYS B 128 21.05 54.32 3.92
N THR B 129 22.28 54.00 3.53
CA THR B 129 22.62 53.70 2.15
C THR B 129 23.45 52.42 2.07
N TRP B 130 23.23 51.66 0.99
CA TRP B 130 24.14 50.56 0.69
C TRP B 130 25.55 51.05 0.42
N GLU B 131 25.68 52.25 -0.15
CA GLU B 131 26.97 52.73 -0.61
C GLU B 131 27.97 52.95 0.53
N GLU B 132 27.50 53.16 1.75
CA GLU B 132 28.39 53.41 2.87
C GLU B 132 28.72 52.16 3.67
N ILE B 133 28.21 51.00 3.26
CA ILE B 133 28.47 49.75 3.99
C ILE B 133 29.93 49.36 3.84
N PRO B 134 30.54 49.45 2.66
CA PRO B 134 31.97 49.08 2.54
C PRO B 134 32.86 49.81 3.52
N ALA B 135 32.73 51.14 3.62
CA ALA B 135 33.53 51.88 4.59
C ALA B 135 33.21 51.44 6.02
N LEU B 136 31.93 51.22 6.31
CA LEU B 136 31.56 50.79 7.65
C LEU B 136 32.19 49.44 8.00
N ASP B 137 32.27 48.53 7.02
CA ASP B 137 32.89 47.24 7.27
C ASP B 137 34.38 47.38 7.54
N LYS B 138 35.05 48.28 6.81
CA LYS B 138 36.47 48.53 7.07
C LYS B 138 36.69 49.02 8.49
N GLU B 139 35.79 49.88 8.99
CA GLU B 139 35.89 50.36 10.36
C GLU B 139 35.64 49.24 11.36
N LEU B 140 34.69 48.36 11.07
CA LEU B 140 34.36 47.28 11.99
C LEU B 140 35.35 46.13 11.91
N LYS B 141 35.99 45.93 10.75
CA LYS B 141 36.98 44.86 10.63
C LYS B 141 38.16 45.10 11.57
N ALA B 142 38.50 46.36 11.84
CA ALA B 142 39.58 46.67 12.75
C ALA B 142 39.24 46.31 14.19
N LYS B 143 37.95 46.16 14.52
CA LYS B 143 37.52 45.72 15.83
C LYS B 143 37.19 44.23 15.89
N GLY B 144 37.51 43.49 14.83
CA GLY B 144 37.20 42.07 14.79
C GLY B 144 35.77 41.74 14.43
N LYS B 145 34.99 42.71 13.99
CA LYS B 145 33.61 42.51 13.58
C LYS B 145 33.48 42.69 12.07
N SER B 146 32.25 42.54 11.59
CA SER B 146 31.90 42.80 10.21
C SER B 146 30.65 43.66 10.16
N ALA B 147 30.44 44.32 9.01
CA ALA B 147 29.31 45.23 8.88
C ALA B 147 27.99 44.49 8.68
N LEU B 148 27.96 43.54 7.74
CA LEU B 148 26.69 42.98 7.31
C LEU B 148 26.87 41.54 6.85
N MET B 149 25.97 40.67 7.28
CA MET B 149 25.92 39.30 6.81
C MET B 149 24.47 38.88 6.63
N PHE B 150 24.16 38.30 5.47
CA PHE B 150 22.81 37.80 5.23
C PHE B 150 22.87 36.68 4.21
N ASN B 151 21.77 35.93 4.13
CA ASN B 151 21.66 34.73 3.29
C ASN B 151 21.84 35.06 1.82
N LEU B 152 22.98 34.67 1.24
CA LEU B 152 23.26 34.88 -0.17
C LEU B 152 22.90 33.68 -1.04
N GLN B 153 22.37 32.62 -0.45
CA GLN B 153 21.99 31.44 -1.21
C GLN B 153 20.55 31.50 -1.71
N GLU B 154 19.71 32.34 -1.12
CA GLU B 154 18.32 32.46 -1.53
C GLU B 154 18.08 33.84 -2.11
N PRO B 155 17.66 33.95 -3.38
CA PRO B 155 17.52 35.27 -3.99
C PRO B 155 16.49 36.16 -3.32
N TYR B 156 15.60 35.60 -2.50
CA TYR B 156 14.67 36.40 -1.72
C TYR B 156 15.39 37.53 -0.98
N PHE B 157 16.58 37.23 -0.43
CA PHE B 157 17.29 38.18 0.41
C PHE B 157 18.06 39.22 -0.39
N THR B 158 18.45 38.88 -1.62
CA THR B 158 19.16 39.83 -2.47
C THR B 158 18.23 40.61 -3.38
N TRP B 159 16.99 40.16 -3.54
CA TRP B 159 16.07 40.86 -4.44
C TRP B 159 15.83 42.31 -4.06
N PRO B 160 15.75 42.70 -2.80
CA PRO B 160 15.54 44.13 -2.48
C PRO B 160 16.57 45.02 -3.14
N LEU B 161 17.83 44.58 -3.18
CA LEU B 161 18.89 45.38 -3.79
C LEU B 161 18.84 45.31 -5.31
N ILE B 162 18.48 44.13 -5.86
CA ILE B 162 18.39 43.99 -7.31
C ILE B 162 17.28 44.87 -7.87
N ALA B 163 16.18 45.00 -7.13
CA ALA B 163 15.04 45.77 -7.60
C ALA B 163 15.15 47.25 -7.31
N ALA B 164 16.11 47.67 -6.49
CA ALA B 164 16.16 49.07 -6.03
C ALA B 164 16.27 50.03 -7.21
N ASP B 165 17.16 49.74 -8.16
CA ASP B 165 17.41 50.65 -9.26
C ASP B 165 16.67 50.27 -10.54
N GLY B 166 15.69 49.37 -10.47
CA GLY B 166 14.87 49.11 -11.64
C GLY B 166 14.56 47.66 -11.93
N GLY B 167 15.29 46.74 -11.31
CA GLY B 167 15.00 45.33 -11.53
C GLY B 167 13.58 44.97 -11.16
N TYR B 168 13.01 44.02 -11.90
CA TYR B 168 11.70 43.51 -11.59
C TYR B 168 11.57 42.09 -12.12
N ALA B 169 10.62 41.33 -11.57
CA ALA B 169 10.43 39.95 -12.00
C ALA B 169 9.61 39.90 -13.29
N PHE B 170 8.31 40.16 -13.18
CA PHE B 170 7.41 40.20 -14.33
C PHE B 170 6.63 41.51 -14.28
N LYS B 171 6.69 42.29 -15.36
CA LYS B 171 5.97 43.55 -15.38
C LYS B 171 4.46 43.31 -15.38
N TYR B 172 3.76 44.13 -14.59
CA TYR B 172 2.30 44.08 -14.49
C TYR B 172 1.72 45.22 -15.32
N ALA B 173 0.89 44.86 -16.30
CA ALA B 173 0.24 45.86 -17.14
C ALA B 173 -1.07 45.30 -17.65
N ALA B 174 -2.04 46.19 -17.84
CA ALA B 174 -3.37 45.80 -18.33
C ALA B 174 -4.03 44.78 -17.40
N GLY B 175 -3.82 44.95 -16.09
CA GLY B 175 -4.43 44.10 -15.10
C GLY B 175 -3.91 42.68 -15.04
N LYS B 176 -2.76 42.40 -15.67
CA LYS B 176 -2.24 41.05 -15.72
C LYS B 176 -0.74 41.06 -15.56
N TYR B 177 -0.19 39.92 -15.16
CA TYR B 177 1.25 39.74 -15.12
C TYR B 177 1.70 39.16 -16.45
N ASP B 178 2.53 39.91 -17.16
CA ASP B 178 3.12 39.45 -18.42
C ASP B 178 4.16 38.38 -18.09
N ILE B 179 3.80 37.12 -18.28
CA ILE B 179 4.65 36.00 -17.92
C ILE B 179 5.89 35.99 -18.81
N LYS B 180 5.95 36.91 -19.77
CA LYS B 180 7.04 36.94 -20.73
C LYS B 180 7.69 38.33 -20.84
N ASP B 181 7.44 39.22 -19.88
CA ASP B 181 8.18 40.47 -19.74
C ASP B 181 8.94 40.39 -18.42
N VAL B 182 10.24 40.16 -18.50
CA VAL B 182 11.08 39.91 -17.33
C VAL B 182 12.08 41.04 -17.17
N GLY B 183 12.32 41.45 -15.93
CA GLY B 183 13.20 42.57 -15.66
C GLY B 183 14.45 42.21 -14.89
N VAL B 184 14.93 40.98 -15.04
CA VAL B 184 16.12 40.54 -14.30
C VAL B 184 17.43 40.90 -14.99
N ASP B 185 17.38 41.42 -16.23
CA ASP B 185 18.58 41.70 -17.00
C ASP B 185 18.74 43.18 -17.35
N ASN B 186 17.90 44.07 -16.83
CA ASN B 186 17.99 45.47 -17.20
C ASN B 186 19.10 46.18 -16.42
N ALA B 187 19.24 47.48 -16.67
CA ALA B 187 20.34 48.24 -16.10
C ALA B 187 20.27 48.28 -14.59
N GLY B 188 19.06 48.42 -14.03
CA GLY B 188 18.92 48.46 -12.59
C GLY B 188 19.31 47.15 -11.92
N ALA B 189 18.86 46.03 -12.49
CA ALA B 189 19.24 44.73 -11.95
C ALA B 189 20.76 44.55 -11.97
N LYS B 190 21.38 44.89 -13.10
CA LYS B 190 22.84 44.82 -13.22
C LYS B 190 23.51 45.66 -12.14
N ALA B 191 23.07 46.92 -11.99
CA ALA B 191 23.64 47.78 -10.98
C ALA B 191 23.56 47.16 -9.59
N GLY B 192 22.41 46.57 -9.26
CA GLY B 192 22.24 45.99 -7.93
C GLY B 192 23.12 44.78 -7.70
N LEU B 193 23.16 43.86 -8.67
CA LEU B 193 23.96 42.65 -8.50
C LEU B 193 25.45 42.95 -8.57
N THR B 194 25.85 43.93 -9.38
CA THR B 194 27.26 44.29 -9.45
C THR B 194 27.76 44.83 -8.12
N PHE B 195 26.93 45.63 -7.43
CA PHE B 195 27.31 46.14 -6.12
C PHE B 195 27.45 45.00 -5.11
N LEU B 196 26.50 44.05 -5.12
CA LEU B 196 26.61 42.90 -4.24
C LEU B 196 27.89 42.12 -4.51
N VAL B 197 28.17 41.86 -5.79
CA VAL B 197 29.38 41.12 -6.15
C VAL B 197 30.63 41.90 -5.75
N ASP B 198 30.59 43.22 -5.93
CA ASP B 198 31.72 44.04 -5.51
C ASP B 198 31.93 43.97 -4.00
N LEU B 199 30.83 43.85 -3.24
CA LEU B 199 30.99 43.65 -1.80
C LEU B 199 31.77 42.37 -1.51
N ILE B 200 31.50 41.31 -2.27
CA ILE B 200 32.23 40.06 -2.12
C ILE B 200 33.66 40.22 -2.61
N LYS B 201 33.84 40.80 -3.80
CA LYS B 201 35.18 40.99 -4.36
C LYS B 201 36.09 41.73 -3.40
N ASN B 202 35.57 42.77 -2.75
CA ASN B 202 36.33 43.56 -1.80
C ASN B 202 36.32 42.96 -0.39
N LYS B 203 35.81 41.74 -0.24
CA LYS B 203 35.91 40.97 0.99
C LYS B 203 35.07 41.56 2.13
N HIS B 204 33.99 42.25 1.79
CA HIS B 204 33.04 42.70 2.80
C HIS B 204 31.93 41.69 3.05
N MET B 205 31.78 40.71 2.15
CA MET B 205 30.89 39.58 2.34
C MET B 205 31.54 38.36 1.69
N ASN B 206 31.05 37.18 2.07
CA ASN B 206 31.54 35.93 1.52
C ASN B 206 30.43 35.26 0.70
N ALA B 207 30.79 34.81 -0.50
CA ALA B 207 29.79 34.25 -1.41
C ALA B 207 29.03 33.07 -0.81
N ASP B 208 29.64 32.33 0.12
CA ASP B 208 29.00 31.12 0.63
C ASP B 208 28.18 31.36 1.90
N THR B 209 28.03 32.61 2.34
CA THR B 209 27.20 32.88 3.51
C THR B 209 25.76 32.45 3.24
N ASP B 210 25.20 31.68 4.16
CA ASP B 210 23.83 31.19 4.04
C ASP B 210 23.01 31.67 5.25
N TYR B 211 21.79 31.16 5.37
CA TYR B 211 20.90 31.59 6.45
C TYR B 211 21.51 31.29 7.81
N SER B 212 21.99 30.06 7.99
CA SER B 212 22.53 29.66 9.29
C SER B 212 23.77 30.47 9.65
N ILE B 213 24.64 30.72 8.67
CA ILE B 213 25.88 31.44 8.96
C ILE B 213 25.58 32.88 9.34
N ALA B 214 24.67 33.54 8.61
CA ALA B 214 24.36 34.93 8.92
C ALA B 214 23.64 35.07 10.26
N GLU B 215 22.70 34.17 10.55
CA GLU B 215 21.98 34.27 11.82
C GLU B 215 22.90 34.08 13.00
N ALA B 216 23.81 33.09 12.92
CA ALA B 216 24.75 32.86 14.01
C ALA B 216 25.64 34.07 14.23
N ALA B 217 26.16 34.64 13.14
CA ALA B 217 27.07 35.77 13.26
C ALA B 217 26.39 36.96 13.91
N PHE B 218 25.16 37.25 13.53
CA PHE B 218 24.47 38.40 14.12
C PHE B 218 24.08 38.13 15.57
N ASN B 219 23.57 36.92 15.85
CA ASN B 219 23.11 36.62 17.20
C ASN B 219 24.25 36.44 18.19
N LYS B 220 25.45 36.13 17.70
CA LYS B 220 26.64 36.10 18.53
C LYS B 220 27.34 37.45 18.60
N GLY B 221 26.80 38.47 17.95
CA GLY B 221 27.38 39.79 17.98
C GLY B 221 28.63 39.98 17.13
N GLU B 222 28.86 39.10 16.16
CA GLU B 222 30.05 39.19 15.31
C GLU B 222 29.85 40.10 14.11
N THR B 223 28.61 40.34 13.71
CA THR B 223 28.30 41.23 12.60
C THR B 223 27.28 42.25 13.04
N ALA B 224 27.41 43.47 12.50
CA ALA B 224 26.60 44.59 12.97
C ALA B 224 25.20 44.62 12.38
N MET B 225 24.98 43.93 11.26
CA MET B 225 23.68 44.00 10.59
C MET B 225 23.39 42.67 9.91
N THR B 226 22.10 42.40 9.73
CA THR B 226 21.64 41.30 8.91
C THR B 226 20.33 41.73 8.27
N ILE B 227 19.93 41.01 7.21
CA ILE B 227 18.65 41.21 6.57
C ILE B 227 17.81 39.97 6.79
N ASN B 228 16.62 40.13 7.34
CA ASN B 228 15.79 38.98 7.67
C ASN B 228 14.37 39.44 7.95
N GLY B 229 13.49 38.47 8.16
CA GLY B 229 12.08 38.75 8.36
C GLY B 229 11.66 38.63 9.82
N PRO B 230 10.37 38.85 10.07
CA PRO B 230 9.89 38.84 11.46
C PRO B 230 10.16 37.55 12.21
N TRP B 231 10.24 36.41 11.50
CA TRP B 231 10.46 35.14 12.18
C TRP B 231 11.80 35.11 12.91
N ALA B 232 12.78 35.87 12.44
CA ALA B 232 14.13 35.81 13.02
C ALA B 232 14.21 36.45 14.39
N TRP B 233 13.19 37.22 14.81
CA TRP B 233 13.35 38.09 15.97
C TRP B 233 13.47 37.28 17.26
N SER B 234 12.67 36.21 17.42
CA SER B 234 12.68 35.47 18.66
C SER B 234 14.08 34.94 18.99
N ASN B 235 14.81 34.46 17.97
CA ASN B 235 16.16 33.98 18.20
C ASN B 235 17.09 35.11 18.60
N ILE B 236 16.90 36.31 18.04
CA ILE B 236 17.69 37.44 18.48
C ILE B 236 17.32 37.82 19.92
N ASP B 237 16.04 37.67 20.27
CA ASP B 237 15.63 37.95 21.64
C ASP B 237 16.34 37.06 22.64
N THR B 238 16.50 35.77 22.31
CA THR B 238 17.15 34.85 23.24
C THR B 238 18.64 35.12 23.35
N SER B 239 19.23 35.87 22.42
CA SER B 239 20.63 36.23 22.48
C SER B 239 20.80 37.50 23.32
N ALA B 240 22.05 37.89 23.54
CA ALA B 240 22.37 39.07 24.34
C ALA B 240 22.44 40.34 23.50
N VAL B 241 21.93 40.32 22.27
CA VAL B 241 22.10 41.42 21.34
C VAL B 241 20.92 42.38 21.47
N ASN B 242 21.22 43.65 21.72
CA ASN B 242 20.23 44.71 21.68
C ASN B 242 20.10 45.19 20.24
N TYR B 243 19.01 44.83 19.58
CA TYR B 243 18.86 45.03 18.15
C TYR B 243 17.74 46.00 17.84
N GLY B 244 17.87 46.63 16.67
CA GLY B 244 16.82 47.46 16.12
C GLY B 244 16.40 46.96 14.74
N VAL B 245 15.16 47.26 14.35
CA VAL B 245 14.60 46.85 13.07
C VAL B 245 14.17 48.11 12.33
N THR B 246 14.67 48.29 11.11
CA THR B 246 14.51 49.58 10.45
C THR B 246 14.42 49.40 8.94
N VAL B 247 14.25 50.53 8.24
CA VAL B 247 14.15 50.52 6.78
C VAL B 247 15.43 49.99 6.18
N LEU B 248 15.30 49.27 5.07
CA LEU B 248 16.47 48.80 4.35
C LEU B 248 17.22 49.98 3.76
N PRO B 249 18.52 49.81 3.49
CA PRO B 249 19.29 50.91 2.92
C PRO B 249 18.88 51.20 1.49
N THR B 250 18.98 52.47 1.12
CA THR B 250 18.77 52.86 -0.28
C THR B 250 19.99 52.47 -1.12
N PHE B 251 19.79 52.44 -2.42
CA PHE B 251 20.85 52.16 -3.38
C PHE B 251 20.68 53.10 -4.55
N LYS B 252 21.71 53.89 -4.83
CA LYS B 252 21.60 54.98 -5.82
C LYS B 252 20.41 55.87 -5.51
N GLY B 253 20.20 56.13 -4.21
CA GLY B 253 19.15 57.03 -3.76
C GLY B 253 17.76 56.47 -3.79
N GLN B 254 17.56 55.24 -4.25
CA GLN B 254 16.23 54.64 -4.32
C GLN B 254 16.05 53.61 -3.21
N PRO B 255 14.83 53.42 -2.72
CA PRO B 255 14.60 52.44 -1.67
C PRO B 255 14.89 51.03 -2.15
N SER B 256 15.27 50.17 -1.21
CA SER B 256 15.26 48.74 -1.48
C SER B 256 13.82 48.26 -1.52
N LYS B 257 13.51 47.38 -2.48
CA LYS B 257 12.13 47.00 -2.77
C LYS B 257 11.96 45.51 -2.56
N PRO B 258 11.67 45.11 -1.36
CA PRO B 258 11.53 43.69 -1.11
C PRO B 258 10.24 43.11 -1.66
N PHE B 259 10.27 41.81 -1.91
CA PHE B 259 9.15 41.11 -2.42
C PHE B 259 8.43 40.70 -1.22
N VAL B 260 7.17 41.06 -1.15
CA VAL B 260 6.39 40.79 0.01
C VAL B 260 5.61 39.53 -0.08
N GLY B 261 5.72 38.72 0.94
CA GLY B 261 5.04 37.45 0.96
C GLY B 261 3.87 37.45 1.93
N VAL B 262 2.90 36.58 1.66
CA VAL B 262 1.77 36.36 2.54
C VAL B 262 1.80 34.87 2.90
N LEU B 263 2.31 34.56 4.09
CA LEU B 263 2.25 33.19 4.57
C LEU B 263 0.80 32.70 4.59
N SER B 264 0.57 31.55 3.96
CA SER B 264 -0.77 31.02 3.79
C SER B 264 -0.78 29.55 4.14
N ALA B 265 -2.00 29.02 4.33
CA ALA B 265 -2.21 27.62 4.64
C ALA B 265 -3.22 27.06 3.64
N GLY B 266 -2.73 26.29 2.67
CA GLY B 266 -3.60 25.63 1.73
C GLY B 266 -3.97 24.24 2.19
N ILE B 267 -5.17 23.81 1.81
CA ILE B 267 -5.71 22.51 2.18
C ILE B 267 -5.44 21.55 1.02
N ASN B 268 -4.85 20.41 1.34
CA ASN B 268 -4.55 19.41 0.31
C ASN B 268 -5.83 18.89 -0.32
N ALA B 269 -5.94 19.02 -1.64
CA ALA B 269 -7.14 18.58 -2.34
C ALA B 269 -7.41 17.10 -2.11
N ALA B 270 -6.38 16.32 -1.85
CA ALA B 270 -6.51 14.88 -1.65
C ALA B 270 -6.82 14.51 -0.21
N SER B 271 -7.05 15.48 0.67
CA SER B 271 -7.26 15.19 2.08
C SER B 271 -8.67 14.70 2.34
N PRO B 272 -8.83 13.77 3.29
CA PRO B 272 -10.16 13.41 3.78
C PRO B 272 -10.64 14.25 4.96
N ASN B 273 -9.89 15.29 5.34
CA ASN B 273 -10.17 16.11 6.50
C ASN B 273 -10.31 17.58 6.11
N LYS B 274 -10.92 17.84 4.95
CA LYS B 274 -11.05 19.21 4.48
C LYS B 274 -11.90 20.06 5.43
N GLU B 275 -13.03 19.52 5.87
CA GLU B 275 -13.87 20.24 6.82
C GLU B 275 -13.17 20.34 8.18
N LEU B 276 -12.62 19.22 8.66
CA LEU B 276 -11.86 19.24 9.92
C LEU B 276 -10.74 20.28 9.88
N ALA B 277 -10.16 20.52 8.69
CA ALA B 277 -9.05 21.44 8.58
C ALA B 277 -9.49 22.89 8.65
N LYS B 278 -10.66 23.22 8.10
CA LYS B 278 -11.15 24.59 8.19
C LYS B 278 -11.61 24.90 9.62
N GLU B 279 -12.23 23.92 10.28
CA GLU B 279 -12.57 24.09 11.69
C GLU B 279 -11.32 24.39 12.51
N PHE B 280 -10.19 23.79 12.14
CA PHE B 280 -8.93 24.12 12.80
C PHE B 280 -8.45 25.51 12.39
N LEU B 281 -8.37 25.77 11.09
CA LEU B 281 -7.79 27.02 10.62
C LEU B 281 -8.67 28.21 10.97
N GLU B 282 -9.98 28.08 10.80
CA GLU B 282 -10.88 29.21 10.92
C GLU B 282 -11.14 29.61 12.36
N ASN B 283 -11.44 28.64 13.22
CA ASN B 283 -11.89 28.92 14.57
C ASN B 283 -10.89 28.53 15.65
N TYR B 284 -9.66 28.15 15.26
CA TYR B 284 -8.65 27.85 16.26
C TYR B 284 -7.36 28.62 15.99
N LEU B 285 -6.77 28.43 14.80
CA LEU B 285 -5.55 29.17 14.47
C LEU B 285 -5.84 30.65 14.27
N LEU B 286 -6.66 30.97 13.26
CA LEU B 286 -6.92 32.36 12.91
C LEU B 286 -7.81 33.04 13.95
N THR B 287 -7.35 33.02 15.19
CA THR B 287 -8.02 33.67 16.31
C THR B 287 -6.96 34.33 17.16
N ASP B 288 -7.39 35.32 17.95
CA ASP B 288 -6.44 36.05 18.80
C ASP B 288 -5.52 35.12 19.57
N GLU B 289 -6.11 34.17 20.30
CA GLU B 289 -5.32 33.25 21.11
C GLU B 289 -4.53 32.28 20.26
N GLY B 290 -5.00 31.97 19.05
CA GLY B 290 -4.27 31.05 18.18
C GLY B 290 -3.05 31.70 17.57
N LEU B 291 -3.24 32.85 16.93
CA LEU B 291 -2.10 33.57 16.36
C LEU B 291 -1.10 33.95 17.46
N GLU B 292 -1.60 34.30 18.64
CA GLU B 292 -0.73 34.63 19.76
C GLU B 292 0.23 33.48 20.06
N ALA B 293 -0.32 32.27 20.24
CA ALA B 293 0.52 31.12 20.54
C ALA B 293 1.59 30.91 19.48
N VAL B 294 1.22 31.06 18.20
CA VAL B 294 2.21 30.96 17.13
C VAL B 294 3.18 32.13 17.19
N ASN B 295 2.63 33.35 17.25
CA ASN B 295 3.47 34.54 17.29
C ASN B 295 4.44 34.51 18.46
N LYS B 296 3.99 34.02 19.62
CA LYS B 296 4.87 33.91 20.77
C LYS B 296 6.04 32.98 20.50
N ASP B 297 5.85 32.00 19.62
CA ASP B 297 6.93 31.10 19.21
C ASP B 297 7.91 31.85 18.32
N LYS B 298 7.48 32.17 17.09
CA LYS B 298 8.25 32.96 16.15
C LYS B 298 7.32 34.03 15.57
N PRO B 299 7.69 35.31 15.66
CA PRO B 299 6.79 36.37 15.19
C PRO B 299 6.34 36.13 13.75
N LEU B 300 5.04 36.36 13.51
CA LEU B 300 4.42 36.09 12.22
C LEU B 300 4.58 37.22 11.22
N GLY B 301 4.77 38.44 11.71
CA GLY B 301 4.71 39.62 10.86
C GLY B 301 3.40 40.34 11.06
N ALA B 302 2.89 41.01 10.02
CA ALA B 302 1.60 41.71 10.11
C ALA B 302 0.51 40.69 9.84
N VAL B 303 0.00 40.10 10.91
CA VAL B 303 -0.99 39.03 10.77
C VAL B 303 -2.21 39.55 10.03
N ALA B 304 -2.80 38.69 9.20
CA ALA B 304 -3.93 39.10 8.38
C ALA B 304 -5.21 39.29 9.19
N LEU B 305 -5.30 38.71 10.38
CA LEU B 305 -6.48 38.90 11.22
C LEU B 305 -6.51 40.33 11.74
N LYS B 306 -7.53 41.09 11.35
CA LYS B 306 -7.66 42.49 11.80
C LYS B 306 -7.78 42.54 13.29
N SER B 307 -8.41 41.53 13.81
CA SER B 307 -8.68 41.41 15.20
C SER B 307 -7.37 41.43 16.02
N TYR B 308 -6.35 40.74 15.57
CA TYR B 308 -5.12 40.74 16.32
C TYR B 308 -4.08 41.69 15.75
N GLU B 309 -4.23 42.14 14.52
CA GLU B 309 -3.17 43.00 13.98
C GLU B 309 -3.19 44.39 14.59
N GLU B 310 -4.36 44.87 15.02
CA GLU B 310 -4.40 46.16 15.71
C GLU B 310 -3.55 46.12 16.97
N GLU B 311 -3.42 44.96 17.59
CA GLU B 311 -2.49 44.80 18.71
C GLU B 311 -1.05 44.79 18.21
N LEU B 312 -0.73 43.86 17.29
CA LEU B 312 0.64 43.72 16.82
C LEU B 312 1.12 44.96 16.06
N ALA B 313 0.20 45.68 15.43
CA ALA B 313 0.57 46.83 14.60
C ALA B 313 1.29 47.91 15.39
N LYS B 314 1.17 47.92 16.72
CA LYS B 314 1.80 48.94 17.54
C LYS B 314 3.24 48.60 17.90
N ASP B 315 3.70 47.39 17.59
CA ASP B 315 5.10 47.03 17.78
C ASP B 315 5.97 47.79 16.81
N PRO B 316 6.93 48.60 17.27
CA PRO B 316 7.78 49.35 16.33
C PRO B 316 8.47 48.45 15.31
N ARG B 317 8.74 47.19 15.66
CA ARG B 317 9.33 46.28 14.68
C ARG B 317 8.35 45.96 13.56
N ILE B 318 7.06 45.87 13.87
CA ILE B 318 6.06 45.64 12.84
C ILE B 318 5.88 46.89 11.98
N ALA B 319 5.87 48.07 12.60
CA ALA B 319 5.83 49.30 11.84
C ALA B 319 6.98 49.37 10.84
N ALA B 320 8.19 48.98 11.27
CA ALA B 320 9.31 48.96 10.35
C ALA B 320 9.13 47.92 9.26
N THR B 321 8.64 46.73 9.63
CA THR B 321 8.39 45.69 8.64
C THR B 321 7.47 46.20 7.54
N MET B 322 6.41 46.92 7.91
CA MET B 322 5.45 47.42 6.95
C MET B 322 5.93 48.67 6.23
N GLU B 323 6.84 49.43 6.85
CA GLU B 323 7.50 50.51 6.10
C GLU B 323 8.26 49.94 4.92
N ASN B 324 8.97 48.84 5.12
CA ASN B 324 9.66 48.17 4.01
C ASN B 324 8.66 47.57 3.03
N ALA B 325 7.57 46.99 3.54
CA ALA B 325 6.58 46.38 2.65
C ALA B 325 5.95 47.42 1.73
N GLN B 326 5.67 48.61 2.24
CA GLN B 326 5.08 49.64 1.39
C GLN B 326 6.02 50.03 0.26
N LYS B 327 7.33 50.00 0.50
CA LYS B 327 8.31 50.30 -0.53
C LYS B 327 8.55 49.13 -1.47
N GLY B 328 8.11 47.92 -1.11
CA GLY B 328 8.22 46.77 -1.97
C GLY B 328 6.94 46.49 -2.71
N GLU B 329 6.81 45.25 -3.19
CA GLU B 329 5.63 44.81 -3.91
C GLU B 329 5.23 43.43 -3.44
N ILE B 330 3.93 43.14 -3.53
CA ILE B 330 3.47 41.78 -3.24
C ILE B 330 3.92 40.86 -4.36
N MET B 331 4.27 39.62 -4.00
CA MET B 331 4.75 38.68 -4.99
C MET B 331 3.59 38.21 -5.86
N PRO B 332 3.82 38.02 -7.16
CA PRO B 332 2.83 37.28 -7.96
C PRO B 332 2.70 35.87 -7.45
N ASN B 333 1.55 35.26 -7.71
CA ASN B 333 1.30 33.88 -7.31
C ASN B 333 1.27 32.94 -8.52
N ILE B 334 1.62 33.44 -9.70
CA ILE B 334 1.51 32.69 -10.94
C ILE B 334 2.46 31.49 -10.92
N PRO B 335 2.17 30.42 -11.67
CA PRO B 335 3.01 29.23 -11.60
C PRO B 335 4.45 29.44 -12.09
N GLN B 336 4.74 30.52 -12.81
CA GLN B 336 6.10 30.74 -13.31
C GLN B 336 7.02 31.37 -12.27
N MET B 337 6.51 31.76 -11.11
CA MET B 337 7.37 32.26 -10.04
C MET B 337 8.48 31.26 -9.72
N SER B 338 8.14 29.97 -9.73
CA SER B 338 9.14 28.93 -9.46
C SER B 338 10.32 29.04 -10.43
N ALA B 339 10.03 29.17 -11.72
CA ALA B 339 11.10 29.31 -12.71
C ALA B 339 11.88 30.60 -12.52
N PHE B 340 11.17 31.69 -12.20
CA PHE B 340 11.84 32.95 -11.92
C PHE B 340 12.78 32.82 -10.74
N TRP B 341 12.31 32.19 -9.66
CA TRP B 341 13.13 32.10 -8.45
C TRP B 341 14.36 31.22 -8.67
N TYR B 342 14.20 30.09 -9.37
CA TYR B 342 15.35 29.22 -9.65
C TYR B 342 16.38 29.95 -10.51
N ALA B 343 15.90 30.70 -11.51
CA ALA B 343 16.82 31.41 -12.41
C ALA B 343 17.61 32.47 -11.67
N VAL B 344 16.93 33.32 -10.90
CA VAL B 344 17.63 34.38 -10.18
C VAL B 344 18.55 33.78 -9.12
N ARG B 345 18.13 32.70 -8.47
CA ARG B 345 19.01 32.01 -7.54
C ARG B 345 20.31 31.61 -8.23
N THR B 346 20.20 30.98 -9.40
CA THR B 346 21.40 30.58 -10.15
C THR B 346 22.25 31.79 -10.51
N ALA B 347 21.62 32.89 -10.88
CA ALA B 347 22.37 34.09 -11.26
C ALA B 347 23.17 34.63 -10.10
N VAL B 348 22.52 34.86 -8.96
CA VAL B 348 23.21 35.42 -7.80
C VAL B 348 24.37 34.52 -7.38
N ILE B 349 24.10 33.23 -7.25
CA ILE B 349 25.14 32.30 -6.80
C ILE B 349 26.30 32.27 -7.79
N ASN B 350 26.00 32.22 -9.09
CA ASN B 350 27.07 32.10 -10.08
C ASN B 350 27.88 33.40 -10.20
N ALA B 351 27.25 34.55 -9.97
CA ALA B 351 28.01 35.80 -10.00
C ALA B 351 28.77 36.01 -8.69
N ALA B 352 28.14 35.66 -7.56
CA ALA B 352 28.83 35.79 -6.28
C ALA B 352 30.11 34.96 -6.24
N SER B 353 30.07 33.76 -6.83
CA SER B 353 31.22 32.86 -6.81
C SER B 353 32.24 33.17 -7.88
N GLY B 354 31.91 33.99 -8.84
CA GLY B 354 32.88 34.27 -9.84
C GLY B 354 32.84 33.31 -10.98
N ARG B 355 31.88 32.42 -10.95
CA ARG B 355 31.77 31.50 -12.04
C ARG B 355 31.28 32.17 -13.31
N GLN B 356 30.50 33.23 -13.18
CA GLN B 356 30.08 33.96 -14.33
C GLN B 356 30.18 35.43 -14.03
N THR B 357 30.29 36.28 -15.06
CA THR B 357 30.16 37.72 -14.88
C THR B 357 28.71 38.06 -14.57
N VAL B 358 28.51 39.25 -14.00
CA VAL B 358 27.14 39.70 -13.73
C VAL B 358 26.33 39.72 -15.02
N ASP B 359 26.92 40.26 -16.09
CA ASP B 359 26.24 40.30 -17.38
C ASP B 359 25.78 38.92 -17.82
N ALA B 360 26.68 37.94 -17.73
CA ALA B 360 26.35 36.60 -18.22
C ALA B 360 25.35 35.91 -17.30
N ALA B 361 25.48 36.10 -16.00
CA ALA B 361 24.56 35.47 -15.06
C ALA B 361 23.13 35.96 -15.28
N LEU B 362 22.93 37.28 -15.28
CA LEU B 362 21.59 37.83 -15.41
C LEU B 362 21.03 37.62 -16.82
N ALA B 363 21.89 37.63 -17.84
CA ALA B 363 21.43 37.33 -19.19
C ALA B 363 20.80 35.95 -19.24
N ALA B 364 21.50 34.94 -18.71
CA ALA B 364 20.94 33.59 -18.66
C ALA B 364 19.71 33.54 -17.77
N ALA B 365 19.72 34.28 -16.66
CA ALA B 365 18.56 34.28 -15.77
C ALA B 365 17.31 34.74 -16.49
N GLN B 366 17.43 35.77 -17.34
CA GLN B 366 16.27 36.29 -18.05
C GLN B 366 15.61 35.21 -18.89
N THR B 367 16.41 34.48 -19.68
CA THR B 367 15.85 33.43 -20.52
C THR B 367 15.35 32.25 -19.69
N ASN B 368 15.98 31.97 -18.55
CA ASN B 368 15.55 30.86 -17.72
C ASN B 368 14.21 31.14 -17.05
N ALA B 369 14.04 32.34 -16.49
CA ALA B 369 12.76 32.71 -15.91
C ALA B 369 11.65 32.74 -16.95
N ALA B 370 12.00 32.70 -18.24
CA ALA B 370 11.03 32.63 -19.31
C ALA B 370 10.69 31.20 -19.72
N ARG B 371 11.63 30.27 -19.52
CA ARG B 371 11.53 28.95 -20.10
C ARG B 371 10.20 28.27 -19.75
N ARG B 372 9.55 27.73 -20.78
CA ARG B 372 8.42 26.84 -20.59
C ARG B 372 8.91 25.45 -20.22
N LYS B 373 8.27 24.85 -19.23
CA LYS B 373 8.59 23.48 -18.85
C LYS B 373 7.77 22.53 -19.72
N PRO B 374 8.40 21.61 -20.44
CA PRO B 374 7.63 20.74 -21.35
C PRO B 374 6.65 19.89 -20.57
N SER B 375 5.45 19.72 -21.14
CA SER B 375 4.41 18.95 -20.49
C SER B 375 4.80 17.47 -20.40
N TRP B 376 4.09 16.73 -19.55
CA TRP B 376 4.29 15.29 -19.51
C TRP B 376 4.12 14.69 -20.90
N ARG B 377 3.06 15.07 -21.60
CA ARG B 377 2.78 14.51 -22.91
C ARG B 377 3.90 14.82 -23.89
N GLU B 378 4.45 16.04 -23.83
CA GLU B 378 5.58 16.38 -24.70
C GLU B 378 6.78 15.48 -24.44
N ARG B 379 7.14 15.29 -23.17
CA ARG B 379 8.19 14.34 -22.82
C ARG B 379 7.87 12.95 -23.36
N GLU B 380 6.63 12.50 -23.18
CA GLU B 380 6.27 11.16 -23.63
C GLU B 380 6.31 11.05 -25.15
N ASN B 381 5.91 12.10 -25.85
CA ASN B 381 6.04 12.11 -27.30
C ASN B 381 7.48 11.87 -27.72
N ASN B 382 8.41 12.57 -27.05
CA ASN B 382 9.82 12.42 -27.36
C ASN B 382 10.32 11.02 -27.04
N ARG B 383 9.97 10.52 -25.84
CA ARG B 383 10.39 9.18 -25.45
C ARG B 383 9.91 8.15 -26.47
N ARG B 384 8.65 8.24 -26.89
CA ARG B 384 8.11 7.27 -27.83
C ARG B 384 8.76 7.40 -29.20
N ARG B 385 8.98 8.63 -29.67
CA ARG B 385 9.57 8.81 -30.98
C ARG B 385 10.94 8.13 -31.06
N GLU B 386 11.74 8.25 -30.01
CA GLU B 386 13.07 7.64 -30.05
C GLU B 386 13.00 6.13 -29.84
N ARG B 387 12.03 5.65 -29.05
CA ARG B 387 11.79 4.21 -28.97
C ARG B 387 11.47 3.64 -30.34
N ARG B 388 10.60 4.32 -31.09
CA ARG B 388 10.22 3.86 -32.42
C ARG B 388 11.39 3.95 -33.38
N ARG B 389 12.19 5.02 -33.28
CA ARG B 389 13.36 5.13 -34.14
C ARG B 389 14.33 3.97 -33.93
N ARG B 390 14.57 3.60 -32.68
CA ARG B 390 15.49 2.49 -32.39
C ARG B 390 14.88 1.16 -32.81
N ALA B 391 13.56 1.01 -32.66
CA ALA B 391 12.92 -0.24 -33.04
C ALA B 391 12.99 -0.44 -34.56
N VAL B 392 12.86 0.64 -35.33
CA VAL B 392 12.91 0.53 -36.78
C VAL B 392 14.31 0.11 -37.23
N ALA B 393 15.33 0.79 -36.71
CA ALA B 393 16.70 0.41 -37.03
C ALA B 393 16.96 -1.03 -36.61
N ALA B 394 16.54 -1.40 -35.39
CA ALA B 394 16.84 -2.73 -34.89
C ALA B 394 16.24 -3.81 -35.79
N LYS B 395 15.05 -3.58 -36.32
CA LYS B 395 14.45 -4.57 -37.21
C LYS B 395 15.22 -4.66 -38.53
N ILE B 396 15.68 -3.52 -39.04
CA ILE B 396 16.47 -3.54 -40.28
C ILE B 396 17.72 -4.39 -40.08
N TYR B 397 18.48 -4.12 -39.01
CA TYR B 397 19.73 -4.83 -38.80
C TYR B 397 19.51 -6.28 -38.45
N THR B 398 18.38 -6.61 -37.81
CA THR B 398 18.06 -8.01 -37.57
C THR B 398 17.91 -8.77 -38.88
N GLY B 399 17.23 -8.17 -39.86
CA GLY B 399 17.06 -8.85 -41.14
C GLY B 399 18.33 -8.88 -41.96
N LEU B 400 19.13 -7.80 -41.89
CA LEU B 400 20.42 -7.81 -42.59
C LEU B 400 21.33 -8.89 -42.03
N ARG B 401 21.39 -9.02 -40.70
CA ARG B 401 22.21 -10.07 -40.11
C ARG B 401 21.70 -11.44 -40.51
N ALA B 402 20.38 -11.63 -40.52
CA ALA B 402 19.81 -12.95 -40.75
C ALA B 402 19.91 -13.36 -42.22
N GLN B 403 19.59 -12.45 -43.14
CA GLN B 403 19.49 -12.78 -44.55
C GLN B 403 20.65 -12.28 -45.40
N GLY B 404 21.51 -11.40 -44.86
CA GLY B 404 22.53 -10.78 -45.68
C GLY B 404 23.61 -11.74 -46.15
N ASP B 405 23.94 -12.74 -45.32
CA ASP B 405 25.08 -13.62 -45.57
C ASP B 405 26.33 -12.80 -45.89
N TYR B 406 26.46 -11.67 -45.20
CA TYR B 406 27.69 -10.88 -45.29
C TYR B 406 28.84 -11.61 -44.58
N ASN B 407 30.06 -11.33 -45.02
CA ASN B 407 31.24 -11.87 -44.36
C ASN B 407 31.53 -11.01 -43.13
N LEU B 408 30.79 -11.28 -42.07
CA LEU B 408 30.93 -10.52 -40.83
C LEU B 408 31.67 -11.34 -39.78
N PRO B 409 32.36 -10.67 -38.86
CA PRO B 409 32.94 -11.38 -37.72
C PRO B 409 31.85 -12.07 -36.90
N LYS B 410 32.28 -12.99 -36.03
CA LYS B 410 31.32 -13.68 -35.18
C LYS B 410 30.53 -12.69 -34.35
N HIS B 411 31.20 -11.70 -33.78
CA HIS B 411 30.55 -10.61 -33.04
C HIS B 411 30.97 -9.30 -33.67
N CYS B 412 29.99 -8.48 -34.03
CA CYS B 412 30.26 -7.19 -34.64
C CYS B 412 29.07 -6.28 -34.39
N ASP B 413 29.30 -4.98 -34.41
CA ASP B 413 28.23 -4.02 -34.15
C ASP B 413 27.51 -3.68 -35.46
N ASN B 414 26.42 -2.93 -35.32
CA ASN B 414 25.59 -2.64 -36.49
C ASN B 414 26.35 -1.80 -37.51
N ASN B 415 27.30 -0.98 -37.07
CA ASN B 415 28.13 -0.22 -38.01
C ASN B 415 28.83 -1.15 -39.00
N GLU B 416 29.31 -2.30 -38.52
CA GLU B 416 29.97 -3.24 -39.41
C GLU B 416 28.98 -3.84 -40.41
N VAL B 417 27.77 -4.18 -39.94
CA VAL B 417 26.72 -4.60 -40.85
C VAL B 417 26.45 -3.51 -41.87
N LEU B 418 26.28 -2.27 -41.40
CA LEU B 418 26.05 -1.15 -42.30
C LEU B 418 27.14 -1.04 -43.36
N LYS B 419 28.40 -1.25 -42.97
CA LYS B 419 29.49 -1.23 -43.93
C LYS B 419 29.32 -2.33 -44.98
N ALA B 420 29.00 -3.55 -44.54
CA ALA B 420 28.82 -4.65 -45.48
C ALA B 420 27.64 -4.38 -46.41
N LEU B 421 26.60 -3.71 -45.91
CA LEU B 421 25.50 -3.30 -46.78
C LEU B 421 25.97 -2.24 -47.77
N CYS B 422 26.85 -1.34 -47.34
CA CYS B 422 27.35 -0.29 -48.23
C CYS B 422 28.14 -0.88 -49.39
N VAL B 423 29.12 -1.73 -49.10
CA VAL B 423 29.94 -2.30 -50.16
C VAL B 423 29.07 -3.06 -51.15
N GLU B 424 28.04 -3.75 -50.64
CA GLU B 424 27.14 -4.46 -51.55
C GLU B 424 26.48 -3.50 -52.53
N ALA B 425 26.13 -2.30 -52.09
CA ALA B 425 25.44 -1.33 -52.90
C ALA B 425 26.38 -0.48 -53.75
N GLY B 426 27.66 -0.83 -53.81
CA GLY B 426 28.61 -0.14 -54.66
C GLY B 426 29.43 0.93 -53.99
N TRP B 427 29.45 0.97 -52.66
CA TRP B 427 30.14 2.01 -51.91
C TRP B 427 31.46 1.52 -51.33
N VAL B 428 32.33 2.46 -51.03
CA VAL B 428 33.54 2.22 -50.26
C VAL B 428 33.38 2.91 -48.91
N VAL B 429 33.74 2.22 -47.84
CA VAL B 429 33.64 2.76 -46.49
C VAL B 429 35.00 2.59 -45.82
N GLU B 430 35.60 3.71 -45.43
CA GLU B 430 36.90 3.67 -44.78
C GLU B 430 36.74 3.24 -43.32
N GLU B 431 37.89 3.12 -42.64
CA GLU B 431 37.89 2.74 -41.23
C GLU B 431 36.99 3.64 -40.41
N ASP B 432 37.11 4.95 -40.60
CA ASP B 432 36.42 5.94 -39.77
C ASP B 432 35.02 6.27 -40.27
N GLY B 433 34.54 5.59 -41.31
CA GLY B 433 33.20 5.79 -41.81
C GLY B 433 33.11 6.66 -43.05
N THR B 434 34.21 7.27 -43.49
CA THR B 434 34.19 8.03 -44.73
C THR B 434 33.71 7.14 -45.87
N THR B 435 32.65 7.57 -46.56
CA THR B 435 31.89 6.72 -47.46
C THR B 435 31.70 7.41 -48.80
N TYR B 436 31.99 6.70 -49.88
CA TYR B 436 31.85 7.25 -51.22
C TYR B 436 31.70 6.11 -52.21
N ARG B 437 31.33 6.46 -53.44
CA ARG B 437 31.17 5.48 -54.52
C ARG B 437 32.48 5.30 -55.30
N MET E 1 1.67 -3.86 -4.67
CA MET E 1 0.33 -3.35 -4.37
C MET E 1 0.32 -1.83 -4.50
N LYS E 2 1.49 -1.23 -4.61
CA LYS E 2 1.64 0.20 -4.85
C LYS E 2 1.79 0.44 -6.34
N ILE E 3 0.93 1.29 -6.90
CA ILE E 3 1.02 1.62 -8.31
C ILE E 3 2.42 2.11 -8.61
N GLU E 4 2.93 1.79 -9.80
CA GLU E 4 4.25 2.21 -10.26
C GLU E 4 4.12 3.14 -11.44
N GLU E 5 4.92 4.19 -11.46
CA GLU E 5 4.91 5.10 -12.60
C GLU E 5 5.45 4.39 -13.84
N GLY E 6 4.82 4.64 -14.98
CA GLY E 6 5.23 4.01 -16.22
C GLY E 6 4.64 2.63 -16.46
N LYS E 7 3.68 2.19 -15.65
CA LYS E 7 2.93 0.98 -15.93
C LYS E 7 1.47 1.23 -15.58
N LEU E 8 0.60 0.36 -16.09
CA LEU E 8 -0.83 0.43 -15.80
C LEU E 8 -1.27 -0.90 -15.19
N VAL E 9 -2.00 -0.82 -14.08
CA VAL E 9 -2.65 -1.98 -13.49
C VAL E 9 -4.15 -1.71 -13.50
N ILE E 10 -4.91 -2.69 -14.02
CA ILE E 10 -6.34 -2.56 -14.21
C ILE E 10 -7.04 -3.69 -13.47
N TRP E 11 -8.11 -3.36 -12.75
CA TRP E 11 -8.97 -4.35 -12.12
C TRP E 11 -10.32 -4.39 -12.82
N ILE E 12 -10.80 -5.60 -13.09
CA ILE E 12 -12.11 -5.82 -13.68
C ILE E 12 -12.68 -7.10 -13.07
N ASN E 13 -14.00 -7.18 -13.05
CA ASN E 13 -14.63 -8.31 -12.38
C ASN E 13 -14.39 -9.61 -13.14
N GLY E 14 -14.37 -10.72 -12.39
CA GLY E 14 -14.07 -12.03 -12.93
C GLY E 14 -15.09 -12.59 -13.91
N ASP E 15 -16.29 -11.99 -14.00
CA ASP E 15 -17.25 -12.46 -14.99
C ASP E 15 -17.17 -11.69 -16.31
N LYS E 16 -16.27 -10.73 -16.42
CA LYS E 16 -16.08 -9.96 -17.64
C LYS E 16 -14.91 -10.53 -18.46
N GLY E 17 -14.76 -10.00 -19.67
CA GLY E 17 -13.72 -10.49 -20.56
C GLY E 17 -12.34 -9.96 -20.26
N TYR E 18 -11.75 -10.37 -19.13
CA TYR E 18 -10.46 -9.80 -18.73
C TYR E 18 -9.32 -10.27 -19.63
N ASN E 19 -9.44 -11.44 -20.26
CA ASN E 19 -8.40 -11.86 -21.20
C ASN E 19 -8.43 -11.02 -22.46
N GLY E 20 -9.63 -10.66 -22.93
CA GLY E 20 -9.72 -9.73 -24.05
C GLY E 20 -9.20 -8.35 -23.70
N LEU E 21 -9.49 -7.88 -22.48
CA LEU E 21 -8.95 -6.59 -22.05
C LEU E 21 -7.44 -6.63 -22.02
N ALA E 22 -6.86 -7.74 -21.59
CA ALA E 22 -5.40 -7.87 -21.60
C ALA E 22 -4.84 -7.79 -23.01
N GLU E 23 -5.59 -8.28 -24.00
CA GLU E 23 -5.15 -8.15 -25.39
C GLU E 23 -5.07 -6.69 -25.79
N VAL E 24 -6.02 -5.87 -25.34
CA VAL E 24 -5.93 -4.43 -25.60
C VAL E 24 -4.70 -3.85 -24.91
N GLY E 25 -4.42 -4.32 -23.69
CA GLY E 25 -3.22 -3.87 -23.00
C GLY E 25 -1.95 -4.30 -23.69
N LYS E 26 -1.93 -5.52 -24.23
CA LYS E 26 -0.75 -5.98 -24.96
C LYS E 26 -0.47 -5.10 -26.16
N LYS E 27 -1.53 -4.60 -26.82
CA LYS E 27 -1.35 -3.71 -27.96
C LYS E 27 -0.86 -2.33 -27.50
N PHE E 28 -1.41 -1.82 -26.40
CA PHE E 28 -0.90 -0.58 -25.82
C PHE E 28 0.59 -0.70 -25.52
N GLU E 29 1.02 -1.84 -24.96
CA GLU E 29 2.43 -2.02 -24.68
C GLU E 29 3.26 -2.06 -25.95
N LYS E 30 2.77 -2.78 -26.96
CA LYS E 30 3.46 -2.81 -28.26
C LYS E 30 3.67 -1.39 -28.79
N ASP E 31 2.63 -0.57 -28.72
CA ASP E 31 2.68 0.77 -29.31
C ASP E 31 3.51 1.76 -28.50
N THR E 32 3.50 1.64 -27.18
CA THR E 32 4.03 2.68 -26.30
C THR E 32 5.17 2.24 -25.41
N GLY E 33 5.39 0.92 -25.23
CA GLY E 33 6.32 0.44 -24.25
C GLY E 33 5.77 0.35 -22.84
N ILE E 34 4.52 0.74 -22.64
CA ILE E 34 3.92 0.77 -21.30
C ILE E 34 3.25 -0.57 -21.03
N LYS E 35 3.75 -1.28 -20.02
CA LYS E 35 3.19 -2.57 -19.66
C LYS E 35 1.84 -2.39 -18.97
N VAL E 36 0.87 -3.23 -19.34
CA VAL E 36 -0.47 -3.18 -18.79
C VAL E 36 -0.80 -4.53 -18.18
N THR E 37 -1.18 -4.52 -16.90
CA THR E 37 -1.50 -5.74 -16.15
C THR E 37 -2.98 -5.72 -15.78
N VAL E 38 -3.72 -6.72 -16.25
CA VAL E 38 -5.15 -6.84 -15.95
C VAL E 38 -5.31 -7.89 -14.87
N GLU E 39 -5.96 -7.50 -13.77
CA GLU E 39 -6.28 -8.41 -12.68
C GLU E 39 -7.78 -8.41 -12.43
N HIS E 40 -8.25 -9.46 -11.77
CA HIS E 40 -9.68 -9.62 -11.45
C HIS E 40 -9.81 -10.18 -10.04
N PRO E 41 -9.38 -9.41 -9.04
CA PRO E 41 -9.51 -9.89 -7.65
C PRO E 41 -10.97 -10.08 -7.27
N ASP E 42 -11.20 -11.02 -6.36
CA ASP E 42 -12.54 -11.27 -5.86
C ASP E 42 -12.98 -10.12 -4.95
N LYS E 43 -14.28 -9.81 -4.99
CA LYS E 43 -14.86 -8.72 -4.22
C LYS E 43 -14.14 -7.40 -4.50
N LEU E 44 -13.73 -7.20 -5.75
CA LEU E 44 -12.95 -6.02 -6.08
C LEU E 44 -13.69 -4.73 -5.77
N GLU E 45 -15.03 -4.74 -5.90
CA GLU E 45 -15.78 -3.53 -5.60
C GLU E 45 -15.73 -3.16 -4.12
N GLU E 46 -15.48 -4.14 -3.24
CA GLU E 46 -15.24 -3.87 -1.83
C GLU E 46 -13.77 -3.63 -1.51
N LYS E 47 -12.88 -4.31 -2.25
CA LYS E 47 -11.44 -4.13 -2.01
C LYS E 47 -10.95 -2.77 -2.47
N PHE E 48 -11.42 -2.29 -3.63
CA PHE E 48 -10.92 -1.02 -4.15
C PHE E 48 -10.96 0.10 -3.12
N PRO E 49 -12.09 0.40 -2.47
CA PRO E 49 -12.09 1.51 -1.50
C PRO E 49 -11.16 1.27 -0.33
N GLN E 50 -10.93 0.02 0.04
CA GLN E 50 -10.02 -0.26 1.15
C GLN E 50 -8.58 0.02 0.76
N VAL E 51 -8.12 -0.56 -0.34
CA VAL E 51 -6.71 -0.39 -0.72
C VAL E 51 -6.46 0.98 -1.31
N ALA E 52 -7.43 1.56 -2.02
CA ALA E 52 -7.23 2.89 -2.58
C ALA E 52 -7.12 3.94 -1.49
N ALA E 53 -7.83 3.76 -0.38
CA ALA E 53 -7.73 4.71 0.73
C ALA E 53 -6.29 4.85 1.20
N THR E 54 -5.57 3.74 1.30
CA THR E 54 -4.18 3.75 1.74
C THR E 54 -3.19 4.06 0.62
N GLY E 55 -3.68 4.42 -0.57
CA GLY E 55 -2.81 4.73 -1.68
C GLY E 55 -2.43 3.55 -2.55
N ASP E 56 -2.77 2.33 -2.17
CA ASP E 56 -2.54 1.16 -2.99
C ASP E 56 -3.67 1.02 -4.02
N GLY E 57 -3.80 -0.14 -4.65
CA GLY E 57 -4.86 -0.34 -5.60
C GLY E 57 -4.47 0.02 -7.02
N PRO E 58 -5.31 -0.32 -7.99
CA PRO E 58 -4.92 -0.23 -9.39
C PRO E 58 -5.03 1.18 -9.94
N ASP E 59 -4.53 1.36 -11.17
CA ASP E 59 -4.67 2.64 -11.85
C ASP E 59 -6.09 2.83 -12.35
N ILE E 60 -6.72 1.76 -12.83
CA ILE E 60 -8.04 1.79 -13.44
C ILE E 60 -8.89 0.72 -12.78
N ILE E 61 -10.15 1.04 -12.49
CA ILE E 61 -11.08 0.08 -11.89
C ILE E 61 -12.34 0.03 -12.75
N PHE E 62 -12.77 -1.19 -13.07
CA PHE E 62 -13.98 -1.44 -13.85
C PHE E 62 -15.07 -1.98 -12.92
N TRP E 63 -16.22 -1.32 -12.92
CA TRP E 63 -17.41 -1.83 -12.26
C TRP E 63 -18.62 -1.17 -12.90
N ALA E 64 -19.80 -1.71 -12.59
CA ALA E 64 -21.01 -0.99 -12.94
C ALA E 64 -21.02 0.36 -12.26
N HIS E 65 -21.68 1.33 -12.91
CA HIS E 65 -21.60 2.72 -12.46
C HIS E 65 -22.18 2.95 -11.07
N ASP E 66 -22.95 2.00 -10.53
CA ASP E 66 -23.66 2.31 -9.28
C ASP E 66 -22.71 2.50 -8.11
N ARG E 67 -21.53 1.85 -8.14
N ARG E 67 -21.54 1.86 -8.11
CA ARG E 67 -20.56 1.93 -7.06
CA ARG E 67 -20.63 1.99 -6.98
C ARG E 67 -19.76 3.22 -7.08
C ARG E 67 -19.72 3.20 -7.08
N PHE E 68 -19.73 3.92 -8.22
CA PHE E 68 -18.72 4.98 -8.42
C PHE E 68 -19.02 6.25 -7.63
N GLY E 69 -20.28 6.57 -7.37
CA GLY E 69 -20.58 7.74 -6.57
C GLY E 69 -19.97 7.66 -5.18
N GLY E 70 -20.06 6.47 -4.55
CA GLY E 70 -19.43 6.29 -3.27
C GLY E 70 -17.91 6.43 -3.35
N TYR E 71 -17.32 5.92 -4.43
CA TYR E 71 -15.88 6.08 -4.62
C TYR E 71 -15.50 7.54 -4.75
N ALA E 72 -16.24 8.29 -5.57
CA ALA E 72 -15.93 9.70 -5.78
C ALA E 72 -16.17 10.50 -4.51
N GLN E 73 -17.25 10.20 -3.79
CA GLN E 73 -17.49 10.88 -2.52
C GLN E 73 -16.33 10.70 -1.55
N SER E 74 -15.67 9.55 -1.59
CA SER E 74 -14.52 9.28 -0.74
C SER E 74 -13.22 9.83 -1.30
N GLY E 75 -13.27 10.53 -2.44
CA GLY E 75 -12.07 11.08 -3.04
C GLY E 75 -11.12 10.07 -3.63
N LEU E 76 -11.65 8.97 -4.18
CA LEU E 76 -10.82 7.92 -4.73
C LEU E 76 -10.69 7.96 -6.24
N LEU E 77 -11.41 8.85 -6.92
CA LEU E 77 -11.45 8.86 -8.38
C LEU E 77 -10.98 10.19 -8.92
N ALA E 78 -10.20 10.15 -9.99
CA ALA E 78 -9.86 11.35 -10.72
C ALA E 78 -11.03 11.78 -11.61
N GLU E 79 -11.20 13.09 -11.75
CA GLU E 79 -12.23 13.59 -12.64
C GLU E 79 -11.87 13.26 -14.08
N ILE E 80 -12.88 12.86 -14.85
CA ILE E 80 -12.71 12.49 -16.25
C ILE E 80 -13.10 13.69 -17.10
N THR E 81 -12.19 14.11 -17.99
CA THR E 81 -12.36 15.33 -18.79
C THR E 81 -12.07 15.04 -20.26
N PRO E 82 -12.96 14.32 -20.94
CA PRO E 82 -12.75 14.07 -22.36
C PRO E 82 -13.01 15.33 -23.18
N ALA E 83 -12.29 15.44 -24.30
CA ALA E 83 -12.60 16.47 -25.27
C ALA E 83 -14.02 16.29 -25.78
N ALA E 84 -14.61 17.38 -26.28
CA ALA E 84 -15.97 17.30 -26.78
C ALA E 84 -16.09 16.27 -27.91
N ALA E 85 -15.08 16.21 -28.79
CA ALA E 85 -15.12 15.26 -29.89
C ALA E 85 -15.20 13.83 -29.38
N PHE E 86 -14.40 13.48 -28.37
CA PHE E 86 -14.50 12.13 -27.83
C PHE E 86 -15.84 11.91 -27.14
N GLN E 87 -16.28 12.88 -26.34
CA GLN E 87 -17.53 12.72 -25.62
C GLN E 87 -18.69 12.43 -26.57
N ASP E 88 -18.72 13.09 -27.73
CA ASP E 88 -19.78 12.91 -28.71
C ASP E 88 -19.77 11.52 -29.34
N LYS E 89 -18.69 10.75 -29.16
CA LYS E 89 -18.61 9.39 -29.69
C LYS E 89 -19.37 8.37 -28.86
N LEU E 90 -19.80 8.73 -27.65
CA LEU E 90 -20.56 7.83 -26.79
C LEU E 90 -21.96 8.38 -26.60
N TYR E 91 -22.92 7.49 -26.34
CA TYR E 91 -24.30 7.92 -26.16
C TYR E 91 -24.41 8.82 -24.94
N PRO E 92 -25.13 9.95 -25.04
CA PRO E 92 -25.25 10.85 -23.89
C PRO E 92 -25.73 10.18 -22.60
N PHE E 93 -26.68 9.26 -22.67
CA PHE E 93 -27.20 8.68 -21.43
C PHE E 93 -26.15 7.83 -20.71
N THR E 94 -25.15 7.32 -21.41
CA THR E 94 -24.08 6.59 -20.72
C THR E 94 -23.17 7.54 -19.95
N TRP E 95 -22.95 8.75 -20.49
CA TRP E 95 -22.25 9.77 -19.70
C TRP E 95 -23.06 10.18 -18.48
N ASP E 96 -24.39 10.28 -18.64
CA ASP E 96 -25.25 10.57 -17.48
C ASP E 96 -24.97 9.60 -16.34
N ALA E 97 -24.80 8.31 -16.68
CA ALA E 97 -24.63 7.30 -15.65
C ALA E 97 -23.37 7.53 -14.81
N VAL E 98 -22.36 8.18 -15.38
CA VAL E 98 -21.10 8.39 -14.68
C VAL E 98 -20.90 9.85 -14.31
N ARG E 99 -21.96 10.66 -14.33
CA ARG E 99 -21.90 12.02 -13.83
C ARG E 99 -22.33 12.02 -12.36
N TYR E 100 -21.53 12.64 -11.51
CA TYR E 100 -21.79 12.68 -10.08
C TYR E 100 -21.45 14.06 -9.55
N ASN E 101 -22.46 14.72 -8.97
CA ASN E 101 -22.33 16.10 -8.52
C ASN E 101 -21.77 16.99 -9.62
N GLY E 102 -22.20 16.73 -10.85
CA GLY E 102 -21.87 17.57 -11.98
C GLY E 102 -20.56 17.28 -12.67
N LYS E 103 -19.79 16.30 -12.20
CA LYS E 103 -18.51 15.95 -12.78
C LYS E 103 -18.55 14.51 -13.28
N LEU E 104 -17.84 14.26 -14.38
CA LEU E 104 -17.69 12.91 -14.88
C LEU E 104 -16.60 12.19 -14.08
N ILE E 105 -16.94 11.02 -13.55
CA ILE E 105 -16.05 10.30 -12.64
C ILE E 105 -15.62 8.95 -13.19
N ALA E 106 -15.97 8.64 -14.45
CA ALA E 106 -15.55 7.39 -15.07
C ALA E 106 -15.88 7.45 -16.55
N TYR E 107 -15.29 6.53 -17.31
CA TYR E 107 -15.64 6.34 -18.71
C TYR E 107 -16.70 5.26 -18.82
N PRO E 108 -17.84 5.52 -19.46
CA PRO E 108 -18.81 4.44 -19.69
C PRO E 108 -18.34 3.53 -20.81
N ILE E 109 -18.54 2.23 -20.61
CA ILE E 109 -18.09 1.20 -21.55
C ILE E 109 -19.25 0.47 -22.20
N ALA E 110 -20.19 -0.04 -21.40
CA ALA E 110 -21.26 -0.85 -21.95
C ALA E 110 -22.47 -0.84 -21.02
N VAL E 111 -23.64 -1.04 -21.62
CA VAL E 111 -24.91 -1.08 -20.92
C VAL E 111 -25.29 -2.55 -20.68
N GLU E 112 -25.54 -2.90 -19.43
CA GLU E 112 -25.87 -4.27 -19.04
C GLU E 112 -27.30 -4.33 -18.50
N ALA E 113 -28.05 -5.31 -19.00
CA ALA E 113 -29.35 -5.64 -18.42
C ALA E 113 -29.53 -7.14 -18.42
N LEU E 114 -30.18 -7.66 -17.38
CA LEU E 114 -30.51 -9.08 -17.33
C LEU E 114 -31.62 -9.38 -18.33
N SER E 115 -31.59 -10.61 -18.86
CA SER E 115 -32.67 -11.12 -19.69
C SER E 115 -32.98 -12.55 -19.27
N LEU E 116 -34.10 -13.05 -19.77
CA LEU E 116 -34.41 -14.46 -19.63
C LEU E 116 -33.66 -15.24 -20.69
N ILE E 117 -32.89 -16.25 -20.27
CA ILE E 117 -32.18 -17.15 -21.16
C ILE E 117 -32.81 -18.53 -21.02
N TYR E 118 -33.13 -19.15 -22.16
CA TYR E 118 -33.89 -20.39 -22.13
C TYR E 118 -33.35 -21.39 -23.14
N ASN E 119 -33.55 -22.66 -22.82
CA ASN E 119 -33.13 -23.79 -23.65
C ASN E 119 -34.23 -24.06 -24.67
N LYS E 120 -33.96 -23.74 -25.95
CA LYS E 120 -34.97 -23.90 -26.98
C LYS E 120 -35.40 -25.35 -27.11
N ASP E 121 -34.47 -26.29 -26.95
CA ASP E 121 -34.79 -27.70 -27.14
C ASP E 121 -35.71 -28.21 -26.02
N LEU E 122 -35.44 -27.82 -24.77
CA LEU E 122 -36.34 -28.20 -23.68
C LEU E 122 -37.61 -27.38 -23.67
N LEU E 123 -37.58 -26.18 -24.24
CA LEU E 123 -38.63 -25.19 -24.05
C LEU E 123 -38.70 -24.30 -25.28
N PRO E 124 -39.35 -24.77 -26.35
CA PRO E 124 -39.44 -23.94 -27.56
C PRO E 124 -40.19 -22.64 -27.33
N ASN E 125 -41.19 -22.65 -26.47
CA ASN E 125 -42.00 -21.47 -26.18
C ASN E 125 -41.79 -21.05 -24.73
N PRO E 126 -40.93 -20.08 -24.45
CA PRO E 126 -40.64 -19.70 -23.06
C PRO E 126 -41.84 -19.05 -22.40
N PRO E 127 -41.89 -19.06 -21.06
CA PRO E 127 -43.05 -18.48 -20.37
C PRO E 127 -43.04 -16.96 -20.44
N LYS E 128 -44.24 -16.39 -20.59
CA LYS E 128 -44.40 -14.95 -20.55
C LYS E 128 -44.63 -14.42 -19.13
N THR E 129 -45.07 -15.29 -18.22
CA THR E 129 -45.42 -14.88 -16.86
C THR E 129 -44.61 -15.68 -15.86
N TRP E 130 -44.24 -15.01 -14.75
CA TRP E 130 -43.70 -15.74 -13.61
C TRP E 130 -44.72 -16.74 -13.07
N GLU E 131 -46.00 -16.40 -13.15
CA GLU E 131 -47.04 -17.21 -12.54
C GLU E 131 -47.14 -18.61 -13.14
N GLU E 132 -46.66 -18.80 -14.37
CA GLU E 132 -46.75 -20.10 -15.01
C GLU E 132 -45.51 -20.96 -14.80
N ILE E 133 -44.49 -20.43 -14.11
CA ILE E 133 -43.27 -21.20 -13.89
C ILE E 133 -43.51 -22.45 -13.04
N PRO E 134 -44.22 -22.37 -11.91
CA PRO E 134 -44.45 -23.59 -11.12
C PRO E 134 -45.01 -24.74 -11.92
N ALA E 135 -46.09 -24.52 -12.67
CA ALA E 135 -46.65 -25.58 -13.50
C ALA E 135 -45.63 -26.07 -14.52
N LEU E 136 -44.82 -25.15 -15.06
CA LEU E 136 -43.77 -25.56 -15.98
C LEU E 136 -42.74 -26.43 -15.28
N ASP E 137 -42.35 -26.06 -14.06
CA ASP E 137 -41.37 -26.84 -13.33
C ASP E 137 -41.87 -28.25 -13.03
N LYS E 138 -43.14 -28.38 -12.65
CA LYS E 138 -43.68 -29.70 -12.36
C LYS E 138 -43.55 -30.61 -13.57
N GLU E 139 -43.86 -30.10 -14.77
CA GLU E 139 -43.76 -30.92 -15.97
C GLU E 139 -42.30 -31.27 -16.28
N LEU E 140 -41.39 -30.32 -16.07
CA LEU E 140 -39.97 -30.59 -16.34
C LEU E 140 -39.39 -31.55 -15.31
N LYS E 141 -39.84 -31.44 -14.06
CA LYS E 141 -39.36 -32.37 -13.03
C LYS E 141 -39.67 -33.81 -13.39
N ALA E 142 -40.81 -34.03 -14.06
CA ALA E 142 -41.15 -35.38 -14.51
C ALA E 142 -40.10 -35.93 -15.48
N LYS E 143 -39.46 -35.05 -16.25
CA LYS E 143 -38.43 -35.43 -17.20
C LYS E 143 -37.02 -35.35 -16.63
N GLY E 144 -36.89 -35.21 -15.31
CA GLY E 144 -35.58 -35.09 -14.70
C GLY E 144 -34.93 -33.73 -14.82
N LYS E 145 -35.69 -32.71 -15.18
CA LYS E 145 -35.19 -31.35 -15.37
C LYS E 145 -35.88 -30.41 -14.38
N SER E 146 -35.45 -29.15 -14.42
CA SER E 146 -36.09 -28.09 -13.65
C SER E 146 -36.37 -26.89 -14.56
N ALA E 147 -37.26 -26.02 -14.10
CA ALA E 147 -37.71 -24.92 -14.95
C ALA E 147 -36.72 -23.75 -14.94
N LEU E 148 -36.36 -23.25 -13.75
CA LEU E 148 -35.60 -22.02 -13.66
C LEU E 148 -34.58 -22.10 -12.53
N MET E 149 -33.35 -21.71 -12.83
CA MET E 149 -32.31 -21.54 -11.81
C MET E 149 -31.56 -20.26 -12.11
N PHE E 150 -31.41 -19.41 -11.09
CA PHE E 150 -30.59 -18.22 -11.21
C PHE E 150 -30.02 -17.88 -9.83
N ASN E 151 -29.02 -17.00 -9.82
CA ASN E 151 -28.28 -16.65 -8.62
C ASN E 151 -29.19 -15.97 -7.60
N LEU E 152 -29.48 -16.66 -6.50
CA LEU E 152 -30.29 -16.12 -5.41
C LEU E 152 -29.46 -15.47 -4.32
N GLN E 153 -28.13 -15.48 -4.47
CA GLN E 153 -27.23 -14.90 -3.48
C GLN E 153 -26.88 -13.44 -3.76
N GLU E 154 -27.17 -12.95 -4.96
CA GLU E 154 -26.92 -11.55 -5.29
C GLU E 154 -28.25 -10.89 -5.64
N PRO E 155 -28.67 -9.86 -4.90
CA PRO E 155 -30.01 -9.29 -5.12
C PRO E 155 -30.20 -8.69 -6.49
N TYR E 156 -29.10 -8.42 -7.21
CA TYR E 156 -29.17 -7.96 -8.59
C TYR E 156 -30.14 -8.81 -9.42
N PHE E 157 -30.13 -10.13 -9.19
CA PHE E 157 -30.88 -11.05 -10.03
C PHE E 157 -32.33 -11.18 -9.58
N THR E 158 -32.60 -10.94 -8.30
CA THR E 158 -33.96 -10.97 -7.80
C THR E 158 -34.64 -9.61 -7.90
N TRP E 159 -33.88 -8.55 -8.13
CA TRP E 159 -34.47 -7.21 -8.18
C TRP E 159 -35.51 -7.06 -9.27
N PRO E 160 -35.34 -7.61 -10.49
CA PRO E 160 -36.38 -7.41 -11.51
C PRO E 160 -37.74 -7.86 -11.03
N LEU E 161 -37.80 -8.97 -10.28
CA LEU E 161 -39.08 -9.45 -9.77
C LEU E 161 -39.59 -8.57 -8.63
N ILE E 162 -38.70 -8.13 -7.74
CA ILE E 162 -39.13 -7.27 -6.64
C ILE E 162 -39.69 -5.96 -7.17
N ALA E 163 -39.09 -5.43 -8.24
CA ALA E 163 -39.50 -4.13 -8.78
C ALA E 163 -40.72 -4.22 -9.69
N ALA E 164 -41.10 -5.43 -10.13
CA ALA E 164 -42.18 -5.55 -11.12
C ALA E 164 -43.46 -4.89 -10.63
N ASP E 165 -43.91 -5.24 -9.43
CA ASP E 165 -45.19 -4.80 -8.92
C ASP E 165 -45.10 -3.53 -8.07
N GLY E 166 -43.95 -2.86 -8.05
CA GLY E 166 -43.87 -1.59 -7.37
C GLY E 166 -42.67 -1.34 -6.49
N GLY E 167 -41.84 -2.36 -6.27
CA GLY E 167 -40.64 -2.16 -5.48
C GLY E 167 -39.72 -1.15 -6.14
N TYR E 168 -39.10 -0.34 -5.32
CA TYR E 168 -38.15 0.64 -5.80
C TYR E 168 -37.05 0.81 -4.77
N ALA E 169 -35.91 1.34 -5.19
CA ALA E 169 -34.83 1.52 -4.29
C ALA E 169 -34.89 2.83 -3.57
N PHE E 170 -34.67 3.93 -4.27
CA PHE E 170 -34.73 5.22 -3.65
C PHE E 170 -35.69 6.04 -4.50
N LYS E 171 -36.65 6.65 -3.86
CA LYS E 171 -37.60 7.47 -4.59
C LYS E 171 -36.88 8.66 -5.21
N TYR E 172 -37.09 8.86 -6.51
CA TYR E 172 -36.64 10.08 -7.16
C TYR E 172 -37.76 11.12 -7.06
N ALA E 173 -37.44 12.28 -6.52
CA ALA E 173 -38.40 13.36 -6.40
C ALA E 173 -37.66 14.68 -6.49
N ALA E 174 -38.17 15.59 -7.32
CA ALA E 174 -37.65 16.95 -7.38
C ALA E 174 -36.18 16.97 -7.79
N GLY E 175 -35.85 16.20 -8.82
CA GLY E 175 -34.52 16.29 -9.36
C GLY E 175 -33.45 15.50 -8.63
N LYS E 176 -33.81 14.71 -7.63
CA LYS E 176 -32.81 14.02 -6.84
C LYS E 176 -33.37 12.71 -6.29
N TYR E 177 -32.47 11.79 -5.98
CA TYR E 177 -32.85 10.60 -5.23
C TYR E 177 -32.93 10.92 -3.75
N ASP E 178 -34.06 10.60 -3.13
CA ASP E 178 -34.27 10.81 -1.71
C ASP E 178 -33.64 9.65 -0.94
N ILE E 179 -32.58 9.93 -0.19
CA ILE E 179 -31.87 8.89 0.55
C ILE E 179 -32.69 8.33 1.70
N LYS E 180 -33.80 8.99 2.05
CA LYS E 180 -34.66 8.57 3.15
C LYS E 180 -35.94 7.88 2.67
N ASP E 181 -36.19 7.83 1.37
CA ASP E 181 -37.42 7.25 0.82
C ASP E 181 -37.03 5.98 0.07
N VAL E 182 -37.02 4.86 0.79
CA VAL E 182 -36.66 3.56 0.25
C VAL E 182 -37.92 2.77 -0.01
N GLY E 183 -37.95 2.03 -1.12
CA GLY E 183 -39.17 1.34 -1.51
C GLY E 183 -39.07 -0.17 -1.52
N VAL E 184 -38.24 -0.74 -0.64
CA VAL E 184 -38.06 -2.19 -0.60
C VAL E 184 -39.02 -2.87 0.37
N ASP E 185 -39.96 -2.12 0.96
CA ASP E 185 -40.89 -2.68 1.93
C ASP E 185 -42.34 -2.38 1.58
N ASN E 186 -42.62 -1.87 0.39
CA ASN E 186 -43.99 -1.55 0.01
C ASN E 186 -44.69 -2.82 -0.52
N ALA E 187 -45.96 -2.65 -0.91
CA ALA E 187 -46.77 -3.80 -1.30
C ALA E 187 -46.15 -4.54 -2.47
N GLY E 188 -45.61 -3.82 -3.45
CA GLY E 188 -45.08 -4.48 -4.63
C GLY E 188 -43.83 -5.30 -4.34
N ALA E 189 -42.92 -4.76 -3.54
CA ALA E 189 -41.73 -5.50 -3.14
C ALA E 189 -42.11 -6.79 -2.42
N LYS E 190 -43.03 -6.68 -1.46
CA LYS E 190 -43.48 -7.86 -0.73
C LYS E 190 -44.10 -8.89 -1.66
N ALA E 191 -44.89 -8.44 -2.63
CA ALA E 191 -45.50 -9.36 -3.58
C ALA E 191 -44.44 -10.14 -4.34
N GLY E 192 -43.43 -9.45 -4.88
CA GLY E 192 -42.41 -10.11 -5.68
C GLY E 192 -41.56 -11.07 -4.87
N LEU E 193 -41.11 -10.64 -3.69
CA LEU E 193 -40.28 -11.53 -2.87
C LEU E 193 -41.09 -12.73 -2.38
N THR E 194 -42.36 -12.51 -2.02
CA THR E 194 -43.19 -13.62 -1.59
C THR E 194 -43.35 -14.66 -2.70
N PHE E 195 -43.47 -14.20 -3.95
CA PHE E 195 -43.52 -15.16 -5.05
C PHE E 195 -42.24 -15.98 -5.10
N LEU E 196 -41.09 -15.33 -4.91
CA LEU E 196 -39.82 -16.04 -4.93
C LEU E 196 -39.74 -17.05 -3.79
N VAL E 197 -40.11 -16.62 -2.58
CA VAL E 197 -40.08 -17.54 -1.43
C VAL E 197 -41.06 -18.69 -1.64
N ASP E 198 -42.23 -18.39 -2.21
CA ASP E 198 -43.20 -19.46 -2.47
C ASP E 198 -42.66 -20.46 -3.48
N LEU E 199 -41.89 -20.00 -4.47
CA LEU E 199 -41.24 -20.94 -5.39
C LEU E 199 -40.35 -21.92 -4.62
N ILE E 200 -39.54 -21.40 -3.70
CA ILE E 200 -38.68 -22.27 -2.89
C ILE E 200 -39.53 -23.20 -2.02
N LYS E 201 -40.52 -22.64 -1.33
CA LYS E 201 -41.37 -23.45 -0.47
C LYS E 201 -41.99 -24.61 -1.24
N ASN E 202 -42.43 -24.36 -2.47
CA ASN E 202 -43.04 -25.39 -3.30
C ASN E 202 -42.01 -26.18 -4.11
N LYS E 203 -40.73 -26.06 -3.77
CA LYS E 203 -39.66 -26.89 -4.34
C LYS E 203 -39.51 -26.69 -5.83
N HIS E 204 -39.72 -25.47 -6.30
CA HIS E 204 -39.39 -25.11 -7.67
C HIS E 204 -38.07 -24.38 -7.78
N MET E 205 -37.44 -24.07 -6.64
CA MET E 205 -36.10 -23.49 -6.59
C MET E 205 -35.51 -23.77 -5.22
N ASN E 206 -34.18 -23.80 -5.17
CA ASN E 206 -33.43 -24.01 -3.93
C ASN E 206 -32.83 -22.70 -3.44
N ALA E 207 -32.95 -22.46 -2.12
CA ALA E 207 -32.46 -21.22 -1.55
C ALA E 207 -30.97 -21.00 -1.81
N ASP E 208 -30.18 -22.07 -1.90
CA ASP E 208 -28.74 -21.92 -1.97
C ASP E 208 -28.18 -21.78 -3.39
N THR E 209 -29.05 -21.73 -4.40
CA THR E 209 -28.56 -21.55 -5.76
C THR E 209 -27.77 -20.24 -5.88
N ASP E 210 -26.55 -20.32 -6.37
CA ASP E 210 -25.72 -19.14 -6.59
C ASP E 210 -25.36 -19.04 -8.07
N TYR E 211 -24.37 -18.21 -8.39
CA TYR E 211 -24.04 -17.96 -9.80
C TYR E 211 -23.55 -19.24 -10.47
N SER E 212 -22.55 -19.89 -9.89
CA SER E 212 -21.93 -21.04 -10.54
C SER E 212 -22.88 -22.23 -10.59
N ILE E 213 -23.73 -22.40 -9.58
CA ILE E 213 -24.69 -23.50 -9.60
C ILE E 213 -25.67 -23.33 -10.76
N ALA E 214 -26.28 -22.14 -10.86
CA ALA E 214 -27.25 -21.90 -11.92
C ALA E 214 -26.59 -21.95 -13.29
N GLU E 215 -25.41 -21.37 -13.44
CA GLU E 215 -24.72 -21.39 -14.73
C GLU E 215 -24.41 -22.82 -15.16
N ALA E 216 -23.94 -23.65 -14.22
CA ALA E 216 -23.62 -25.03 -14.55
C ALA E 216 -24.87 -25.81 -14.94
N ALA E 217 -25.97 -25.61 -14.21
CA ALA E 217 -27.20 -26.33 -14.51
C ALA E 217 -27.75 -25.96 -15.88
N PHE E 218 -27.74 -24.66 -16.22
CA PHE E 218 -28.27 -24.28 -17.52
C PHE E 218 -27.37 -24.79 -18.64
N ASN E 219 -26.06 -24.63 -18.49
CA ASN E 219 -25.13 -24.96 -19.56
C ASN E 219 -24.97 -26.46 -19.75
N LYS E 220 -25.45 -27.27 -18.80
CA LYS E 220 -25.46 -28.72 -18.92
C LYS E 220 -26.80 -29.26 -19.42
N GLY E 221 -27.79 -28.38 -19.62
CA GLY E 221 -29.09 -28.84 -20.05
C GLY E 221 -29.96 -29.41 -18.96
N GLU E 222 -29.69 -29.09 -17.70
CA GLU E 222 -30.47 -29.60 -16.58
C GLU E 222 -31.62 -28.69 -16.20
N THR E 223 -31.51 -27.39 -16.47
CA THR E 223 -32.57 -26.44 -16.20
C THR E 223 -32.94 -25.70 -17.48
N ALA E 224 -34.25 -25.48 -17.66
CA ALA E 224 -34.74 -24.92 -18.92
C ALA E 224 -34.48 -23.43 -19.05
N MET E 225 -34.32 -22.72 -17.94
CA MET E 225 -34.17 -21.27 -17.98
C MET E 225 -33.15 -20.84 -16.95
N THR E 226 -32.52 -19.69 -17.22
CA THR E 226 -31.77 -18.97 -16.20
C THR E 226 -31.94 -17.49 -16.46
N ILE E 227 -31.43 -16.67 -15.55
CA ILE E 227 -31.52 -15.22 -15.65
C ILE E 227 -30.11 -14.69 -15.53
N ASN E 228 -29.64 -13.99 -16.56
CA ASN E 228 -28.25 -13.55 -16.56
C ASN E 228 -28.08 -12.43 -17.57
N GLY E 229 -26.88 -11.87 -17.60
CA GLY E 229 -26.53 -10.80 -18.49
C GLY E 229 -25.66 -11.28 -19.64
N PRO E 230 -25.26 -10.35 -20.51
CA PRO E 230 -24.59 -10.75 -21.75
C PRO E 230 -23.23 -11.40 -21.53
N TRP E 231 -22.55 -11.08 -20.42
CA TRP E 231 -21.28 -11.74 -20.12
C TRP E 231 -21.42 -13.26 -20.11
N ALA E 232 -22.62 -13.76 -19.83
CA ALA E 232 -22.82 -15.20 -19.68
C ALA E 232 -22.90 -15.93 -21.01
N TRP E 233 -23.08 -15.20 -22.12
CA TRP E 233 -23.45 -15.87 -23.36
C TRP E 233 -22.32 -16.75 -23.91
N SER E 234 -21.07 -16.31 -23.75
CA SER E 234 -19.97 -17.04 -24.37
C SER E 234 -19.82 -18.44 -23.77
N ASN E 235 -20.06 -18.57 -22.47
CA ASN E 235 -20.02 -19.89 -21.85
C ASN E 235 -21.14 -20.78 -22.39
N ILE E 236 -22.31 -20.21 -22.64
CA ILE E 236 -23.40 -21.01 -23.22
C ILE E 236 -23.05 -21.43 -24.64
N ASP E 237 -22.46 -20.52 -25.42
CA ASP E 237 -22.01 -20.86 -26.76
C ASP E 237 -21.12 -22.09 -26.74
N THR E 238 -20.18 -22.14 -25.79
CA THR E 238 -19.29 -23.29 -25.69
C THR E 238 -20.03 -24.56 -25.33
N SER E 239 -21.17 -24.44 -24.65
CA SER E 239 -21.94 -25.62 -24.28
C SER E 239 -22.72 -26.13 -25.48
N ALA E 240 -23.38 -27.27 -25.29
CA ALA E 240 -24.21 -27.88 -26.33
C ALA E 240 -25.63 -27.31 -26.36
N VAL E 241 -25.89 -26.27 -25.57
CA VAL E 241 -27.25 -25.77 -25.38
C VAL E 241 -27.59 -24.81 -26.51
N ASN E 242 -28.69 -25.09 -27.21
CA ASN E 242 -29.26 -24.15 -28.17
C ASN E 242 -30.20 -23.23 -27.41
N TYR E 243 -29.81 -21.96 -27.27
CA TYR E 243 -30.47 -21.08 -26.33
C TYR E 243 -31.02 -19.83 -27.01
N GLY E 244 -32.02 -19.24 -26.35
CA GLY E 244 -32.55 -17.95 -26.72
C GLY E 244 -32.43 -16.96 -25.59
N VAL E 245 -32.46 -15.68 -25.92
CA VAL E 245 -32.43 -14.57 -24.97
C VAL E 245 -33.66 -13.72 -25.25
N THR E 246 -34.52 -13.55 -24.24
CA THR E 246 -35.80 -12.90 -24.49
C THR E 246 -36.17 -12.01 -23.31
N VAL E 247 -37.35 -11.41 -23.42
CA VAL E 247 -37.87 -10.53 -22.37
C VAL E 247 -38.12 -11.33 -21.11
N LEU E 248 -37.77 -10.73 -19.97
CA LEU E 248 -38.06 -11.35 -18.68
C LEU E 248 -39.57 -11.61 -18.55
N PRO E 249 -39.96 -12.58 -17.74
CA PRO E 249 -41.39 -12.84 -17.55
C PRO E 249 -42.08 -11.70 -16.81
N THR E 250 -43.37 -11.56 -17.08
CA THR E 250 -44.17 -10.58 -16.36
C THR E 250 -44.59 -11.12 -15.00
N PHE E 251 -44.77 -10.22 -14.04
CA PHE E 251 -45.29 -10.57 -12.73
C PHE E 251 -46.52 -9.70 -12.47
N LYS E 252 -47.65 -10.35 -12.17
CA LYS E 252 -48.94 -9.68 -12.04
C LYS E 252 -49.20 -8.80 -13.25
N GLY E 253 -48.96 -9.37 -14.43
CA GLY E 253 -49.20 -8.67 -15.68
C GLY E 253 -48.32 -7.47 -15.93
N GLN E 254 -47.28 -7.27 -15.13
CA GLN E 254 -46.39 -6.15 -15.33
C GLN E 254 -44.98 -6.62 -15.72
N PRO E 255 -44.25 -5.82 -16.48
CA PRO E 255 -42.90 -6.24 -16.90
C PRO E 255 -41.99 -6.38 -15.69
N SER E 256 -41.06 -7.32 -15.78
CA SER E 256 -39.93 -7.32 -14.87
C SER E 256 -39.05 -6.13 -15.18
N LYS E 257 -38.51 -5.49 -14.14
CA LYS E 257 -37.83 -4.20 -14.27
C LYS E 257 -36.41 -4.35 -13.74
N PRO E 258 -35.48 -4.82 -14.56
CA PRO E 258 -34.11 -5.01 -14.10
C PRO E 258 -33.42 -3.67 -13.88
N PHE E 259 -32.57 -3.62 -12.87
CA PHE E 259 -31.69 -2.48 -12.70
C PHE E 259 -30.61 -2.53 -13.78
N VAL E 260 -30.48 -1.46 -14.56
CA VAL E 260 -29.57 -1.43 -15.69
C VAL E 260 -28.25 -0.83 -15.25
N GLY E 261 -27.16 -1.56 -15.48
CA GLY E 261 -25.83 -1.12 -15.10
C GLY E 261 -25.04 -0.68 -16.31
N VAL E 262 -24.22 0.35 -16.12
CA VAL E 262 -23.29 0.80 -17.15
C VAL E 262 -21.91 0.42 -16.65
N LEU E 263 -21.33 -0.63 -17.22
CA LEU E 263 -19.94 -0.96 -16.94
C LEU E 263 -19.08 0.27 -17.24
N SER E 264 -18.30 0.70 -16.24
CA SER E 264 -17.52 1.92 -16.35
C SER E 264 -16.11 1.70 -15.84
N ALA E 265 -15.21 2.58 -16.27
CA ALA E 265 -13.80 2.51 -15.92
C ALA E 265 -13.40 3.84 -15.27
N GLY E 266 -13.05 3.78 -13.98
CA GLY E 266 -12.58 4.95 -13.27
C GLY E 266 -11.07 4.93 -13.14
N ILE E 267 -10.51 6.12 -12.94
CA ILE E 267 -9.08 6.30 -12.77
C ILE E 267 -8.82 6.62 -11.31
N ASN E 268 -7.99 5.80 -10.67
CA ASN E 268 -7.60 5.99 -9.27
C ASN E 268 -7.06 7.39 -9.05
N ALA E 269 -7.63 8.12 -8.10
CA ALA E 269 -7.13 9.46 -7.80
C ALA E 269 -5.68 9.44 -7.36
N ALA E 270 -5.19 8.31 -6.85
CA ALA E 270 -3.81 8.16 -6.39
C ALA E 270 -2.87 7.62 -7.45
N SER E 271 -3.35 7.41 -8.68
CA SER E 271 -2.50 6.85 -9.72
C SER E 271 -1.45 7.87 -10.16
N PRO E 272 -0.18 7.47 -10.26
CA PRO E 272 0.82 8.31 -10.93
C PRO E 272 0.82 8.19 -12.45
N ASN E 273 -0.19 7.54 -13.03
CA ASN E 273 -0.26 7.28 -14.46
C ASN E 273 -1.58 7.78 -15.04
N LYS E 274 -2.09 8.90 -14.54
CA LYS E 274 -3.42 9.35 -14.97
C LYS E 274 -3.46 9.64 -16.46
N GLU E 275 -2.37 10.19 -17.01
CA GLU E 275 -2.35 10.49 -18.44
C GLU E 275 -2.36 9.21 -19.27
N LEU E 276 -1.53 8.23 -18.90
CA LEU E 276 -1.54 6.95 -19.60
C LEU E 276 -2.89 6.27 -19.49
N ALA E 277 -3.53 6.37 -18.32
CA ALA E 277 -4.83 5.73 -18.13
C ALA E 277 -5.88 6.36 -19.05
N LYS E 278 -5.91 7.70 -19.09
CA LYS E 278 -6.80 8.39 -20.03
C LYS E 278 -6.53 7.94 -21.46
N GLU E 279 -5.26 7.89 -21.85
CA GLU E 279 -4.92 7.49 -23.22
C GLU E 279 -5.35 6.06 -23.50
N PHE E 280 -5.08 5.13 -22.57
CA PHE E 280 -5.47 3.75 -22.79
C PHE E 280 -6.98 3.65 -22.99
N LEU E 281 -7.75 4.28 -22.11
CA LEU E 281 -9.20 4.16 -22.20
C LEU E 281 -9.76 4.85 -23.43
N GLU E 282 -9.30 6.07 -23.71
CA GLU E 282 -9.87 6.82 -24.82
C GLU E 282 -9.42 6.29 -26.17
N ASN E 283 -8.12 5.99 -26.31
CA ASN E 283 -7.56 5.69 -27.61
C ASN E 283 -7.36 4.22 -27.90
N TYR E 284 -7.50 3.34 -26.90
CA TYR E 284 -7.35 1.91 -27.15
C TYR E 284 -8.58 1.10 -26.79
N LEU E 285 -9.14 1.30 -25.60
CA LEU E 285 -10.30 0.51 -25.22
C LEU E 285 -11.56 0.98 -25.95
N LEU E 286 -11.84 2.28 -25.88
CA LEU E 286 -13.09 2.82 -26.45
C LEU E 286 -12.92 3.09 -27.95
N THR E 287 -12.55 2.01 -28.65
CA THR E 287 -12.45 1.98 -30.10
C THR E 287 -13.15 0.72 -30.60
N ASP E 288 -13.48 0.70 -31.90
CA ASP E 288 -14.14 -0.48 -32.46
C ASP E 288 -13.31 -1.73 -32.20
N GLU E 289 -12.01 -1.64 -32.45
CA GLU E 289 -11.13 -2.75 -32.24
C GLU E 289 -10.95 -3.15 -30.78
N GLY E 290 -10.86 -2.18 -29.88
CA GLY E 290 -10.73 -2.52 -28.48
C GLY E 290 -11.93 -3.18 -27.82
N LEU E 291 -13.11 -2.66 -28.07
CA LEU E 291 -14.31 -3.22 -27.54
C LEU E 291 -14.55 -4.59 -28.16
N GLU E 292 -14.28 -4.72 -29.43
CA GLU E 292 -14.39 -6.03 -30.08
C GLU E 292 -13.53 -7.07 -29.36
N ALA E 293 -12.28 -6.71 -29.04
CA ALA E 293 -11.39 -7.66 -28.39
C ALA E 293 -11.97 -8.12 -27.05
N VAL E 294 -12.52 -7.18 -26.27
CA VAL E 294 -13.13 -7.56 -24.99
C VAL E 294 -14.41 -8.34 -25.23
N ASN E 295 -15.22 -7.89 -26.21
CA ASN E 295 -16.51 -8.51 -26.48
C ASN E 295 -16.36 -9.97 -26.91
N LYS E 296 -15.32 -10.26 -27.70
CA LYS E 296 -15.13 -11.63 -28.15
C LYS E 296 -14.76 -12.56 -27.01
N ASP E 297 -14.20 -12.02 -25.93
CA ASP E 297 -13.92 -12.83 -24.75
C ASP E 297 -15.21 -13.12 -23.98
N LYS E 298 -15.84 -12.07 -23.43
CA LYS E 298 -17.15 -12.16 -22.82
C LYS E 298 -17.97 -10.99 -23.34
N PRO E 299 -19.16 -11.23 -23.90
CA PRO E 299 -19.92 -10.12 -24.51
C PRO E 299 -20.19 -9.00 -23.50
N LEU E 300 -20.06 -7.76 -23.98
CA LEU E 300 -20.17 -6.60 -23.11
C LEU E 300 -21.60 -6.14 -22.89
N GLY E 301 -22.51 -6.48 -23.79
CA GLY E 301 -23.82 -5.86 -23.80
C GLY E 301 -23.89 -4.81 -24.88
N ALA E 302 -24.67 -3.75 -24.67
CA ALA E 302 -24.76 -2.65 -25.63
C ALA E 302 -23.69 -1.63 -25.30
N VAL E 303 -22.64 -1.58 -26.13
CA VAL E 303 -21.48 -0.74 -25.81
C VAL E 303 -21.85 0.73 -25.93
N ALA E 304 -21.15 1.56 -25.16
CA ALA E 304 -21.42 2.99 -25.15
C ALA E 304 -20.93 3.68 -26.41
N LEU E 305 -19.98 3.08 -27.12
CA LEU E 305 -19.42 3.66 -28.34
C LEU E 305 -20.36 3.43 -29.51
N LYS E 306 -20.90 4.51 -30.07
CA LYS E 306 -21.94 4.39 -31.09
C LYS E 306 -21.46 3.59 -32.30
N SER E 307 -20.23 3.85 -32.76
CA SER E 307 -19.77 3.21 -34.00
C SER E 307 -19.79 1.69 -33.87
N TYR E 308 -19.37 1.15 -32.71
CA TYR E 308 -19.42 -0.29 -32.54
C TYR E 308 -20.81 -0.78 -32.15
N GLU E 309 -21.58 0.03 -31.40
CA GLU E 309 -22.92 -0.43 -31.02
C GLU E 309 -23.81 -0.62 -32.23
N GLU E 310 -23.59 0.16 -33.29
CA GLU E 310 -24.37 -0.03 -34.51
C GLU E 310 -24.17 -1.43 -35.06
N GLU E 311 -22.99 -2.02 -34.88
CA GLU E 311 -22.77 -3.39 -35.31
C GLU E 311 -23.39 -4.39 -34.33
N LEU E 312 -23.14 -4.20 -33.03
CA LEU E 312 -23.66 -5.13 -32.03
C LEU E 312 -25.18 -5.12 -31.96
N ALA E 313 -25.83 -4.03 -32.36
CA ALA E 313 -27.28 -3.92 -32.25
C ALA E 313 -28.01 -4.86 -33.20
N LYS E 314 -27.33 -5.34 -34.25
CA LYS E 314 -27.94 -6.30 -35.18
C LYS E 314 -28.07 -7.69 -34.57
N ASP E 315 -27.47 -7.92 -33.41
CA ASP E 315 -27.56 -9.21 -32.73
C ASP E 315 -28.87 -9.27 -31.95
N PRO E 316 -29.76 -10.23 -32.26
CA PRO E 316 -31.05 -10.27 -31.53
C PRO E 316 -30.91 -10.45 -30.04
N ARG E 317 -29.78 -11.00 -29.57
CA ARG E 317 -29.55 -11.09 -28.13
C ARG E 317 -29.37 -9.70 -27.52
N ILE E 318 -28.75 -8.78 -28.26
CA ILE E 318 -28.61 -7.42 -27.78
C ILE E 318 -29.95 -6.70 -27.81
N ALA E 319 -30.73 -6.91 -28.88
CA ALA E 319 -32.06 -6.36 -28.95
C ALA E 319 -32.88 -6.76 -27.73
N ALA E 320 -32.86 -8.05 -27.38
CA ALA E 320 -33.55 -8.50 -26.18
C ALA E 320 -32.99 -7.83 -24.94
N THR E 321 -31.66 -7.69 -24.87
CA THR E 321 -31.05 -6.99 -23.73
C THR E 321 -31.62 -5.58 -23.60
N MET E 322 -31.67 -4.83 -24.70
CA MET E 322 -32.15 -3.46 -24.61
C MET E 322 -33.66 -3.38 -24.47
N GLU E 323 -34.39 -4.38 -25.00
CA GLU E 323 -35.82 -4.45 -24.71
C GLU E 323 -36.07 -4.60 -23.21
N ASN E 324 -35.28 -5.45 -22.54
CA ASN E 324 -35.37 -5.55 -21.09
C ASN E 324 -34.88 -4.28 -20.42
N ALA E 325 -33.81 -3.68 -20.94
CA ALA E 325 -33.29 -2.45 -20.36
C ALA E 325 -34.31 -1.32 -20.43
N GLN E 326 -35.08 -1.24 -21.52
CA GLN E 326 -36.10 -0.19 -21.62
C GLN E 326 -37.17 -0.37 -20.55
N LYS E 327 -37.48 -1.61 -20.18
CA LYS E 327 -38.52 -1.86 -19.19
C LYS E 327 -38.04 -1.63 -17.77
N GLY E 328 -36.73 -1.59 -17.54
CA GLY E 328 -36.14 -1.36 -16.24
C GLY E 328 -35.69 0.08 -16.06
N GLU E 329 -34.70 0.27 -15.18
CA GLU E 329 -34.24 1.61 -14.84
C GLU E 329 -32.73 1.63 -14.65
N ILE E 330 -32.11 2.71 -15.13
CA ILE E 330 -30.69 2.93 -14.84
C ILE E 330 -30.51 3.05 -13.33
N MET E 331 -29.51 2.35 -12.80
CA MET E 331 -29.26 2.43 -11.38
C MET E 331 -28.82 3.83 -10.98
N PRO E 332 -29.17 4.27 -9.77
CA PRO E 332 -28.52 5.45 -9.21
C PRO E 332 -27.03 5.19 -9.05
N ASN E 333 -26.24 6.26 -9.02
CA ASN E 333 -24.82 6.12 -8.72
C ASN E 333 -24.45 6.70 -7.37
N ILE E 334 -25.44 7.03 -6.54
CA ILE E 334 -25.22 7.73 -5.27
C ILE E 334 -24.48 6.84 -4.28
N PRO E 335 -23.81 7.43 -3.29
CA PRO E 335 -23.06 6.60 -2.32
C PRO E 335 -23.92 5.60 -1.57
N GLN E 336 -25.17 5.96 -1.25
CA GLN E 336 -26.01 5.08 -0.45
C GLN E 336 -26.37 3.79 -1.18
N MET E 337 -25.97 3.64 -2.43
CA MET E 337 -26.27 2.45 -3.16
C MET E 337 -25.68 1.22 -2.52
N SER E 338 -24.49 1.35 -1.99
CA SER E 338 -23.83 0.23 -1.38
C SER E 338 -24.63 -0.30 -0.19
N ALA E 339 -25.19 0.58 0.62
CA ALA E 339 -26.01 0.18 1.73
C ALA E 339 -27.30 -0.41 1.26
N PHE E 340 -27.88 0.11 0.20
CA PHE E 340 -29.12 -0.47 -0.30
C PHE E 340 -28.91 -1.92 -0.72
N TRP E 341 -27.87 -2.18 -1.52
CA TRP E 341 -27.61 -3.54 -1.97
C TRP E 341 -27.36 -4.48 -0.80
N TYR E 342 -26.53 -4.06 0.16
CA TYR E 342 -26.26 -4.90 1.32
C TYR E 342 -27.55 -5.27 2.02
N ALA E 343 -28.43 -4.28 2.26
CA ALA E 343 -29.67 -4.55 2.96
C ALA E 343 -30.54 -5.52 2.18
N VAL E 344 -30.68 -5.32 0.87
CA VAL E 344 -31.54 -6.20 0.08
C VAL E 344 -30.90 -7.58 -0.09
N ARG E 345 -29.56 -7.66 -0.15
CA ARG E 345 -28.91 -8.96 -0.21
C ARG E 345 -29.29 -9.79 1.02
N THR E 346 -29.22 -9.19 2.21
CA THR E 346 -29.56 -9.91 3.44
C THR E 346 -31.04 -10.27 3.47
N ALA E 347 -31.91 -9.38 2.99
CA ALA E 347 -33.34 -9.66 3.04
C ALA E 347 -33.73 -10.83 2.15
N VAL E 348 -33.16 -10.89 0.94
CA VAL E 348 -33.47 -11.99 0.04
C VAL E 348 -32.96 -13.31 0.62
N ILE E 349 -31.70 -13.33 1.06
CA ILE E 349 -31.11 -14.55 1.61
C ILE E 349 -31.90 -15.02 2.83
N ASN E 350 -32.13 -14.12 3.79
CA ASN E 350 -32.82 -14.51 5.01
C ASN E 350 -34.24 -14.98 4.74
N ALA E 351 -34.93 -14.37 3.77
CA ALA E 351 -36.28 -14.80 3.45
C ALA E 351 -36.29 -16.10 2.66
N ALA E 352 -35.38 -16.23 1.68
CA ALA E 352 -35.28 -17.48 0.94
C ALA E 352 -34.95 -18.65 1.85
N SER E 353 -34.05 -18.44 2.82
CA SER E 353 -33.63 -19.49 3.73
C SER E 353 -34.68 -19.85 4.77
N GLY E 354 -35.72 -19.02 4.91
CA GLY E 354 -36.70 -19.22 5.96
C GLY E 354 -36.33 -18.63 7.30
N ARG E 355 -35.15 -18.00 7.41
CA ARG E 355 -34.73 -17.42 8.69
C ARG E 355 -35.64 -16.29 9.13
N GLN E 356 -36.22 -15.57 8.18
CA GLN E 356 -37.17 -14.51 8.48
C GLN E 356 -38.36 -14.63 7.53
N THR E 357 -39.48 -14.05 7.93
CA THR E 357 -40.58 -13.89 6.99
C THR E 357 -40.23 -12.82 5.96
N VAL E 358 -41.00 -12.79 4.88
CA VAL E 358 -40.79 -11.77 3.86
C VAL E 358 -40.99 -10.37 4.45
N ASP E 359 -42.07 -10.19 5.21
CA ASP E 359 -42.35 -8.87 5.78
C ASP E 359 -41.27 -8.45 6.76
N ALA E 360 -40.82 -9.37 7.61
CA ALA E 360 -39.77 -9.02 8.58
C ALA E 360 -38.45 -8.74 7.88
N ALA E 361 -38.10 -9.53 6.87
CA ALA E 361 -36.86 -9.30 6.14
C ALA E 361 -36.87 -7.95 5.46
N LEU E 362 -37.95 -7.65 4.73
CA LEU E 362 -38.00 -6.39 3.98
C LEU E 362 -38.12 -5.18 4.90
N ALA E 363 -38.76 -5.33 6.06
CA ALA E 363 -38.84 -4.23 7.01
C ALA E 363 -37.46 -3.87 7.56
N ALA E 364 -36.66 -4.88 7.88
CA ALA E 364 -35.30 -4.62 8.32
C ALA E 364 -34.48 -3.97 7.20
N ALA E 365 -34.66 -4.44 5.97
CA ALA E 365 -33.93 -3.87 4.85
C ALA E 365 -34.31 -2.40 4.65
N GLN E 366 -35.62 -2.11 4.66
CA GLN E 366 -36.08 -0.73 4.58
C GLN E 366 -35.29 0.16 5.52
N THR E 367 -35.17 -0.25 6.79
CA THR E 367 -34.46 0.56 7.77
C THR E 367 -32.95 0.57 7.50
N ASN E 368 -32.39 -0.59 7.19
CA ASN E 368 -30.95 -0.67 6.95
C ASN E 368 -30.54 0.14 5.73
N ALA E 369 -31.35 0.07 4.66
CA ALA E 369 -30.96 0.73 3.42
C ALA E 369 -30.85 2.24 3.59
N ALA E 370 -31.62 2.82 4.51
CA ALA E 370 -31.64 4.26 4.70
C ALA E 370 -30.68 4.75 5.77
N ARG E 371 -30.04 3.85 6.51
CA ARG E 371 -29.19 4.24 7.63
C ARG E 371 -27.77 4.56 7.15
N ARG E 372 -27.19 5.58 7.77
CA ARG E 372 -25.83 5.98 7.45
C ARG E 372 -24.83 4.94 7.93
N LYS E 373 -23.76 4.75 7.17
CA LYS E 373 -22.72 3.80 7.53
C LYS E 373 -21.70 4.48 8.44
N PRO E 374 -21.57 4.07 9.70
CA PRO E 374 -20.58 4.68 10.58
C PRO E 374 -19.18 4.62 9.99
N SER E 375 -18.48 5.75 10.03
CA SER E 375 -17.08 5.78 9.64
C SER E 375 -16.25 4.89 10.55
N TRP E 376 -15.04 4.56 10.09
CA TRP E 376 -14.17 3.71 10.91
C TRP E 376 -13.83 4.40 12.23
N ARG E 377 -13.57 5.70 12.19
CA ARG E 377 -13.34 6.45 13.43
C ARG E 377 -14.54 6.31 14.37
N GLU E 378 -15.75 6.19 13.82
CA GLU E 378 -16.93 5.97 14.65
C GLU E 378 -16.93 4.57 15.24
N ARG E 379 -16.49 3.57 14.47
CA ARG E 379 -16.51 2.19 14.95
C ARG E 379 -15.49 1.98 16.07
N GLU E 380 -14.31 2.57 15.94
CA GLU E 380 -13.28 2.38 16.96
C GLU E 380 -13.63 3.13 18.24
N ASN E 381 -14.17 4.35 18.12
CA ASN E 381 -14.63 5.08 19.28
C ASN E 381 -15.67 4.28 20.07
N ASN E 382 -16.52 3.54 19.35
CA ASN E 382 -17.54 2.72 20.01
C ASN E 382 -16.90 1.55 20.74
N ARG E 383 -16.01 0.82 20.07
CA ARG E 383 -15.36 -0.32 20.70
C ARG E 383 -14.60 0.10 21.96
N ARG E 384 -13.97 1.27 21.92
CA ARG E 384 -13.14 1.71 23.03
C ARG E 384 -13.96 2.34 24.15
N ARG E 385 -15.14 2.88 23.83
CA ARG E 385 -16.05 3.32 24.88
C ARG E 385 -16.55 2.15 25.72
N GLU E 386 -16.74 0.99 25.10
CA GLU E 386 -17.21 -0.18 25.85
C GLU E 386 -16.07 -0.87 26.60
N ARG E 387 -14.85 -0.81 26.06
CA ARG E 387 -13.70 -1.28 26.82
C ARG E 387 -13.49 -0.43 28.06
N ARG E 388 -13.91 0.83 28.02
CA ARG E 388 -13.93 1.65 29.23
C ARG E 388 -14.98 1.15 30.21
N ARG E 389 -16.24 1.07 29.77
CA ARG E 389 -17.32 0.66 30.66
C ARG E 389 -17.01 -0.66 31.34
N ARG E 390 -16.39 -1.60 30.63
CA ARG E 390 -16.01 -2.87 31.24
C ARG E 390 -14.79 -2.72 32.13
N ALA E 391 -13.80 -1.95 31.68
CA ALA E 391 -12.60 -1.73 32.47
C ALA E 391 -12.91 -0.98 33.76
N VAL E 392 -13.72 0.08 33.66
CA VAL E 392 -14.16 0.77 34.87
C VAL E 392 -14.92 -0.18 35.78
N ALA E 393 -15.95 -0.84 35.24
CA ALA E 393 -16.73 -1.78 36.04
C ALA E 393 -15.85 -2.86 36.65
N ALA E 394 -14.87 -3.35 35.89
CA ALA E 394 -13.97 -4.38 36.41
C ALA E 394 -13.07 -3.85 37.52
N LYS E 395 -12.70 -2.56 37.44
CA LYS E 395 -11.85 -1.98 38.47
C LYS E 395 -12.60 -1.81 39.79
N ILE E 396 -13.86 -1.42 39.73
CA ILE E 396 -14.66 -1.33 40.95
C ILE E 396 -14.79 -2.70 41.60
N TYR E 397 -14.88 -3.75 40.79
CA TYR E 397 -14.96 -5.10 41.33
C TYR E 397 -13.59 -5.55 41.86
N THR E 398 -12.52 -5.20 41.14
CA THR E 398 -11.18 -5.49 41.64
C THR E 398 -10.95 -4.79 42.98
N GLY E 399 -11.32 -3.52 43.07
CA GLY E 399 -11.17 -2.80 44.32
C GLY E 399 -11.99 -3.40 45.45
N LEU E 400 -13.16 -3.97 45.12
CA LEU E 400 -14.02 -4.54 46.16
C LEU E 400 -13.54 -5.91 46.60
N ARG E 401 -13.04 -6.73 45.65
CA ARG E 401 -12.55 -8.06 46.01
C ARG E 401 -11.33 -7.95 46.91
N ALA E 402 -10.31 -7.20 46.48
CA ALA E 402 -9.08 -7.10 47.22
C ALA E 402 -9.32 -6.51 48.61
N GLN E 403 -9.94 -5.34 48.67
CA GLN E 403 -10.07 -4.57 49.90
C GLN E 403 -11.44 -4.74 50.56
N GLY E 404 -12.24 -5.69 50.11
CA GLY E 404 -13.59 -5.82 50.61
C GLY E 404 -13.74 -6.69 51.85
N ASP E 405 -13.07 -7.85 51.86
CA ASP E 405 -13.22 -8.83 52.93
C ASP E 405 -14.70 -9.13 53.17
N TYR E 406 -15.35 -9.63 52.12
CA TYR E 406 -16.80 -9.77 52.09
C TYR E 406 -17.26 -11.17 52.49
N ASN E 407 -16.38 -12.02 52.98
CA ASN E 407 -16.74 -13.39 53.35
C ASN E 407 -17.23 -14.16 52.12
N LEU E 408 -16.57 -13.94 50.99
CA LEU E 408 -16.93 -14.65 49.78
C LEU E 408 -15.89 -15.72 49.45
N PRO E 409 -16.28 -16.79 48.77
CA PRO E 409 -15.29 -17.76 48.31
C PRO E 409 -14.33 -17.13 47.33
N LYS E 410 -13.09 -17.61 47.34
CA LYS E 410 -12.08 -17.10 46.42
C LYS E 410 -12.54 -17.33 44.98
N HIS E 411 -12.32 -16.33 44.13
CA HIS E 411 -12.64 -16.42 42.71
C HIS E 411 -14.14 -16.59 42.46
N CYS E 412 -14.95 -15.90 43.25
CA CYS E 412 -16.39 -15.92 43.02
C CYS E 412 -16.75 -14.95 41.89
N ASP E 413 -17.98 -15.05 41.40
CA ASP E 413 -18.36 -14.23 40.26
C ASP E 413 -18.69 -12.81 40.70
N ASN E 414 -18.78 -11.91 39.71
CA ASN E 414 -19.06 -10.51 40.00
C ASN E 414 -20.42 -10.33 40.65
N ASN E 415 -21.39 -11.19 40.31
CA ASN E 415 -22.73 -11.03 40.86
C ASN E 415 -22.74 -11.24 42.37
N GLU E 416 -21.97 -12.22 42.86
CA GLU E 416 -21.93 -12.47 44.29
C GLU E 416 -21.19 -11.37 45.04
N VAL E 417 -20.20 -10.74 44.40
CA VAL E 417 -19.56 -9.57 45.01
C VAL E 417 -20.56 -8.42 45.06
N LEU E 418 -21.34 -8.24 44.00
CA LEU E 418 -22.37 -7.20 43.99
C LEU E 418 -23.38 -7.41 45.11
N LYS E 419 -23.74 -8.68 45.37
CA LYS E 419 -24.68 -8.97 46.44
C LYS E 419 -24.10 -8.67 47.82
N ALA E 420 -22.81 -8.89 48.01
CA ALA E 420 -22.18 -8.55 49.28
C ALA E 420 -22.11 -7.05 49.49
N LEU E 421 -21.80 -6.30 48.42
CA LEU E 421 -21.86 -4.84 48.51
C LEU E 421 -23.30 -4.37 48.76
N CYS E 422 -24.28 -5.09 48.23
CA CYS E 422 -25.68 -4.71 48.41
C CYS E 422 -26.08 -4.82 49.88
N VAL E 423 -25.79 -5.97 50.51
CA VAL E 423 -26.13 -6.15 51.91
C VAL E 423 -25.37 -5.14 52.78
N GLU E 424 -24.11 -4.85 52.42
CA GLU E 424 -23.36 -3.84 53.15
C GLU E 424 -24.10 -2.51 53.15
N ALA E 425 -24.78 -2.20 52.05
CA ALA E 425 -25.49 -0.93 51.91
C ALA E 425 -26.89 -0.96 52.53
N GLY E 426 -27.23 -2.02 53.26
CA GLY E 426 -28.55 -2.14 53.86
C GLY E 426 -29.61 -2.73 52.97
N TRP E 427 -29.22 -3.40 51.89
CA TRP E 427 -30.14 -3.99 50.94
C TRP E 427 -30.26 -5.49 51.19
N VAL E 428 -31.22 -6.10 50.49
CA VAL E 428 -31.38 -7.54 50.46
C VAL E 428 -31.48 -7.99 49.02
N VAL E 429 -30.88 -9.13 48.70
CA VAL E 429 -30.92 -9.69 47.36
C VAL E 429 -31.23 -11.18 47.46
N GLU E 430 -32.13 -11.65 46.62
CA GLU E 430 -32.47 -13.06 46.54
C GLU E 430 -31.84 -13.68 45.30
N GLU E 431 -31.86 -15.02 45.26
CA GLU E 431 -31.23 -15.73 44.15
C GLU E 431 -31.69 -15.20 42.80
N ASP E 432 -32.98 -14.89 42.68
CA ASP E 432 -33.52 -14.34 41.43
C ASP E 432 -32.89 -13.01 41.05
N GLY E 433 -32.14 -12.38 41.94
CA GLY E 433 -31.68 -11.04 41.71
C GLY E 433 -32.69 -9.97 42.07
N THR E 434 -33.81 -10.35 42.68
CA THR E 434 -34.77 -9.38 43.17
C THR E 434 -34.16 -8.56 44.29
N THR E 435 -34.23 -7.23 44.16
CA THR E 435 -33.49 -6.33 45.03
C THR E 435 -34.42 -5.32 45.68
N TYR E 436 -34.36 -5.23 46.99
CA TYR E 436 -35.15 -4.29 47.78
C TYR E 436 -34.43 -4.06 49.10
N ARG E 437 -34.66 -2.89 49.69
CA ARG E 437 -34.01 -2.56 50.95
C ARG E 437 -34.94 -2.78 52.14
N LYS F 2 -38.59 -36.04 2.58
CA LYS F 2 -38.77 -36.49 1.19
C LYS F 2 -38.60 -38.00 0.93
N ILE F 3 -38.37 -38.79 1.96
CA ILE F 3 -38.17 -40.22 1.72
C ILE F 3 -39.58 -40.81 1.58
N GLU F 4 -39.72 -41.90 0.85
CA GLU F 4 -41.02 -42.50 0.65
C GLU F 4 -40.77 -43.96 0.41
N GLU F 5 -41.57 -44.80 1.02
CA GLU F 5 -41.41 -46.24 0.85
C GLU F 5 -41.70 -46.64 -0.59
N GLY F 6 -40.85 -47.50 -1.14
CA GLY F 6 -41.01 -47.95 -2.51
C GLY F 6 -40.36 -47.07 -3.56
N LYS F 7 -39.55 -46.11 -3.15
CA LYS F 7 -38.75 -45.29 -4.06
C LYS F 7 -37.37 -45.14 -3.45
N LEU F 8 -36.39 -44.81 -4.30
CA LEU F 8 -35.03 -44.56 -3.84
C LEU F 8 -34.59 -43.15 -4.25
N VAL F 9 -34.10 -42.39 -3.28
CA VAL F 9 -33.49 -41.09 -3.51
C VAL F 9 -32.00 -41.23 -3.18
N ILE F 10 -31.16 -40.84 -4.12
CA ILE F 10 -29.71 -40.95 -3.98
C ILE F 10 -29.08 -39.57 -4.09
N TRP F 11 -28.10 -39.30 -3.22
CA TRP F 11 -27.31 -38.07 -3.27
C TRP F 11 -25.88 -38.42 -3.66
N ILE F 12 -25.33 -37.69 -4.63
CA ILE F 12 -23.93 -37.88 -5.04
C ILE F 12 -23.40 -36.52 -5.48
N ASN F 13 -22.08 -36.34 -5.35
CA ASN F 13 -21.51 -35.03 -5.58
C ASN F 13 -21.56 -34.66 -7.06
N GLY F 14 -21.66 -33.36 -7.31
CA GLY F 14 -21.84 -32.81 -8.64
C GLY F 14 -20.66 -32.98 -9.59
N ASP F 15 -19.52 -33.47 -9.11
CA ASP F 15 -18.40 -33.73 -10.02
C ASP F 15 -18.31 -35.18 -10.45
N LYS F 16 -19.22 -36.04 -9.95
CA LYS F 16 -19.22 -37.45 -10.30
C LYS F 16 -20.22 -37.74 -11.42
N GLY F 17 -20.20 -38.98 -11.91
CA GLY F 17 -21.05 -39.34 -13.03
C GLY F 17 -22.49 -39.61 -12.64
N TYR F 18 -23.23 -38.58 -12.23
CA TYR F 18 -24.59 -38.80 -11.74
C TYR F 18 -25.57 -39.11 -12.85
N ASN F 19 -25.27 -38.76 -14.09
CA ASN F 19 -26.14 -39.18 -15.19
C ASN F 19 -25.95 -40.66 -15.50
N GLY F 20 -24.71 -41.15 -15.45
CA GLY F 20 -24.49 -42.58 -15.54
C GLY F 20 -25.16 -43.33 -14.41
N LEU F 21 -25.05 -42.81 -13.18
CA LEU F 21 -25.71 -43.45 -12.04
C LEU F 21 -27.22 -43.48 -12.22
N ALA F 22 -27.79 -42.40 -12.77
CA ALA F 22 -29.22 -42.39 -13.05
C ALA F 22 -29.60 -43.46 -14.07
N GLU F 23 -28.71 -43.74 -15.03
CA GLU F 23 -28.99 -44.82 -15.97
C GLU F 23 -29.07 -46.17 -15.27
N VAL F 24 -28.20 -46.39 -14.28
CA VAL F 24 -28.31 -47.61 -13.48
C VAL F 24 -29.65 -47.63 -12.75
N GLY F 25 -30.05 -46.49 -12.18
CA GLY F 25 -31.36 -46.40 -11.57
C GLY F 25 -32.49 -46.72 -12.53
N LYS F 26 -32.37 -46.26 -13.78
CA LYS F 26 -33.41 -46.52 -14.76
C LYS F 26 -33.52 -48.01 -15.06
N LYS F 27 -32.38 -48.72 -15.12
CA LYS F 27 -32.43 -50.17 -15.27
C LYS F 27 -33.09 -50.81 -14.07
N PHE F 28 -32.75 -50.36 -12.87
CA PHE F 28 -33.40 -50.87 -11.66
C PHE F 28 -34.92 -50.68 -11.74
N GLU F 29 -35.36 -49.50 -12.19
CA GLU F 29 -36.80 -49.26 -12.32
C GLU F 29 -37.43 -50.17 -13.37
N LYS F 30 -36.73 -50.38 -14.49
CA LYS F 30 -37.27 -51.28 -15.51
C LYS F 30 -37.48 -52.68 -14.95
N ASP F 31 -36.50 -53.18 -14.20
CA ASP F 31 -36.55 -54.56 -13.69
C ASP F 31 -37.50 -54.71 -12.51
N THR F 32 -37.62 -53.70 -11.66
CA THR F 32 -38.35 -53.81 -10.41
C THR F 32 -39.59 -52.92 -10.30
N GLY F 33 -39.64 -51.82 -11.04
CA GLY F 33 -40.70 -50.85 -10.87
C GLY F 33 -40.41 -49.80 -9.82
N ILE F 34 -39.25 -49.84 -9.19
CA ILE F 34 -38.88 -48.92 -8.13
C ILE F 34 -38.18 -47.73 -8.77
N LYS F 35 -38.78 -46.55 -8.66
CA LYS F 35 -38.17 -45.35 -9.22
C LYS F 35 -36.96 -44.93 -8.38
N VAL F 36 -35.87 -44.59 -9.08
CA VAL F 36 -34.63 -44.15 -8.46
C VAL F 36 -34.36 -42.73 -8.93
N THR F 37 -34.24 -41.81 -8.00
CA THR F 37 -33.99 -40.40 -8.29
C THR F 37 -32.60 -40.05 -7.78
N VAL F 38 -31.74 -39.57 -8.68
CA VAL F 38 -30.39 -39.18 -8.31
C VAL F 38 -30.36 -37.67 -8.20
N GLU F 39 -29.81 -37.17 -7.09
CA GLU F 39 -29.68 -35.75 -6.85
C GLU F 39 -28.21 -35.44 -6.56
N HIS F 40 -27.79 -34.21 -6.87
CA HIS F 40 -26.43 -33.76 -6.57
C HIS F 40 -26.52 -32.42 -5.86
N PRO F 41 -26.98 -32.41 -4.61
CA PRO F 41 -27.11 -31.13 -3.88
C PRO F 41 -25.74 -30.51 -3.67
N ASP F 42 -25.75 -29.19 -3.59
CA ASP F 42 -24.55 -28.46 -3.17
C ASP F 42 -24.29 -28.75 -1.69
N LYS F 43 -23.02 -28.92 -1.35
CA LYS F 43 -22.61 -29.13 0.04
C LYS F 43 -23.35 -30.33 0.66
N LEU F 44 -23.56 -31.38 -0.13
CA LEU F 44 -24.38 -32.49 0.34
C LEU F 44 -23.76 -33.17 1.56
N GLU F 45 -22.44 -33.13 1.68
CA GLU F 45 -21.78 -33.78 2.81
C GLU F 45 -22.00 -33.01 4.11
N GLU F 46 -22.32 -31.72 4.02
CA GLU F 46 -22.74 -30.94 5.18
C GLU F 46 -24.24 -30.99 5.40
N LYS F 47 -25.02 -31.14 4.33
CA LYS F 47 -26.47 -31.19 4.48
C LYS F 47 -26.93 -32.51 5.10
N PHE F 48 -26.27 -33.62 4.78
CA PHE F 48 -26.76 -34.93 5.21
C PHE F 48 -26.98 -35.01 6.71
N PRO F 49 -25.99 -34.72 7.57
CA PRO F 49 -26.26 -34.76 9.02
C PRO F 49 -27.35 -33.82 9.46
N GLN F 50 -27.48 -32.65 8.82
CA GLN F 50 -28.52 -31.70 9.20
C GLN F 50 -29.91 -32.27 8.92
N VAL F 51 -30.16 -32.67 7.67
CA VAL F 51 -31.48 -33.18 7.32
C VAL F 51 -31.72 -34.56 7.92
N ALA F 52 -30.65 -35.37 8.07
CA ALA F 52 -30.82 -36.68 8.67
C ALA F 52 -31.36 -36.56 10.10
N ALA F 53 -30.90 -35.55 10.84
CA ALA F 53 -31.38 -35.36 12.21
C ALA F 53 -32.85 -34.97 12.26
N THR F 54 -33.42 -34.45 11.16
CA THR F 54 -34.83 -34.14 11.09
C THR F 54 -35.62 -35.22 10.37
N GLY F 55 -35.01 -36.38 10.11
CA GLY F 55 -35.68 -37.44 9.40
C GLY F 55 -35.78 -37.27 7.91
N ASP F 56 -35.22 -36.19 7.35
CA ASP F 56 -35.17 -36.00 5.91
C ASP F 56 -33.88 -36.63 5.38
N GLY F 57 -33.44 -36.21 4.20
CA GLY F 57 -32.27 -36.79 3.61
C GLY F 57 -32.58 -37.97 2.72
N PRO F 58 -31.59 -38.43 1.96
CA PRO F 58 -31.83 -39.47 0.96
C PRO F 58 -31.80 -40.87 1.57
N ASP F 59 -32.16 -41.86 0.74
CA ASP F 59 -31.98 -43.25 1.14
C ASP F 59 -30.51 -43.65 1.11
N ILE F 60 -29.77 -43.15 0.12
CA ILE F 60 -28.37 -43.50 -0.09
C ILE F 60 -27.58 -42.21 -0.28
N ILE F 61 -26.40 -42.13 0.35
CA ILE F 61 -25.53 -40.98 0.23
C ILE F 61 -24.15 -41.44 -0.24
N PHE F 62 -23.64 -40.79 -1.28
CA PHE F 62 -22.31 -41.06 -1.83
C PHE F 62 -21.35 -39.96 -1.39
N TRP F 63 -20.18 -40.37 -0.92
CA TRP F 63 -19.07 -39.46 -0.62
C TRP F 63 -17.83 -40.29 -0.39
N ALA F 64 -16.67 -39.63 -0.43
CA ALA F 64 -15.45 -40.27 0.02
C ALA F 64 -15.64 -40.78 1.46
N HIS F 65 -14.91 -41.84 1.78
CA HIS F 65 -15.13 -42.54 3.04
C HIS F 65 -14.82 -41.70 4.27
N ASP F 66 -14.07 -40.61 4.13
CA ASP F 66 -13.60 -39.89 5.33
C ASP F 66 -14.76 -39.30 6.13
N ARG F 67 -15.87 -38.97 5.47
CA ARG F 67 -17.00 -38.37 6.18
C ARG F 67 -17.82 -39.39 6.97
N PHE F 68 -17.70 -40.68 6.66
CA PHE F 68 -18.71 -41.62 7.10
C PHE F 68 -18.57 -42.00 8.57
N GLY F 69 -17.38 -41.90 9.15
CA GLY F 69 -17.24 -42.18 10.57
C GLY F 69 -18.02 -41.21 11.43
N GLY F 70 -18.03 -39.93 11.07
CA GLY F 70 -18.86 -38.98 11.78
C GLY F 70 -20.34 -39.26 11.62
N TYR F 71 -20.76 -39.66 10.42
CA TYR F 71 -22.15 -40.03 10.19
C TYR F 71 -22.55 -41.20 11.08
N ALA F 72 -21.72 -42.24 11.14
CA ALA F 72 -22.05 -43.41 11.93
C ALA F 72 -22.06 -43.09 13.41
N GLN F 73 -21.09 -42.32 13.89
CA GLN F 73 -21.07 -41.92 15.29
C GLN F 73 -22.36 -41.21 15.68
N SER F 74 -22.95 -40.46 14.75
CA SER F 74 -24.22 -39.78 15.00
C SER F 74 -25.43 -40.69 14.82
N GLY F 75 -25.22 -41.94 14.42
CA GLY F 75 -26.34 -42.86 14.24
C GLY F 75 -27.11 -42.66 12.97
N LEU F 76 -26.48 -42.12 11.93
CA LEU F 76 -27.16 -41.77 10.70
C LEU F 76 -27.11 -42.86 9.63
N LEU F 77 -26.33 -43.91 9.83
CA LEU F 77 -26.09 -44.92 8.81
C LEU F 77 -26.54 -46.28 9.28
N ALA F 78 -27.09 -47.07 8.36
CA ALA F 78 -27.39 -48.46 8.62
C ALA F 78 -26.13 -49.29 8.45
N GLU F 79 -25.94 -50.27 9.34
CA GLU F 79 -24.83 -51.19 9.17
C GLU F 79 -24.97 -51.93 7.85
N ILE F 80 -23.84 -52.13 7.18
CA ILE F 80 -23.79 -52.84 5.90
C ILE F 80 -23.37 -54.28 6.19
N THR F 81 -24.14 -55.24 5.67
CA THR F 81 -23.91 -56.66 5.95
C THR F 81 -23.92 -57.44 4.64
N PRO F 82 -22.88 -57.29 3.83
CA PRO F 82 -22.79 -58.10 2.60
C PRO F 82 -22.51 -59.56 2.93
N ALA F 83 -23.03 -60.43 2.06
CA ALA F 83 -22.65 -61.83 2.15
C ALA F 83 -21.16 -61.98 1.87
N ALA F 84 -20.56 -63.04 2.43
CA ALA F 84 -19.14 -63.28 2.20
C ALA F 84 -18.81 -63.32 0.72
N ALA F 85 -19.67 -63.95 -0.08
CA ALA F 85 -19.43 -64.04 -1.51
C ALA F 85 -19.41 -62.66 -2.16
N PHE F 86 -20.27 -61.75 -1.70
CA PHE F 86 -20.22 -60.40 -2.25
C PHE F 86 -19.01 -59.63 -1.74
N GLN F 87 -18.69 -59.77 -0.45
CA GLN F 87 -17.55 -59.06 0.10
C GLN F 87 -16.26 -59.42 -0.63
N ASP F 88 -16.12 -60.70 -1.01
CA ASP F 88 -14.93 -61.15 -1.73
C ASP F 88 -14.81 -60.57 -3.13
N LYS F 89 -15.86 -59.93 -3.65
CA LYS F 89 -15.80 -59.33 -4.98
C LYS F 89 -15.10 -57.98 -4.99
N LEU F 90 -14.86 -57.38 -3.82
CA LEU F 90 -14.19 -56.10 -3.71
C LEU F 90 -12.84 -56.27 -3.02
N TYR F 91 -11.90 -55.38 -3.34
CA TYR F 91 -10.58 -55.47 -2.73
C TYR F 91 -10.71 -55.28 -1.22
N PRO F 92 -10.02 -56.11 -0.42
CA PRO F 92 -10.18 -56.00 1.04
C PRO F 92 -9.87 -54.61 1.60
N PHE F 93 -8.88 -53.92 1.06
CA PHE F 93 -8.54 -52.61 1.62
C PHE F 93 -9.63 -51.57 1.38
N THR F 94 -10.48 -51.75 0.37
CA THR F 94 -11.58 -50.80 0.22
C THR F 94 -12.64 -51.02 1.29
N TRP F 95 -12.86 -52.26 1.74
CA TRP F 95 -13.73 -52.48 2.88
C TRP F 95 -13.14 -51.88 4.15
N ASP F 96 -11.81 -51.93 4.29
CA ASP F 96 -11.17 -51.33 5.45
C ASP F 96 -11.51 -49.85 5.56
N ALA F 97 -11.58 -49.15 4.43
CA ALA F 97 -11.86 -47.73 4.45
C ALA F 97 -13.25 -47.41 4.98
N VAL F 98 -14.19 -48.34 4.87
CA VAL F 98 -15.56 -48.12 5.32
C VAL F 98 -15.88 -48.95 6.56
N ARG F 99 -14.87 -49.43 7.28
CA ARG F 99 -15.09 -50.11 8.55
C ARG F 99 -14.87 -49.11 9.68
N TYR F 100 -15.83 -49.04 10.61
CA TYR F 100 -15.77 -48.08 11.71
C TYR F 100 -16.26 -48.76 12.97
N ASN F 101 -15.39 -48.81 13.98
CA ASN F 101 -15.69 -49.46 15.26
C ASN F 101 -16.13 -50.91 15.04
N GLY F 102 -15.52 -51.56 14.05
CA GLY F 102 -15.74 -52.97 13.83
C GLY F 102 -16.84 -53.31 12.84
N LYS F 103 -17.61 -52.34 12.38
CA LYS F 103 -18.73 -52.61 11.48
C LYS F 103 -18.51 -51.90 10.15
N LEU F 104 -19.04 -52.52 9.10
CA LEU F 104 -19.07 -51.88 7.79
C LEU F 104 -20.21 -50.87 7.76
N ILE F 105 -19.90 -49.63 7.38
CA ILE F 105 -20.87 -48.54 7.40
C ILE F 105 -21.17 -48.00 6.02
N ALA F 106 -20.61 -48.58 4.97
CA ALA F 106 -20.90 -48.14 3.60
C ALA F 106 -20.37 -49.20 2.65
N TYR F 107 -20.76 -49.08 1.39
CA TYR F 107 -20.20 -49.86 0.29
C TYR F 107 -19.10 -49.07 -0.39
N PRO F 108 -17.90 -49.60 -0.51
CA PRO F 108 -16.86 -48.91 -1.28
C PRO F 108 -17.14 -49.04 -2.78
N ILE F 109 -16.89 -47.97 -3.52
CA ILE F 109 -17.14 -47.93 -4.95
C ILE F 109 -15.85 -47.81 -5.75
N ALA F 110 -15.00 -46.84 -5.43
CA ALA F 110 -13.82 -46.60 -6.24
C ALA F 110 -12.78 -45.85 -5.43
N VAL F 111 -11.52 -46.04 -5.81
CA VAL F 111 -10.38 -45.42 -5.13
C VAL F 111 -9.94 -44.23 -5.97
N GLU F 112 -9.90 -43.05 -5.35
CA GLU F 112 -9.55 -41.80 -6.02
C GLU F 112 -8.25 -41.24 -5.44
N ALA F 113 -7.38 -40.75 -6.32
CA ALA F 113 -6.22 -39.98 -5.89
C ALA F 113 -5.97 -38.90 -6.93
N LEU F 114 -5.45 -37.77 -6.44
CA LEU F 114 -5.10 -36.66 -7.33
C LEU F 114 -3.85 -37.00 -8.14
N SER F 115 -3.79 -36.47 -9.36
CA SER F 115 -2.63 -36.64 -10.22
C SER F 115 -2.30 -35.30 -10.86
N LEU F 116 -1.10 -35.23 -11.45
CA LEU F 116 -0.74 -34.08 -12.26
C LEU F 116 -1.26 -34.30 -13.68
N ILE F 117 -2.08 -33.37 -14.16
CA ILE F 117 -2.61 -33.39 -15.52
C ILE F 117 -1.96 -32.25 -16.28
N TYR F 118 -1.44 -32.54 -17.47
CA TYR F 118 -0.67 -31.55 -18.21
C TYR F 118 -1.00 -31.60 -19.69
N ASN F 119 -0.91 -30.43 -20.32
CA ASN F 119 -1.10 -30.27 -21.76
C ASN F 119 0.21 -30.67 -22.47
N LYS F 120 0.19 -31.77 -23.21
CA LYS F 120 1.40 -32.24 -23.85
C LYS F 120 1.88 -31.29 -24.94
N ASP F 121 0.96 -30.59 -25.59
CA ASP F 121 1.37 -29.63 -26.63
C ASP F 121 2.11 -28.45 -26.03
N LEU F 122 1.67 -27.96 -24.87
CA LEU F 122 2.33 -26.84 -24.22
C LEU F 122 3.54 -27.28 -23.42
N LEU F 123 3.54 -28.52 -22.92
CA LEU F 123 4.53 -28.97 -21.94
C LEU F 123 4.84 -30.44 -22.19
N PRO F 124 5.76 -30.73 -23.10
CA PRO F 124 6.16 -32.13 -23.31
C PRO F 124 6.92 -32.71 -22.13
N ASN F 125 7.65 -31.88 -21.39
CA ASN F 125 8.40 -32.31 -20.21
C ASN F 125 7.72 -31.79 -18.96
N PRO F 126 6.71 -32.47 -18.44
CA PRO F 126 6.08 -32.03 -17.21
C PRO F 126 7.11 -31.94 -16.09
N PRO F 127 7.00 -30.95 -15.22
CA PRO F 127 8.01 -30.78 -14.17
C PRO F 127 7.98 -31.94 -13.19
N LYS F 128 9.16 -32.45 -12.85
CA LYS F 128 9.26 -33.45 -11.80
C LYS F 128 9.24 -32.83 -10.40
N THR F 129 9.49 -31.53 -10.29
CA THR F 129 9.57 -30.86 -9.00
C THR F 129 8.64 -29.66 -8.98
N TRP F 130 8.11 -29.36 -7.79
CA TRP F 130 7.40 -28.10 -7.59
C TRP F 130 8.34 -26.92 -7.79
N GLU F 131 9.58 -27.07 -7.32
CA GLU F 131 10.54 -25.96 -7.37
C GLU F 131 10.72 -25.41 -8.78
N GLU F 132 10.49 -26.25 -9.81
CA GLU F 132 10.60 -25.79 -11.18
C GLU F 132 9.49 -24.82 -11.59
N ILE F 133 8.35 -24.85 -10.89
CA ILE F 133 7.14 -24.24 -11.44
C ILE F 133 7.27 -22.75 -11.64
N PRO F 134 7.81 -21.95 -10.70
CA PRO F 134 7.95 -20.51 -10.95
C PRO F 134 8.65 -20.21 -12.26
N ALA F 135 9.86 -20.76 -12.45
CA ALA F 135 10.58 -20.53 -13.69
C ALA F 135 9.79 -21.02 -14.90
N LEU F 136 9.04 -22.12 -14.74
CA LEU F 136 8.25 -22.62 -15.86
C LEU F 136 7.12 -21.66 -16.20
N ASP F 137 6.47 -21.08 -15.18
CA ASP F 137 5.38 -20.14 -15.42
C ASP F 137 5.89 -18.87 -16.08
N LYS F 138 7.08 -18.41 -15.69
CA LYS F 138 7.67 -17.23 -16.33
C LYS F 138 7.82 -17.44 -17.83
N GLU F 139 8.37 -18.59 -18.23
CA GLU F 139 8.54 -18.85 -19.66
C GLU F 139 7.20 -18.99 -20.37
N LEU F 140 6.19 -19.51 -19.69
CA LEU F 140 4.87 -19.63 -20.32
C LEU F 140 4.12 -18.30 -20.35
N LYS F 141 4.30 -17.46 -19.32
CA LYS F 141 3.69 -16.13 -19.33
C LYS F 141 4.10 -15.35 -20.58
N ALA F 142 5.40 -15.32 -20.86
CA ALA F 142 5.91 -14.65 -22.05
C ALA F 142 5.32 -15.18 -23.34
N LYS F 143 4.58 -16.29 -23.29
CA LYS F 143 3.93 -16.90 -24.44
C LYS F 143 2.41 -16.85 -24.33
N GLY F 144 1.89 -16.07 -23.38
CA GLY F 144 0.47 -15.88 -23.21
C GLY F 144 -0.22 -16.89 -22.33
N LYS F 145 0.52 -17.77 -21.66
CA LYS F 145 -0.06 -18.86 -20.88
C LYS F 145 0.39 -18.77 -19.44
N SER F 146 0.06 -19.80 -18.67
CA SER F 146 0.53 -19.97 -17.31
C SER F 146 0.85 -21.44 -17.09
N ALA F 147 1.65 -21.72 -16.07
CA ALA F 147 2.10 -23.08 -15.84
C ALA F 147 1.01 -23.94 -15.20
N LEU F 148 0.42 -23.46 -14.11
CA LEU F 148 -0.39 -24.33 -13.26
C LEU F 148 -1.60 -23.59 -12.70
N MET F 149 -2.75 -24.28 -12.71
CA MET F 149 -3.97 -23.77 -12.08
C MET F 149 -4.73 -24.95 -11.51
N PHE F 150 -5.05 -24.88 -10.22
CA PHE F 150 -5.88 -25.90 -9.59
C PHE F 150 -6.73 -25.24 -8.49
N ASN F 151 -7.72 -25.99 -8.00
CA ASN F 151 -8.67 -25.48 -7.02
C ASN F 151 -7.95 -25.17 -5.71
N LEU F 152 -7.85 -23.88 -5.37
CA LEU F 152 -7.23 -23.45 -4.13
C LEU F 152 -8.26 -23.18 -3.03
N GLN F 153 -9.54 -23.47 -3.29
CA GLN F 153 -10.58 -23.26 -2.30
C GLN F 153 -10.87 -24.50 -1.48
N GLU F 154 -10.41 -25.67 -1.92
CA GLU F 154 -10.62 -26.93 -1.20
C GLU F 154 -9.27 -27.48 -0.78
N PRO F 155 -9.01 -27.65 0.52
CA PRO F 155 -7.68 -28.09 0.94
C PRO F 155 -7.29 -29.46 0.40
N TYR F 156 -8.27 -30.26 -0.03
CA TYR F 156 -7.97 -31.55 -0.68
C TYR F 156 -6.86 -31.42 -1.71
N PHE F 157 -6.89 -30.35 -2.50
CA PHE F 157 -5.98 -30.22 -3.64
C PHE F 157 -4.60 -29.70 -3.26
N THR F 158 -4.49 -28.94 -2.17
CA THR F 158 -3.18 -28.50 -1.71
C THR F 158 -2.55 -29.45 -0.71
N TRP F 159 -3.34 -30.35 -0.13
CA TRP F 159 -2.81 -31.28 0.87
C TRP F 159 -1.61 -32.08 0.37
N PRO F 160 -1.58 -32.60 -0.86
CA PRO F 160 -0.41 -33.38 -1.29
C PRO F 160 0.89 -32.61 -1.09
N LEU F 161 0.85 -31.30 -1.30
CA LEU F 161 2.05 -30.47 -1.14
C LEU F 161 2.34 -30.20 0.33
N ILE F 162 1.31 -29.95 1.14
CA ILE F 162 1.51 -29.74 2.57
C ILE F 162 2.14 -30.99 3.20
N ALA F 163 1.74 -32.17 2.74
CA ALA F 163 2.21 -33.41 3.34
C ALA F 163 3.56 -33.85 2.81
N ALA F 164 4.00 -33.32 1.67
CA ALA F 164 5.19 -33.81 1.00
C ALA F 164 6.39 -33.89 1.95
N ASP F 165 6.62 -32.83 2.74
CA ASP F 165 7.81 -32.72 3.56
C ASP F 165 7.54 -32.96 5.04
N GLY F 166 6.39 -33.56 5.39
CA GLY F 166 6.18 -33.93 6.77
C GLY F 166 4.83 -33.60 7.36
N GLY F 167 4.04 -32.76 6.68
CA GLY F 167 2.72 -32.47 7.19
C GLY F 167 1.86 -33.72 7.24
N TYR F 168 1.05 -33.81 8.27
CA TYR F 168 0.13 -34.91 8.42
C TYR F 168 -1.14 -34.47 9.13
N ALA F 169 -2.15 -35.30 9.18
CA ALA F 169 -3.36 -34.90 9.82
C ALA F 169 -3.42 -35.33 11.27
N PHE F 170 -3.67 -36.58 11.52
CA PHE F 170 -3.70 -37.11 12.86
C PHE F 170 -2.68 -38.20 12.88
N LYS F 171 -1.83 -38.20 13.89
CA LYS F 171 -0.78 -39.20 14.06
C LYS F 171 -1.38 -40.57 14.30
N TYR F 172 -0.96 -41.56 13.52
CA TYR F 172 -1.35 -42.95 13.73
C TYR F 172 -0.39 -43.55 14.76
N ALA F 173 -0.91 -43.90 15.92
CA ALA F 173 -0.09 -44.38 17.03
C ALA F 173 -0.83 -45.48 17.76
N ALA F 174 -0.19 -46.65 17.85
CA ALA F 174 -0.73 -47.78 18.61
C ALA F 174 -2.01 -48.33 17.99
N GLY F 175 -2.07 -48.35 16.66
CA GLY F 175 -3.23 -48.89 15.99
C GLY F 175 -4.47 -48.02 16.03
N LYS F 176 -4.31 -46.73 16.30
CA LYS F 176 -5.44 -45.81 16.30
C LYS F 176 -4.93 -44.41 16.02
N TYR F 177 -5.82 -43.56 15.50
CA TYR F 177 -5.47 -42.17 15.25
C TYR F 177 -5.63 -41.36 16.54
N ASP F 178 -4.58 -40.64 16.90
CA ASP F 178 -4.59 -39.76 18.08
C ASP F 178 -5.19 -38.42 17.66
N ILE F 179 -6.44 -38.17 18.08
CA ILE F 179 -7.13 -36.94 17.66
C ILE F 179 -6.59 -35.71 18.37
N LYS F 180 -5.61 -35.86 19.26
CA LYS F 180 -4.96 -34.72 19.92
C LYS F 180 -3.58 -34.42 19.34
N ASP F 181 -3.11 -35.21 18.38
CA ASP F 181 -1.80 -35.03 17.75
C ASP F 181 -2.03 -34.69 16.29
N VAL F 182 -2.03 -33.41 15.96
CA VAL F 182 -2.25 -32.92 14.61
C VAL F 182 -0.93 -32.41 14.06
N GLY F 183 -0.65 -32.72 12.79
CA GLY F 183 0.62 -32.34 12.20
C GLY F 183 0.52 -31.34 11.08
N VAL F 184 -0.36 -30.35 11.22
CA VAL F 184 -0.54 -29.35 10.18
C VAL F 184 0.31 -28.14 10.51
N ASP F 185 1.13 -28.25 11.57
CA ASP F 185 1.88 -27.12 12.07
C ASP F 185 3.37 -27.41 12.20
N ASN F 186 3.85 -28.54 11.69
CA ASN F 186 5.27 -28.82 11.77
C ASN F 186 6.03 -28.12 10.64
N ALA F 187 7.35 -28.29 10.62
CA ALA F 187 8.16 -27.62 9.61
C ALA F 187 7.78 -28.06 8.20
N GLY F 188 7.39 -29.31 8.03
CA GLY F 188 7.04 -29.80 6.71
C GLY F 188 5.79 -29.15 6.16
N ALA F 189 4.75 -29.04 6.99
CA ALA F 189 3.53 -28.34 6.57
C ALA F 189 3.84 -26.89 6.22
N LYS F 190 4.51 -26.18 7.13
CA LYS F 190 4.86 -24.79 6.89
C LYS F 190 5.64 -24.63 5.59
N ALA F 191 6.62 -25.51 5.37
CA ALA F 191 7.39 -25.46 4.13
C ALA F 191 6.47 -25.58 2.92
N GLY F 192 5.57 -26.57 2.94
CA GLY F 192 4.71 -26.80 1.79
C GLY F 192 3.77 -25.64 1.52
N LEU F 193 3.11 -25.15 2.57
CA LEU F 193 2.15 -24.06 2.38
C LEU F 193 2.85 -22.77 1.98
N THR F 194 4.02 -22.51 2.58
CA THR F 194 4.76 -21.30 2.21
C THR F 194 5.13 -21.31 0.73
N PHE F 195 5.50 -22.47 0.20
CA PHE F 195 5.77 -22.55 -1.24
C PHE F 195 4.52 -22.19 -2.03
N LEU F 196 3.35 -22.68 -1.61
CA LEU F 196 2.11 -22.33 -2.27
C LEU F 196 1.83 -20.84 -2.17
N VAL F 197 1.95 -20.28 -0.96
CA VAL F 197 1.71 -18.85 -0.77
C VAL F 197 2.73 -18.03 -1.54
N ASP F 198 3.92 -18.57 -1.79
CA ASP F 198 4.90 -17.85 -2.58
C ASP F 198 4.54 -17.85 -4.06
N LEU F 199 4.03 -18.98 -4.56
CA LEU F 199 3.53 -19.01 -5.94
C LEU F 199 2.51 -17.91 -6.17
N ILE F 200 1.64 -17.67 -5.17
CA ILE F 200 0.62 -16.64 -5.29
C ILE F 200 1.24 -15.25 -5.17
N LYS F 201 2.12 -15.06 -4.18
CA LYS F 201 2.79 -13.76 -4.04
C LYS F 201 3.53 -13.38 -5.31
N ASN F 202 4.23 -14.33 -5.92
CA ASN F 202 4.97 -14.10 -7.16
C ASN F 202 4.09 -14.12 -8.39
N LYS F 203 2.77 -14.22 -8.19
CA LYS F 203 1.78 -14.14 -9.26
C LYS F 203 1.90 -15.29 -10.25
N HIS F 204 2.38 -16.45 -9.79
CA HIS F 204 2.32 -17.66 -10.59
C HIS F 204 0.98 -18.37 -10.44
N MET F 205 0.20 -18.01 -9.43
CA MET F 205 -1.13 -18.55 -9.22
C MET F 205 -1.97 -17.47 -8.56
N ASN F 206 -3.28 -17.67 -8.61
CA ASN F 206 -4.25 -16.69 -8.13
C ASN F 206 -5.03 -17.28 -6.95
N ALA F 207 -5.03 -16.56 -5.82
CA ALA F 207 -5.61 -17.11 -4.60
C ALA F 207 -7.09 -17.42 -4.75
N ASP F 208 -7.78 -16.78 -5.69
CA ASP F 208 -9.22 -16.96 -5.87
C ASP F 208 -9.56 -18.11 -6.81
N THR F 209 -8.57 -18.76 -7.42
CA THR F 209 -8.87 -19.86 -8.33
C THR F 209 -9.66 -20.95 -7.63
N ASP F 210 -10.76 -21.37 -8.25
CA ASP F 210 -11.57 -22.46 -7.73
C ASP F 210 -11.60 -23.59 -8.75
N TYR F 211 -12.40 -24.61 -8.44
CA TYR F 211 -12.48 -25.77 -9.32
C TYR F 211 -12.90 -25.37 -10.73
N SER F 212 -14.00 -24.61 -10.84
CA SER F 212 -14.52 -24.24 -12.15
C SER F 212 -13.51 -23.43 -12.96
N ILE F 213 -12.87 -22.44 -12.33
CA ILE F 213 -11.93 -21.59 -13.04
C ILE F 213 -10.74 -22.39 -13.56
N ALA F 214 -10.19 -23.27 -12.71
CA ALA F 214 -9.02 -24.04 -13.13
C ALA F 214 -9.39 -25.04 -14.22
N GLU F 215 -10.52 -25.72 -14.07
CA GLU F 215 -10.96 -26.65 -15.11
C GLU F 215 -11.10 -25.95 -16.45
N ALA F 216 -11.82 -24.82 -16.47
CA ALA F 216 -12.03 -24.09 -17.72
C ALA F 216 -10.72 -23.65 -18.33
N ALA F 217 -9.82 -23.09 -17.52
CA ALA F 217 -8.53 -22.66 -18.04
C ALA F 217 -7.77 -23.80 -18.68
N PHE F 218 -7.62 -24.92 -17.98
CA PHE F 218 -6.87 -26.03 -18.54
C PHE F 218 -7.56 -26.60 -19.77
N ASN F 219 -8.88 -26.75 -19.73
CA ASN F 219 -9.59 -27.38 -20.83
C ASN F 219 -9.62 -26.49 -22.07
N LYS F 220 -9.42 -25.18 -21.91
CA LYS F 220 -9.34 -24.27 -23.03
C LYS F 220 -7.88 -23.98 -23.44
N GLY F 221 -6.94 -24.75 -22.93
CA GLY F 221 -5.54 -24.61 -23.32
C GLY F 221 -4.86 -23.35 -22.86
N GLU F 222 -5.35 -22.72 -21.80
CA GLU F 222 -4.76 -21.48 -21.32
C GLU F 222 -3.71 -21.69 -20.24
N THR F 223 -3.73 -22.83 -19.58
CA THR F 223 -2.75 -23.19 -18.55
C THR F 223 -2.22 -24.58 -18.84
N ALA F 224 -0.93 -24.80 -18.56
CA ALA F 224 -0.26 -26.01 -19.01
C ALA F 224 -0.50 -27.19 -18.08
N MET F 225 -0.92 -26.94 -16.84
CA MET F 225 -1.05 -28.01 -15.86
C MET F 225 -2.23 -27.73 -14.95
N THR F 226 -2.81 -28.80 -14.43
CA THR F 226 -3.76 -28.72 -13.35
C THR F 226 -3.58 -29.95 -12.48
N ILE F 227 -4.23 -29.93 -11.32
CA ILE F 227 -4.21 -31.06 -10.38
C ILE F 227 -5.66 -31.46 -10.15
N ASN F 228 -5.97 -32.72 -10.41
CA ASN F 228 -7.37 -33.14 -10.34
C ASN F 228 -7.43 -34.66 -10.32
N GLY F 229 -8.66 -35.16 -10.15
CA GLY F 229 -8.90 -36.58 -10.02
C GLY F 229 -9.52 -37.18 -11.27
N PRO F 230 -9.73 -38.49 -11.26
CA PRO F 230 -10.20 -39.17 -12.48
C PRO F 230 -11.50 -38.60 -13.03
N TRP F 231 -12.39 -38.12 -12.15
CA TRP F 231 -13.68 -37.58 -12.60
C TRP F 231 -13.52 -36.45 -13.61
N ALA F 232 -12.37 -35.79 -13.64
CA ALA F 232 -12.18 -34.65 -14.52
C ALA F 232 -11.78 -35.04 -15.94
N TRP F 233 -11.42 -36.29 -16.19
CA TRP F 233 -10.83 -36.64 -17.48
C TRP F 233 -11.82 -36.48 -18.63
N SER F 234 -13.09 -36.84 -18.42
CA SER F 234 -14.00 -36.87 -19.56
C SER F 234 -14.29 -35.47 -20.10
N ASN F 235 -14.26 -34.45 -19.25
CA ASN F 235 -14.37 -33.08 -19.76
C ASN F 235 -13.14 -32.68 -20.57
N ILE F 236 -11.96 -33.21 -20.20
CA ILE F 236 -10.77 -32.93 -20.98
C ILE F 236 -10.81 -33.67 -22.32
N ASP F 237 -11.39 -34.86 -22.34
CA ASP F 237 -11.54 -35.61 -23.59
C ASP F 237 -12.31 -34.81 -24.62
N THR F 238 -13.45 -34.23 -24.22
CA THR F 238 -14.29 -33.49 -25.14
C THR F 238 -13.65 -32.19 -25.60
N SER F 239 -12.73 -31.64 -24.80
CA SER F 239 -11.97 -30.49 -25.27
C SER F 239 -10.95 -30.92 -26.32
N ALA F 240 -10.30 -29.94 -26.93
CA ALA F 240 -9.27 -30.20 -27.93
C ALA F 240 -7.90 -30.42 -27.31
N VAL F 241 -7.82 -30.53 -25.99
CA VAL F 241 -6.54 -30.56 -25.28
C VAL F 241 -5.99 -31.98 -25.31
N ASN F 242 -4.74 -32.11 -25.77
CA ASN F 242 -4.01 -33.37 -25.75
C ASN F 242 -3.28 -33.45 -24.42
N TYR F 243 -3.74 -34.32 -23.53
CA TYR F 243 -3.29 -34.30 -22.14
C TYR F 243 -2.67 -35.61 -21.70
N GLY F 244 -1.86 -35.51 -20.65
CA GLY F 244 -1.34 -36.67 -19.97
C GLY F 244 -1.63 -36.58 -18.48
N VAL F 245 -1.59 -37.74 -17.84
CA VAL F 245 -1.80 -37.88 -16.40
C VAL F 245 -0.58 -38.56 -15.81
N THR F 246 0.04 -37.95 -14.81
CA THR F 246 1.32 -38.43 -14.34
C THR F 246 1.50 -38.14 -12.85
N VAL F 247 2.65 -38.55 -12.33
CA VAL F 247 2.96 -38.41 -10.92
C VAL F 247 3.04 -36.94 -10.54
N LEU F 248 2.57 -36.62 -9.33
CA LEU F 248 2.64 -35.26 -8.84
C LEU F 248 4.10 -34.85 -8.66
N PRO F 249 4.41 -33.57 -8.83
CA PRO F 249 5.80 -33.14 -8.64
C PRO F 249 6.26 -33.37 -7.22
N THR F 250 7.57 -33.58 -7.06
CA THR F 250 8.18 -33.69 -5.75
C THR F 250 8.40 -32.31 -5.14
N PHE F 251 8.50 -32.30 -3.81
CA PHE F 251 8.80 -31.07 -3.07
C PHE F 251 9.91 -31.39 -2.07
N LYS F 252 10.97 -30.58 -2.10
CA LYS F 252 12.13 -30.79 -1.23
C LYS F 252 12.64 -32.23 -1.34
N GLY F 253 12.56 -32.79 -2.54
CA GLY F 253 13.03 -34.12 -2.81
C GLY F 253 12.05 -35.24 -2.52
N GLN F 254 10.95 -34.93 -1.81
CA GLN F 254 9.92 -35.83 -1.32
C GLN F 254 8.72 -35.87 -2.26
N PRO F 255 8.14 -37.04 -2.50
CA PRO F 255 6.94 -37.10 -3.33
C PRO F 255 5.78 -36.35 -2.69
N SER F 256 4.94 -35.74 -3.53
CA SER F 256 3.65 -35.25 -3.07
C SER F 256 2.81 -36.43 -2.64
N LYS F 257 2.06 -36.26 -1.55
CA LYS F 257 1.36 -37.37 -0.90
C LYS F 257 -0.12 -37.05 -0.78
N PRO F 258 -0.89 -37.31 -1.83
CA PRO F 258 -2.33 -37.01 -1.76
C PRO F 258 -3.02 -37.88 -0.73
N PHE F 259 -4.05 -37.32 -0.11
CA PHE F 259 -4.96 -38.11 0.71
C PHE F 259 -5.86 -38.92 -0.21
N VAL F 260 -5.89 -40.23 0.00
CA VAL F 260 -6.59 -41.15 -0.89
C VAL F 260 -7.99 -41.37 -0.36
N GLY F 261 -8.97 -41.18 -1.23
CA GLY F 261 -10.38 -41.30 -0.89
C GLY F 261 -10.99 -42.53 -1.55
N VAL F 262 -11.91 -43.17 -0.84
CA VAL F 262 -12.70 -44.26 -1.39
C VAL F 262 -14.13 -43.74 -1.51
N LEU F 263 -14.56 -43.47 -2.74
CA LEU F 263 -15.97 -43.14 -2.95
C LEU F 263 -16.81 -44.28 -2.41
N SER F 264 -17.76 -43.95 -1.54
CA SER F 264 -18.53 -44.97 -0.83
C SER F 264 -20.00 -44.56 -0.82
N ALA F 265 -20.87 -45.55 -0.60
CA ALA F 265 -22.31 -45.35 -0.62
C ALA F 265 -22.88 -45.87 0.70
N GLY F 266 -23.42 -44.97 1.51
CA GLY F 266 -24.04 -45.32 2.77
C GLY F 266 -25.55 -45.31 2.68
N ILE F 267 -26.19 -46.10 3.54
CA ILE F 267 -27.64 -46.22 3.60
C ILE F 267 -28.13 -45.48 4.83
N ASN F 268 -29.01 -44.51 4.62
CA ASN F 268 -29.59 -43.73 5.70
C ASN F 268 -30.25 -44.65 6.72
N ALA F 269 -29.87 -44.50 7.99
CA ALA F 269 -30.47 -45.30 9.06
C ALA F 269 -31.98 -45.08 9.12
N ALA F 270 -32.47 -43.93 8.67
CA ALA F 270 -33.89 -43.62 8.69
C ALA F 270 -34.60 -44.04 7.41
N SER F 271 -33.91 -44.68 6.47
CA SER F 271 -34.55 -45.04 5.22
C SER F 271 -35.57 -46.15 5.46
N PRO F 272 -36.80 -46.00 4.96
CA PRO F 272 -37.73 -47.13 4.91
C PRO F 272 -37.47 -48.11 3.79
N ASN F 273 -36.37 -47.93 3.04
CA ASN F 273 -36.07 -48.68 1.83
C ASN F 273 -34.73 -49.39 1.91
N LYS F 274 -34.36 -49.87 3.09
CA LYS F 274 -33.01 -50.41 3.27
C LYS F 274 -32.77 -51.63 2.41
N GLU F 275 -33.79 -52.49 2.24
CA GLU F 275 -33.62 -53.68 1.41
C GLU F 275 -33.43 -53.31 -0.06
N LEU F 276 -34.23 -52.36 -0.55
CA LEU F 276 -34.07 -51.91 -1.93
C LEU F 276 -32.71 -51.26 -2.15
N ALA F 277 -32.25 -50.45 -1.18
CA ALA F 277 -30.97 -49.78 -1.33
C ALA F 277 -29.83 -50.79 -1.38
N LYS F 278 -29.89 -51.82 -0.53
CA LYS F 278 -28.89 -52.88 -0.56
C LYS F 278 -28.87 -53.57 -1.91
N GLU F 279 -30.04 -53.93 -2.42
CA GLU F 279 -30.13 -54.61 -3.71
C GLU F 279 -29.61 -53.73 -4.83
N PHE F 280 -29.98 -52.45 -4.84
CA PHE F 280 -29.49 -51.55 -5.88
C PHE F 280 -27.96 -51.50 -5.88
N LEU F 281 -27.36 -51.31 -4.71
CA LEU F 281 -25.91 -51.15 -4.64
C LEU F 281 -25.18 -52.46 -4.96
N GLU F 282 -25.66 -53.58 -4.42
CA GLU F 282 -24.95 -54.85 -4.60
C GLU F 282 -25.21 -55.47 -5.97
N ASN F 283 -26.45 -55.42 -6.45
CA ASN F 283 -26.82 -56.18 -7.63
C ASN F 283 -26.89 -55.34 -8.90
N TYR F 284 -26.95 -54.03 -8.79
CA TYR F 284 -26.99 -53.18 -9.96
C TYR F 284 -25.76 -52.29 -10.09
N LEU F 285 -25.40 -51.54 -9.05
CA LEU F 285 -24.26 -50.63 -9.18
C LEU F 285 -22.94 -51.38 -9.20
N LEU F 286 -22.69 -52.18 -8.17
CA LEU F 286 -21.39 -52.85 -8.03
C LEU F 286 -21.34 -54.10 -8.91
N THR F 287 -21.56 -53.87 -10.20
CA THR F 287 -21.41 -54.87 -11.25
C THR F 287 -20.56 -54.28 -12.36
N ASP F 288 -20.04 -55.13 -13.24
CA ASP F 288 -19.24 -54.61 -14.35
C ASP F 288 -20.02 -53.58 -15.15
N GLU F 289 -21.28 -53.90 -15.48
CA GLU F 289 -22.08 -53.01 -16.32
C GLU F 289 -22.59 -51.78 -15.56
N GLY F 290 -22.81 -51.91 -14.25
CA GLY F 290 -23.23 -50.75 -13.48
C GLY F 290 -22.12 -49.74 -13.32
N LEU F 291 -20.93 -50.19 -12.91
CA LEU F 291 -19.80 -49.27 -12.80
C LEU F 291 -19.41 -48.72 -14.16
N GLU F 292 -19.49 -49.55 -15.21
CA GLU F 292 -19.22 -49.05 -16.55
C GLU F 292 -20.13 -47.89 -16.91
N ALA F 293 -21.42 -47.98 -16.55
CA ALA F 293 -22.35 -46.90 -16.87
C ALA F 293 -21.94 -45.60 -16.19
N VAL F 294 -21.58 -45.68 -14.90
CA VAL F 294 -21.12 -44.48 -14.20
C VAL F 294 -19.78 -44.03 -14.77
N ASN F 295 -18.87 -44.99 -15.02
CA ASN F 295 -17.52 -44.64 -15.47
C ASN F 295 -17.55 -43.94 -16.82
N LYS F 296 -18.47 -44.35 -17.71
CA LYS F 296 -18.54 -43.72 -19.02
C LYS F 296 -19.05 -42.29 -18.94
N ASP F 297 -19.73 -41.93 -17.86
CA ASP F 297 -20.15 -40.55 -17.65
C ASP F 297 -18.98 -39.71 -17.14
N LYS F 298 -18.54 -40.00 -15.91
CA LYS F 298 -17.32 -39.41 -15.37
C LYS F 298 -16.48 -40.53 -14.77
N PRO F 299 -15.21 -40.66 -15.14
CA PRO F 299 -14.40 -41.78 -14.65
C PRO F 299 -14.35 -41.85 -13.13
N LEU F 300 -14.44 -43.08 -12.61
CA LEU F 300 -14.47 -43.32 -11.19
C LEU F 300 -13.08 -43.42 -10.55
N GLY F 301 -12.05 -43.67 -11.35
CA GLY F 301 -10.76 -44.04 -10.80
C GLY F 301 -10.61 -45.56 -10.74
N ALA F 302 -9.91 -46.06 -9.72
CA ALA F 302 -9.68 -47.49 -9.55
C ALA F 302 -10.85 -48.07 -8.77
N VAL F 303 -11.74 -48.79 -9.46
CA VAL F 303 -12.97 -49.22 -8.82
C VAL F 303 -12.68 -50.33 -7.82
N ALA F 304 -13.56 -50.45 -6.82
CA ALA F 304 -13.37 -51.45 -5.77
C ALA F 304 -13.69 -52.86 -6.25
N LEU F 305 -14.48 -52.99 -7.33
CA LEU F 305 -14.90 -54.29 -7.85
C LEU F 305 -13.77 -54.90 -8.69
N LYS F 306 -13.27 -56.06 -8.26
CA LYS F 306 -12.07 -56.65 -8.87
C LYS F 306 -12.28 -56.92 -10.36
N SER F 307 -13.42 -57.51 -10.71
CA SER F 307 -13.61 -57.95 -12.10
C SER F 307 -13.53 -56.76 -13.06
N TYR F 308 -14.01 -55.59 -12.64
CA TYR F 308 -13.98 -54.43 -13.51
C TYR F 308 -12.64 -53.70 -13.43
N GLU F 309 -12.03 -53.66 -12.25
CA GLU F 309 -10.76 -52.95 -12.13
C GLU F 309 -9.66 -53.62 -12.97
N GLU F 310 -9.75 -54.94 -13.16
CA GLU F 310 -8.77 -55.60 -14.02
C GLU F 310 -8.81 -55.04 -15.44
N GLU F 311 -9.98 -54.57 -15.88
CA GLU F 311 -10.06 -53.90 -17.17
C GLU F 311 -9.57 -52.46 -17.07
N LEU F 312 -10.07 -51.71 -16.08
CA LEU F 312 -9.67 -50.31 -15.93
C LEU F 312 -8.18 -50.17 -15.68
N ALA F 313 -7.55 -51.16 -15.03
CA ALA F 313 -6.13 -51.06 -14.74
C ALA F 313 -5.27 -51.00 -16.00
N LYS F 314 -5.80 -51.40 -17.16
CA LYS F 314 -5.04 -51.32 -18.39
C LYS F 314 -4.87 -49.89 -18.89
N ASP F 315 -5.52 -48.94 -18.23
CA ASP F 315 -5.52 -47.54 -18.63
C ASP F 315 -4.32 -46.83 -18.01
N PRO F 316 -3.41 -46.26 -18.80
CA PRO F 316 -2.26 -45.56 -18.19
C PRO F 316 -2.67 -44.44 -17.25
N ARG F 317 -3.83 -43.83 -17.45
CA ARG F 317 -4.30 -42.79 -16.54
C ARG F 317 -4.66 -43.36 -15.18
N ILE F 318 -5.19 -44.59 -15.16
CA ILE F 318 -5.45 -45.25 -13.88
C ILE F 318 -4.13 -45.65 -13.23
N ALA F 319 -3.18 -46.14 -14.03
CA ALA F 319 -1.86 -46.47 -13.50
C ALA F 319 -1.23 -45.26 -12.82
N ALA F 320 -1.28 -44.10 -13.47
CA ALA F 320 -0.76 -42.88 -12.85
C ALA F 320 -1.52 -42.55 -11.57
N THR F 321 -2.85 -42.71 -11.59
CA THR F 321 -3.66 -42.47 -10.40
C THR F 321 -3.18 -43.31 -9.23
N MET F 322 -2.95 -44.60 -9.46
CA MET F 322 -2.56 -45.49 -8.38
C MET F 322 -1.09 -45.35 -8.02
N GLU F 323 -0.25 -44.87 -8.93
CA GLU F 323 1.11 -44.52 -8.57
C GLU F 323 1.12 -43.35 -7.59
N ASN F 324 0.28 -42.34 -7.82
CA ASN F 324 0.12 -41.27 -6.85
C ASN F 324 -0.50 -41.78 -5.56
N ALA F 325 -1.48 -42.68 -5.65
CA ALA F 325 -2.13 -43.21 -4.45
C ALA F 325 -1.13 -43.92 -3.55
N GLN F 326 -0.26 -44.75 -4.14
CA GLN F 326 0.71 -45.48 -3.33
C GLN F 326 1.61 -44.53 -2.55
N LYS F 327 1.93 -43.36 -3.11
CA LYS F 327 2.79 -42.40 -2.42
C LYS F 327 2.04 -41.62 -1.35
N GLY F 328 0.71 -41.64 -1.38
CA GLY F 328 -0.10 -40.98 -0.37
C GLY F 328 -0.56 -41.92 0.72
N GLU F 329 -1.67 -41.56 1.36
CA GLU F 329 -2.22 -42.33 2.46
C GLU F 329 -3.73 -42.38 2.36
N ILE F 330 -4.31 -43.52 2.74
CA ILE F 330 -5.76 -43.59 2.85
C ILE F 330 -6.21 -42.67 3.97
N MET F 331 -7.27 -41.91 3.71
CA MET F 331 -7.77 -40.99 4.72
C MET F 331 -8.32 -41.75 5.92
N PRO F 332 -8.17 -41.21 7.12
CA PRO F 332 -8.95 -41.74 8.25
C PRO F 332 -10.43 -41.48 8.02
N ASN F 333 -11.27 -42.30 8.67
CA ASN F 333 -12.71 -42.10 8.60
C ASN F 333 -13.29 -41.64 9.93
N ILE F 334 -12.45 -41.28 10.89
CA ILE F 334 -12.89 -40.91 12.24
C ILE F 334 -13.72 -39.63 12.21
N PRO F 335 -14.60 -39.42 13.18
CA PRO F 335 -15.48 -38.24 13.14
C PRO F 335 -14.72 -36.93 13.10
N GLN F 336 -13.51 -36.88 13.65
CA GLN F 336 -12.77 -35.62 13.71
C GLN F 336 -12.31 -35.14 12.33
N MET F 337 -12.49 -35.94 11.28
CA MET F 337 -11.97 -35.53 9.97
C MET F 337 -12.62 -34.25 9.48
N SER F 338 -13.91 -34.05 9.76
CA SER F 338 -14.57 -32.83 9.29
C SER F 338 -13.99 -31.60 9.95
N ALA F 339 -13.70 -31.68 11.25
CA ALA F 339 -13.02 -30.58 11.93
C ALA F 339 -11.64 -30.33 11.32
N PHE F 340 -10.91 -31.39 11.01
CA PHE F 340 -9.61 -31.25 10.37
C PHE F 340 -9.73 -30.51 9.04
N TRP F 341 -10.65 -30.95 8.18
CA TRP F 341 -10.77 -30.33 6.87
C TRP F 341 -11.19 -28.87 6.97
N TYR F 342 -12.12 -28.54 7.88
CA TYR F 342 -12.51 -27.14 8.06
C TYR F 342 -11.32 -26.29 8.48
N ALA F 343 -10.54 -26.79 9.45
CA ALA F 343 -9.41 -26.02 9.95
C ALA F 343 -8.36 -25.81 8.87
N VAL F 344 -8.13 -26.82 8.04
CA VAL F 344 -7.12 -26.68 6.98
C VAL F 344 -7.65 -25.82 5.85
N ARG F 345 -8.94 -25.95 5.50
CA ARG F 345 -9.50 -25.07 4.49
C ARG F 345 -9.28 -23.61 4.86
N THR F 346 -9.59 -23.25 6.11
CA THR F 346 -9.43 -21.86 6.55
C THR F 346 -7.98 -21.44 6.50
N ALA F 347 -7.05 -22.32 6.91
CA ALA F 347 -5.64 -21.94 6.93
C ALA F 347 -5.14 -21.65 5.53
N VAL F 348 -5.46 -22.52 4.57
CA VAL F 348 -4.99 -22.31 3.20
C VAL F 348 -5.57 -21.04 2.63
N ILE F 349 -6.90 -20.86 2.76
CA ILE F 349 -7.55 -19.68 2.21
C ILE F 349 -7.01 -18.42 2.88
N ASN F 350 -6.85 -18.45 4.20
CA ASN F 350 -6.39 -17.26 4.91
C ASN F 350 -4.95 -16.93 4.55
N ALA F 351 -4.08 -17.95 4.47
CA ALA F 351 -2.69 -17.69 4.11
C ALA F 351 -2.55 -17.30 2.64
N ALA F 352 -3.31 -17.96 1.76
CA ALA F 352 -3.22 -17.65 0.33
C ALA F 352 -3.70 -16.24 0.03
N SER F 353 -4.59 -15.71 0.86
CA SER F 353 -5.13 -14.37 0.65
C SER F 353 -4.31 -13.26 1.30
N GLY F 354 -3.29 -13.61 2.08
CA GLY F 354 -2.57 -12.63 2.88
C GLY F 354 -3.26 -12.26 4.18
N ARG F 355 -4.49 -12.73 4.39
CA ARG F 355 -5.20 -12.44 5.64
C ARG F 355 -4.36 -12.77 6.86
N GLN F 356 -3.78 -13.97 6.87
CA GLN F 356 -2.88 -14.40 7.93
C GLN F 356 -1.54 -14.81 7.31
N THR F 357 -0.51 -14.82 8.15
CA THR F 357 0.74 -15.45 7.77
C THR F 357 0.58 -16.96 7.77
N VAL F 358 1.46 -17.62 7.01
CA VAL F 358 1.47 -19.09 6.99
C VAL F 358 1.57 -19.64 8.41
N ASP F 359 2.45 -19.06 9.22
CA ASP F 359 2.69 -19.59 10.56
C ASP F 359 1.47 -19.43 11.45
N ALA F 360 0.83 -18.26 11.41
CA ALA F 360 -0.34 -18.03 12.26
C ALA F 360 -1.51 -18.89 11.82
N ALA F 361 -1.77 -18.97 10.51
CA ALA F 361 -2.91 -19.74 10.02
C ALA F 361 -2.79 -21.21 10.39
N LEU F 362 -1.57 -21.76 10.31
CA LEU F 362 -1.39 -23.18 10.61
C LEU F 362 -1.35 -23.45 12.11
N ALA F 363 -0.99 -22.45 12.91
CA ALA F 363 -1.11 -22.60 14.35
C ALA F 363 -2.58 -22.59 14.76
N ALA F 364 -3.38 -21.72 14.16
CA ALA F 364 -4.82 -21.76 14.38
C ALA F 364 -5.42 -23.07 13.92
N ALA F 365 -5.00 -23.54 12.74
CA ALA F 365 -5.54 -24.79 12.21
C ALA F 365 -5.11 -25.98 13.08
N GLN F 366 -3.88 -25.95 13.59
CA GLN F 366 -3.44 -27.01 14.49
C GLN F 366 -4.38 -27.13 15.69
N THR F 367 -4.75 -26.00 16.28
CA THR F 367 -5.63 -26.02 17.45
C THR F 367 -7.07 -26.34 17.05
N ASN F 368 -7.55 -25.76 15.95
CA ASN F 368 -8.93 -26.00 15.54
C ASN F 368 -9.17 -27.46 15.18
N ALA F 369 -8.16 -28.14 14.63
CA ALA F 369 -8.36 -29.53 14.22
C ALA F 369 -8.56 -30.46 15.40
N ALA F 370 -7.95 -30.16 16.53
CA ALA F 370 -8.06 -31.00 17.72
C ALA F 370 -9.25 -30.63 18.60
N ARG F 371 -10.00 -29.60 18.25
CA ARG F 371 -11.08 -29.10 19.09
C ARG F 371 -12.35 -29.92 18.87
N ARG F 372 -13.11 -30.11 19.95
CA ARG F 372 -14.37 -30.82 19.90
C ARG F 372 -15.50 -29.84 19.63
N LYS F 373 -16.22 -30.03 18.53
CA LYS F 373 -17.32 -29.14 18.21
C LYS F 373 -18.46 -29.35 19.19
N PRO F 374 -18.94 -28.29 19.85
CA PRO F 374 -19.96 -28.47 20.89
C PRO F 374 -21.32 -28.76 20.28
N SER F 375 -22.08 -29.62 20.96
CA SER F 375 -23.44 -29.91 20.53
C SER F 375 -24.27 -28.63 20.47
N TRP F 376 -25.22 -28.60 19.53
CA TRP F 376 -26.21 -27.54 19.54
C TRP F 376 -26.83 -27.40 20.93
N ARG F 377 -26.92 -28.51 21.68
CA ARG F 377 -27.53 -28.49 22.99
C ARG F 377 -26.71 -27.68 23.99
N GLU F 378 -25.39 -27.85 23.99
CA GLU F 378 -24.54 -27.10 24.93
C GLU F 378 -24.22 -25.70 24.43
N ARG F 379 -24.18 -25.48 23.11
CA ARG F 379 -24.14 -24.13 22.60
C ARG F 379 -25.27 -23.28 23.17
N GLU F 380 -26.39 -23.92 23.50
CA GLU F 380 -27.62 -23.24 23.90
C GLU F 380 -27.69 -23.02 25.41
N ASN F 381 -27.27 -24.02 26.20
CA ASN F 381 -27.12 -23.83 27.63
C ASN F 381 -26.16 -22.69 27.96
N ASN F 382 -25.26 -22.36 27.03
CA ASN F 382 -24.42 -21.18 27.18
C ASN F 382 -25.11 -19.91 26.67
N ARG F 383 -25.96 -20.01 25.65
CA ARG F 383 -26.79 -18.88 25.24
C ARG F 383 -27.72 -18.47 26.37
N ARG F 384 -28.40 -19.45 26.97
CA ARG F 384 -29.29 -19.15 28.08
C ARG F 384 -28.52 -18.75 29.32
N ARG F 385 -27.35 -19.36 29.56
CA ARG F 385 -26.60 -19.10 30.78
C ARG F 385 -26.29 -17.61 30.95
N GLU F 386 -25.69 -17.01 29.93
CA GLU F 386 -25.31 -15.60 30.01
C GLU F 386 -26.49 -14.65 29.82
N ARG F 387 -27.55 -15.09 29.13
CA ARG F 387 -28.79 -14.33 29.14
C ARG F 387 -29.34 -14.21 30.55
N ARG F 388 -29.18 -15.26 31.36
CA ARG F 388 -29.67 -15.23 32.74
C ARG F 388 -28.79 -14.35 33.62
N ARG F 389 -27.47 -14.48 33.50
CA ARG F 389 -26.57 -13.65 34.29
C ARG F 389 -26.79 -12.17 34.02
N ARG F 390 -26.94 -11.80 32.74
CA ARG F 390 -27.28 -10.42 32.42
C ARG F 390 -28.59 -10.01 33.08
N ALA F 391 -29.62 -10.86 32.94
CA ALA F 391 -30.91 -10.57 33.57
C ALA F 391 -30.77 -10.44 35.07
N VAL F 392 -30.15 -11.42 35.72
CA VAL F 392 -29.92 -11.31 37.16
C VAL F 392 -29.18 -10.02 37.48
N ALA F 393 -28.12 -9.72 36.73
CA ALA F 393 -27.41 -8.46 36.94
C ALA F 393 -28.34 -7.27 36.74
N ALA F 394 -29.13 -7.28 35.67
CA ALA F 394 -30.05 -6.17 35.41
C ALA F 394 -31.17 -6.09 36.42
N LYS F 395 -31.49 -7.20 37.10
CA LYS F 395 -32.56 -7.18 38.10
C LYS F 395 -32.11 -6.54 39.40
N ILE F 396 -30.82 -6.64 39.73
CA ILE F 396 -30.30 -5.90 40.88
C ILE F 396 -30.26 -4.41 40.56
N TYR F 397 -29.93 -4.06 39.32
CA TYR F 397 -29.89 -2.66 38.93
C TYR F 397 -31.28 -2.09 38.77
N THR F 398 -32.25 -2.91 38.37
CA THR F 398 -33.64 -2.44 38.32
C THR F 398 -34.20 -2.21 39.72
N GLY F 399 -33.76 -3.00 40.70
CA GLY F 399 -34.34 -2.92 42.03
C GLY F 399 -33.83 -1.78 42.88
N LEU F 400 -32.61 -1.31 42.64
CA LEU F 400 -32.09 -0.17 43.36
C LEU F 400 -32.29 1.15 42.62
N ARG F 401 -32.55 1.11 41.31
CA ARG F 401 -32.97 2.31 40.61
C ARG F 401 -34.32 2.80 41.13
N ALA F 402 -35.24 1.87 41.41
CA ALA F 402 -36.57 2.25 41.87
C ALA F 402 -36.59 2.60 43.35
N GLN F 403 -35.95 1.79 44.19
CA GLN F 403 -35.93 1.99 45.63
C GLN F 403 -34.64 2.65 46.11
N GLY F 404 -33.94 3.37 45.24
CA GLY F 404 -32.64 3.91 45.58
C GLY F 404 -32.63 5.25 46.25
N ASP F 405 -33.25 6.25 45.63
CA ASP F 405 -33.19 7.64 46.09
C ASP F 405 -31.74 8.12 46.16
N TYR F 406 -31.05 8.01 45.02
CA TYR F 406 -29.60 8.02 44.97
C TYR F 406 -29.00 9.33 44.46
N ASN F 407 -29.81 10.36 44.23
CA ASN F 407 -29.30 11.64 43.73
C ASN F 407 -28.55 11.44 42.41
N LEU F 408 -29.28 10.99 41.41
CA LEU F 408 -28.73 10.68 40.10
C LEU F 408 -29.69 11.17 39.02
N PRO F 409 -29.19 11.41 37.82
CA PRO F 409 -30.08 11.81 36.71
C PRO F 409 -30.90 10.64 36.19
N LYS F 410 -31.94 10.91 35.44
CA LYS F 410 -32.74 9.82 34.91
C LYS F 410 -31.97 9.03 33.88
N HIS F 411 -32.24 7.73 33.82
CA HIS F 411 -31.71 6.81 32.81
C HIS F 411 -30.19 6.89 32.77
N CYS F 412 -29.59 7.02 33.94
CA CYS F 412 -28.15 7.23 34.05
C CYS F 412 -27.41 5.91 33.84
N ASP F 413 -26.09 6.03 33.74
CA ASP F 413 -25.22 4.89 33.49
C ASP F 413 -25.43 3.80 34.54
N ASN F 414 -25.19 2.55 34.14
CA ASN F 414 -25.13 1.46 35.12
C ASN F 414 -23.89 1.58 35.99
N ASN F 415 -22.78 2.08 35.44
CA ASN F 415 -21.60 2.33 36.25
C ASN F 415 -21.88 3.39 37.31
N GLU F 416 -22.66 4.41 36.96
CA GLU F 416 -22.93 5.49 37.90
C GLU F 416 -23.85 5.04 39.03
N VAL F 417 -24.73 4.08 38.77
CA VAL F 417 -25.55 3.54 39.85
C VAL F 417 -24.71 2.62 40.74
N LEU F 418 -23.75 1.91 40.16
CA LEU F 418 -22.85 1.08 40.96
C LEU F 418 -22.02 1.94 41.90
N LYS F 419 -21.56 3.11 41.41
CA LYS F 419 -20.80 4.01 42.28
C LYS F 419 -21.66 4.54 43.42
N ALA F 420 -22.94 4.83 43.13
CA ALA F 420 -23.82 5.35 44.17
C ALA F 420 -24.05 4.33 45.27
N LEU F 421 -24.22 3.06 44.90
CA LEU F 421 -24.32 2.00 45.90
C LEU F 421 -23.04 1.90 46.72
N CYS F 422 -21.89 1.98 46.05
CA CYS F 422 -20.62 1.89 46.75
C CYS F 422 -20.49 2.97 47.82
N VAL F 423 -20.83 4.22 47.46
CA VAL F 423 -20.72 5.31 48.43
C VAL F 423 -21.66 5.07 49.60
N GLU F 424 -22.86 4.55 49.33
CA GLU F 424 -23.78 4.25 50.42
C GLU F 424 -23.16 3.25 51.41
N ALA F 425 -22.25 2.41 50.94
CA ALA F 425 -21.63 1.37 51.76
C ALA F 425 -20.29 1.82 52.36
N GLY F 426 -20.07 3.13 52.46
CA GLY F 426 -18.83 3.64 53.01
C GLY F 426 -17.63 3.57 52.09
N TRP F 427 -17.85 3.32 50.79
CA TRP F 427 -16.78 3.22 49.80
C TRP F 427 -16.62 4.54 49.05
N VAL F 428 -15.50 4.63 48.33
CA VAL F 428 -15.22 5.76 47.45
C VAL F 428 -14.75 5.21 46.11
N VAL F 429 -15.17 5.84 45.03
CA VAL F 429 -14.79 5.44 43.68
C VAL F 429 -14.63 6.69 42.83
N GLU F 430 -13.46 6.84 42.21
CA GLU F 430 -13.18 7.97 41.34
C GLU F 430 -13.38 7.57 39.87
N GLU F 431 -13.40 8.59 39.02
CA GLU F 431 -13.68 8.41 37.59
C GLU F 431 -12.94 7.21 37.02
N ASP F 432 -11.66 7.05 37.39
CA ASP F 432 -10.88 5.92 36.87
C ASP F 432 -11.57 4.60 37.16
N GLY F 433 -12.21 4.47 38.32
CA GLY F 433 -12.79 3.23 38.78
C GLY F 433 -12.15 2.67 40.04
N THR F 434 -10.99 3.18 40.44
CA THR F 434 -10.35 2.72 41.67
C THR F 434 -11.28 2.97 42.86
N THR F 435 -11.38 1.97 43.74
CA THR F 435 -12.33 1.99 44.84
C THR F 435 -11.65 1.56 46.13
N TYR F 436 -11.76 2.41 47.15
CA TYR F 436 -11.22 2.16 48.48
C TYR F 436 -12.23 2.67 49.49
N ARG F 437 -11.86 2.63 50.77
CA ARG F 437 -12.76 3.12 51.82
C ARG F 437 -12.07 4.13 52.72
C1 GLC I . -22.53 -8.44 -12.85
C2 GLC I . -22.89 -6.97 -13.16
C3 GLC I . -22.92 -6.11 -11.90
C4 GLC I . -23.73 -6.81 -10.81
C5 GLC I . -23.21 -8.22 -10.57
C6 GLC I . -24.03 -8.90 -9.50
O1 GLC I . -21.16 -8.52 -12.54
O2 GLC I . -21.94 -6.44 -14.05
O3 GLC I . -23.52 -4.86 -12.22
O4 GLC I . -23.63 -6.08 -9.61
O5 GLC I . -23.29 -8.96 -11.78
O6 GLC I . -23.40 -10.11 -9.08
C1 GLC I . -24.73 -5.26 -9.30
C2 GLC I . -24.22 -3.90 -8.85
C3 GLC I . -23.39 -4.06 -7.58
C4 GLC I . -24.24 -4.76 -6.53
C5 GLC I . -24.80 -6.07 -7.06
C6 GLC I . -25.76 -6.68 -6.04
O2 GLC I . -23.43 -3.34 -9.88
O3 GLC I . -22.99 -2.81 -7.09
O4 GLC I . -23.46 -4.99 -5.38
O5 GLC I . -25.50 -5.86 -8.28
O6 GLC I . -26.18 -7.95 -6.50
C1 GLC J . -13.71 -34.75 -4.92
C2 GLC J . -13.43 -35.99 -4.06
C3 GLC J . -13.62 -35.73 -2.56
C4 GLC J . -12.96 -34.42 -2.15
C5 GLC J . -13.46 -33.28 -3.03
C6 GLC J . -12.74 -31.99 -2.64
O1 GLC J . -15.10 -34.63 -5.10
O2 GLC J . -14.30 -37.03 -4.47
O3 GLC J . -13.02 -36.79 -1.83
O4 GLC J . -13.26 -34.12 -0.81
O5 GLC J . -13.17 -33.55 -4.39
O6 GLC J . -13.36 -30.89 -3.26
C1 GLC J . -12.22 -34.35 0.12
C2 GLC J . -12.80 -35.09 1.33
C3 GLC J . -13.81 -34.17 2.01
C4 GLC J . -13.09 -32.89 2.42
C5 GLC J . -12.47 -32.23 1.19
C6 GLC J . -11.67 -31.00 1.60
O2 GLC J . -13.40 -36.28 0.90
O3 GLC J . -14.38 -34.81 3.13
O4 GLC J . -13.99 -32.00 3.04
O5 GLC J . -11.62 -33.14 0.53
O6 GLC J . -11.17 -30.33 0.47
C1 GLC K . 24.89 10.89 13.76
C2 GLC K . 26.18 10.07 13.81
C3 GLC K . 26.57 9.53 12.44
C4 GLC K . 25.37 8.88 11.76
C5 GLC K . 24.20 9.85 11.74
C6 GLC K . 22.98 9.21 11.08
O1 GLC K . 25.14 12.13 13.14
O2 GLC K . 27.23 10.86 14.30
O3 GLC K . 27.59 8.57 12.61
O4 GLC K . 25.72 8.52 10.43
O5 GLC K . 23.86 10.21 13.06
O6 GLC K . 22.01 10.19 10.83
C1 GLC K . 26.05 7.17 10.19
C2 GLC K . 27.32 7.11 9.34
C3 GLC K . 27.06 7.77 7.99
C4 GLC K . 25.88 7.07 7.33
C5 GLC K . 24.67 7.07 8.26
C6 GLC K . 23.54 6.23 7.66
O2 GLC K . 28.36 7.78 10.02
O3 GLC K . 28.22 7.70 7.20
O4 GLC K . 25.54 7.72 6.13
O5 GLC K . 25.00 6.51 9.52
O6 GLC K . 22.33 6.50 8.35
C1 GLC L . 11.17 32.75 4.41
C2 GLC L . 9.92 33.35 3.78
C3 GLC L . 9.71 32.83 2.36
C4 GLC L . 10.99 33.01 1.55
C5 GLC L . 12.13 32.33 2.27
C6 GLC L . 13.42 32.52 1.47
O1 GLC L . 10.95 31.39 4.74
O2 GLC L . 8.79 33.05 4.58
O3 GLC L . 8.66 33.54 1.75
O4 GLC L . 10.87 32.45 0.26
O5 GLC L . 12.29 32.87 3.56
O6 GLC L . 14.38 31.57 1.89
C1 GLC L . 10.62 33.32 -0.82
C2 GLC L . 9.46 32.76 -1.65
C3 GLC L . 9.86 31.42 -2.25
C4 GLC L . 11.17 31.55 -3.02
C5 GLC L . 12.24 32.22 -2.17
C6 GLC L . 13.49 32.50 -3.01
O2 GLC L . 8.35 32.59 -0.79
O3 GLC L . 8.83 30.96 -3.12
O4 GLC L . 11.62 30.27 -3.40
O5 GLC L . 11.78 33.43 -1.63
O6 GLC L . 14.59 32.78 -2.18
C1 EDO M . 38.80 0.04 9.57
O1 EDO M . 37.86 -0.42 8.61
C2 EDO M . 38.06 0.68 10.75
O2 EDO M . 37.15 -0.28 11.32
H11 EDO M . 39.41 -0.79 9.93
H12 EDO M . 39.47 0.77 9.12
HO1 EDO M . 38.19 -0.27 7.72
H21 EDO M . 38.77 1.01 11.50
H22 EDO M . 37.50 1.56 10.40
HO2 EDO M . 36.44 0.20 11.78
C1 EDO N . 29.06 26.85 2.93
O1 EDO N . 30.37 26.48 2.49
C2 EDO N . 28.51 25.86 3.96
O2 EDO N . 28.85 26.32 5.27
H11 EDO N . 29.08 27.85 3.37
H12 EDO N . 28.38 26.88 2.07
HO1 EDO N . 30.79 27.25 2.07
H21 EDO N . 27.43 25.76 3.86
H22 EDO N . 28.96 24.87 3.79
HO2 EDO N . 28.03 26.49 5.77
C1 EDO O . 24.38 12.21 -40.84
O1 EDO O . 22.96 12.37 -40.99
C2 EDO O . 24.85 13.17 -39.75
O2 EDO O . 24.52 12.60 -38.48
H11 EDO O . 24.89 12.42 -41.78
H12 EDO O . 24.62 11.18 -40.55
HO1 EDO O . 22.51 11.60 -40.60
H21 EDO O . 24.34 14.14 -39.87
H22 EDO O . 25.92 13.34 -39.84
HO2 EDO O . 23.61 12.82 -38.25
C1 EDO P . 20.40 -3.57 -33.02
O1 EDO P . 19.72 -2.42 -33.52
C2 EDO P . 19.40 -4.69 -32.73
O2 EDO P . 19.21 -5.46 -33.93
H11 EDO P . 21.13 -3.91 -33.75
H12 EDO P . 20.94 -3.32 -32.11
HO1 EDO P . 20.16 -2.09 -34.31
H21 EDO P . 19.79 -5.33 -31.93
H22 EDO P . 18.46 -4.26 -32.40
HO2 EDO P . 18.67 -6.24 -33.72
C1 EDO Q . -27.18 8.88 -11.47
O1 EDO Q . -27.76 8.49 -10.22
C2 EDO Q . -26.94 7.65 -12.33
O2 EDO Q . -28.18 7.11 -12.81
H11 EDO Q . -27.86 9.56 -11.99
H12 EDO Q . -26.25 9.40 -11.30
HO1 EDO Q . -27.34 8.98 -9.51
H21 EDO Q . -26.30 7.90 -13.17
H22 EDO Q . -26.42 6.88 -11.73
HO2 EDO Q . -28.05 6.22 -13.15
C1 EDO R . -20.15 -23.89 -19.43
O1 EDO R . -20.09 -23.28 -18.13
C2 EDO R . -19.28 -23.11 -20.39
O2 EDO R . -19.08 -23.89 -21.58
H11 EDO R . -21.19 -23.91 -19.78
H12 EDO R . -19.81 -24.93 -19.37
HO1 EDO R . -19.64 -23.89 -17.51
H21 EDO R . -18.32 -22.89 -19.92
H22 EDO R . -19.75 -22.16 -20.64
HO2 EDO R . -18.14 -24.03 -21.71
C1 EDO S . -9.92 -45.93 9.01
O1 EDO S . -9.69 -44.63 9.58
C2 EDO S . -10.06 -45.82 7.50
O2 EDO S . -8.84 -45.37 6.91
H11 EDO S . -9.07 -46.58 9.26
H12 EDO S . -10.81 -46.38 9.44
HO1 EDO S . -10.22 -44.52 10.37
H21 EDO S . -10.33 -46.80 7.08
H22 EDO S . -10.88 -45.13 7.25
HO2 EDO S . -9.04 -44.96 6.05
#